data_1SL0
#
_entry.id   1SL0
#
_cell.length_a   54.266
_cell.length_b   105.466
_cell.length_c   213.931
_cell.angle_alpha   90.00
_cell.angle_beta   91.57
_cell.angle_gamma   90.00
#
_symmetry.space_group_name_H-M   'P 1 21 1'
#
loop_
_entity.id
_entity.type
_entity.pdbx_description
1 polymer "5'-D(*CP*GP*AP*AP*AP*AP*CP*GP*AP*CP*GP*GP*CP*CP*AP*GP*TP*GP*CP*CP*(2DT))-3'"
2 polymer "5'-D(*CP*CP*CP*(TTD)P*AP*GP*GP*CP*AP*CP*TP*GP*GP*CP*CP*GP*TP*CP*GP*TP*TP*TP*TP*CP*G)-3'"
3 polymer 'DNA polymerase'
4 polymer 'Thioredoxin 1'
5 non-polymer 'MAGNESIUM ION'
6 non-polymer "2',3'-DIDEOXYADENOSINE-5'-TRIPHOSPHATE"
#
loop_
_entity_poly.entity_id
_entity_poly.type
_entity_poly.pdbx_seq_one_letter_code
_entity_poly.pdbx_strand_id
1 'polydeoxyribonucleotide'
;(DC)(DG)(DA)(DA)(DA)(DA)(DC)(DG)(DA)(DC)(DG)(DG)(DC)(DC)(DA)(DG)(DT)(DG)(DC)(DC)
(2DT)
;
P,Q
2 'polydeoxyribonucleotide'
;(DC)(DC)(DC)(TTD)(DA)(DG)(DG)(DC)(DA)(DC)(DT)(DG)(DG)(DC)(DC)(DG)(DT)(DC)(DG)
(DT)(DT)(DT)(DT)(DC)(DG)
;
T,U
3 'polypeptide(L)'
;MIVSDIEANALLESVTKFHCGVIYDYSTAEYVSYRPSDFGAYLDALEAEVARGGLIVFHNGHKYDVPALTKLAKLQLNRE
FHLPRENCIDTLVLSRLIHSNLKDTDMGLLRSGKLPGALEAWGYRLGEMKGEYKDDFKRMLEEQGEEYVDGMEWWNFNEE
MMDYNVQDVVVTKALLEKLLSDKHYFPPEIDFTDVGYTTFWSESLEAVDIEHRAAWLLAKQERNGFPFDTKAIEELYVEL
AARRSELLRKLTETFGSWYQPKGGTEMFCHPRTGKPLPKYPRIKTPKVGGIFKKPKNKAQREGREPCELDTREYVAGAPY
TPVEHVVFNPSSRDHIQKKLQEAGWVPTKYTDKGAPVVDDEVLEGVRVDDPEKQAAIDLIKEYLMIQKRIGQSAEGDKAW
LRYVAEDGKIHGSVNPNGAVTGRATHAFPNLAQIPGVRSPYGEQCRAAFGAEHHLDGITGKPWVQAGIDASGLELRCLAH
FMARFDNGEYAHEILNGDIHTKNQIAAELPTRDNAKTFIYGFLYGAGDEKIGQIVGAGKERGKELKKKFLENTPAIAALR
ESIQQTLVESSQWVAGEQQVKWKRRWIKGLDGRKVHVRSPHAALNTLLQSAGALICKLWIIKTEEMLVEKGLKHGWDGDF
AYMAWVHDEIQVGCRTEEIAQVVIETAQEAMRWVGDHWNFRCLLDTEGKMGPNWAICH
;
A,C
4 'polypeptide(L)'
;SDKIIHLTDDSFDTDVLKADGAILVDFWAEWCGPCKMIAPILDEIADEYQGKLTVAKLNIDQNPGTAPKYGIRGIPTLLL
FKNGEVAATKVGALSKGQLKEFLDANLA
;
B,D
#
# COMPACT_ATOMS: atom_id res chain seq x y z
N MET E 1 21.05 -15.49 -3.70
CA MET E 1 21.45 -14.84 -2.42
C MET E 1 22.62 -15.59 -1.77
N ILE E 2 23.37 -14.90 -0.92
CA ILE E 2 24.50 -15.50 -0.20
C ILE E 2 24.65 -14.78 1.11
N VAL E 3 25.29 -15.44 2.08
CA VAL E 3 25.47 -14.84 3.39
C VAL E 3 26.91 -14.90 3.87
N SER E 4 27.68 -13.86 3.56
CA SER E 4 29.08 -13.86 3.94
C SER E 4 29.46 -13.00 5.15
N ASP E 5 30.71 -13.13 5.58
CA ASP E 5 31.28 -12.39 6.71
C ASP E 5 32.81 -12.48 6.58
N ILE E 6 33.54 -11.49 7.07
CA ILE E 6 34.99 -11.53 6.95
C ILE E 6 35.64 -11.15 8.25
N GLU E 7 36.85 -11.64 8.47
CA GLU E 7 37.64 -11.35 9.67
C GLU E 7 38.88 -10.57 9.21
N ALA E 8 39.03 -9.34 9.68
CA ALA E 8 40.19 -8.53 9.28
C ALA E 8 41.12 -8.40 10.47
N ASN E 9 42.21 -7.65 10.28
CA ASN E 9 43.20 -7.47 11.33
C ASN E 9 42.93 -6.26 12.20
N ALA E 10 41.92 -5.48 11.85
CA ALA E 10 41.57 -4.30 12.64
C ALA E 10 40.26 -3.62 12.25
N LEU E 11 39.86 -2.65 13.06
CA LEU E 11 38.64 -1.93 12.78
C LEU E 11 38.81 -1.25 11.44
N LEU E 12 37.73 -0.83 10.84
CA LEU E 12 37.82 -0.20 9.53
C LEU E 12 38.87 0.88 9.47
N GLU E 13 38.76 1.84 10.39
CA GLU E 13 39.63 2.98 10.44
C GLU E 13 41.12 2.67 10.47
N SER E 14 41.48 1.39 10.65
CA SER E 14 42.88 0.98 10.72
C SER E 14 43.11 -0.37 10.12
N VAL E 15 42.10 -0.95 9.49
CA VAL E 15 42.24 -2.29 8.91
C VAL E 15 43.19 -2.30 7.71
N THR E 16 43.96 -3.37 7.57
CA THR E 16 44.92 -3.42 6.47
C THR E 16 45.21 -4.85 6.01
N LYS E 17 44.57 -5.84 6.61
CA LYS E 17 44.81 -7.23 6.22
C LYS E 17 43.59 -8.12 6.37
N PHE E 18 43.19 -8.69 5.25
CA PHE E 18 42.08 -9.62 5.18
C PHE E 18 42.59 -10.89 5.80
N HIS E 19 41.81 -11.52 6.67
CA HIS E 19 42.28 -12.75 7.29
C HIS E 19 41.60 -13.99 6.73
N CYS E 20 40.32 -13.85 6.40
CA CYS E 20 39.52 -14.96 5.87
C CYS E 20 38.08 -14.56 5.65
N GLY E 21 37.39 -15.33 4.82
CA GLY E 21 36.00 -15.04 4.52
C GLY E 21 35.20 -16.30 4.27
N VAL E 22 34.11 -16.45 5.01
CA VAL E 22 33.24 -17.61 4.85
C VAL E 22 32.05 -17.18 4.01
N ILE E 23 31.36 -18.13 3.42
CA ILE E 23 30.20 -17.83 2.62
C ILE E 23 29.25 -19.00 2.57
N TYR E 24 27.96 -18.70 2.56
CA TYR E 24 26.95 -19.74 2.44
C TYR E 24 26.03 -19.39 1.28
N ASP E 25 26.31 -19.94 0.10
CA ASP E 25 25.47 -19.64 -1.06
C ASP E 25 24.15 -20.38 -0.89
N TYR E 26 23.05 -19.68 -1.05
CA TYR E 26 21.75 -20.32 -0.88
C TYR E 26 21.41 -21.28 -1.99
N SER E 27 21.90 -21.04 -3.20
CA SER E 27 21.57 -21.92 -4.29
C SER E 27 22.43 -23.19 -4.29
N THR E 28 23.39 -23.27 -3.38
CA THR E 28 24.29 -24.42 -3.28
C THR E 28 24.23 -25.15 -1.92
N ALA E 29 23.74 -24.45 -0.91
CA ALA E 29 23.64 -24.99 0.44
C ALA E 29 25.00 -25.37 0.98
N GLU E 30 26.03 -24.62 0.59
CA GLU E 30 27.39 -24.90 1.05
C GLU E 30 28.08 -23.71 1.73
N TYR E 31 29.14 -24.01 2.49
CA TYR E 31 29.92 -23.01 3.19
C TYR E 31 31.36 -23.07 2.69
N VAL E 32 31.65 -22.31 1.64
CA VAL E 32 32.99 -22.27 1.05
C VAL E 32 33.91 -21.37 1.85
N SER E 33 34.90 -21.92 2.54
CA SER E 33 35.80 -21.05 3.32
C SER E 33 36.97 -20.49 2.49
N TYR E 34 37.16 -19.19 2.56
CA TYR E 34 38.26 -18.56 1.86
C TYR E 34 39.31 -18.20 2.89
N ARG E 35 40.57 -18.49 2.59
CA ARG E 35 41.64 -18.17 3.53
C ARG E 35 42.43 -17.00 2.97
N PRO E 36 43.34 -16.43 3.78
CA PRO E 36 44.16 -15.28 3.39
C PRO E 36 44.64 -15.28 1.94
N SER E 37 44.93 -16.46 1.42
CA SER E 37 45.41 -16.58 0.04
C SER E 37 44.23 -16.53 -0.92
N ASP E 38 43.08 -16.96 -0.41
CA ASP E 38 41.86 -17.02 -1.18
C ASP E 38 41.12 -15.68 -1.28
N PHE E 39 41.62 -14.68 -0.57
CA PHE E 39 40.99 -13.37 -0.58
C PHE E 39 40.54 -12.98 -1.97
N GLY E 40 41.47 -12.92 -2.90
CA GLY E 40 41.11 -12.56 -4.25
C GLY E 40 39.92 -13.35 -4.76
N ALA E 41 39.88 -14.64 -4.41
CA ALA E 41 38.81 -15.54 -4.80
C ALA E 41 37.53 -15.14 -4.09
N TYR E 42 37.66 -14.83 -2.79
CA TYR E 42 36.53 -14.40 -1.99
C TYR E 42 35.90 -13.24 -2.71
N LEU E 43 36.71 -12.26 -3.08
CA LEU E 43 36.19 -11.11 -3.80
C LEU E 43 35.50 -11.55 -5.07
N ASP E 44 36.09 -12.53 -5.75
CA ASP E 44 35.52 -13.05 -7.00
C ASP E 44 34.13 -13.65 -6.80
N ALA E 45 33.99 -14.44 -5.74
CA ALA E 45 32.73 -15.10 -5.37
C ALA E 45 31.57 -14.11 -5.22
N LEU E 46 31.79 -13.09 -4.41
CA LEU E 46 30.79 -12.04 -4.17
C LEU E 46 30.52 -11.28 -5.44
N GLU E 47 31.59 -10.92 -6.13
CA GLU E 47 31.47 -10.17 -7.36
C GLU E 47 30.65 -11.01 -8.33
N ALA E 48 30.56 -12.30 -8.06
CA ALA E 48 29.80 -13.22 -8.92
C ALA E 48 28.28 -13.06 -8.74
N GLU E 49 27.83 -12.98 -7.48
CA GLU E 49 26.42 -12.80 -7.16
C GLU E 49 25.92 -11.55 -7.85
N VAL E 50 26.71 -10.48 -7.78
CA VAL E 50 26.36 -9.21 -8.36
C VAL E 50 26.12 -9.38 -9.85
N ALA E 51 26.84 -10.31 -10.46
CA ALA E 51 26.68 -10.57 -11.89
C ALA E 51 25.31 -11.22 -12.11
N ARG E 52 24.94 -12.12 -11.21
CA ARG E 52 23.66 -12.82 -11.30
C ARG E 52 22.57 -11.81 -11.02
N GLY E 53 22.93 -10.74 -10.34
CA GLY E 53 21.92 -9.75 -9.96
C GLY E 53 21.31 -10.37 -8.73
N GLY E 54 22.17 -10.94 -7.89
CA GLY E 54 21.73 -11.57 -6.66
C GLY E 54 21.77 -10.65 -5.45
N LEU E 55 21.78 -11.25 -4.27
CA LEU E 55 21.80 -10.48 -3.05
C LEU E 55 22.86 -11.01 -2.10
N ILE E 56 23.66 -10.11 -1.53
CA ILE E 56 24.70 -10.50 -0.57
C ILE E 56 24.30 -10.02 0.82
N VAL E 57 24.25 -10.94 1.79
CA VAL E 57 23.85 -10.59 3.14
C VAL E 57 25.04 -10.58 4.06
N PHE E 58 25.16 -9.52 4.86
CA PHE E 58 26.27 -9.32 5.82
C PHE E 58 25.62 -8.86 7.12
N HIS E 59 26.32 -9.01 8.25
CA HIS E 59 25.75 -8.52 9.50
C HIS E 59 26.54 -7.26 9.82
N ASN E 60 25.93 -6.10 9.61
CA ASN E 60 26.58 -4.79 9.83
C ASN E 60 27.61 -4.58 8.73
N GLY E 61 27.45 -5.30 7.62
CA GLY E 61 28.38 -5.18 6.52
C GLY E 61 28.29 -3.82 5.88
N HIS E 62 27.16 -3.16 6.06
CA HIS E 62 26.98 -1.83 5.49
C HIS E 62 27.98 -0.82 6.02
N LYS E 63 28.28 -0.93 7.31
CA LYS E 63 29.20 -0.04 7.98
C LYS E 63 30.58 -0.68 8.11
N TYR E 64 30.78 -1.88 7.58
CA TYR E 64 32.09 -2.49 7.73
C TYR E 64 32.55 -3.47 6.67
N ASP E 65 32.14 -4.72 6.82
CA ASP E 65 32.56 -5.74 5.89
C ASP E 65 32.57 -5.24 4.46
N VAL E 66 31.57 -4.44 4.11
CA VAL E 66 31.52 -3.92 2.77
C VAL E 66 32.53 -2.83 2.44
N PRO E 67 32.58 -1.76 3.24
CA PRO E 67 33.56 -0.74 2.90
C PRO E 67 34.96 -1.14 3.26
N ALA E 68 35.10 -2.21 4.04
CA ALA E 68 36.42 -2.67 4.46
C ALA E 68 37.02 -3.56 3.40
N LEU E 69 36.18 -4.04 2.50
CA LEU E 69 36.68 -4.87 1.43
C LEU E 69 37.14 -3.96 0.32
N THR E 70 36.39 -2.87 0.11
CA THR E 70 36.79 -1.91 -0.93
C THR E 70 38.18 -1.44 -0.54
N LYS E 71 38.36 -1.15 0.74
CA LYS E 71 39.62 -0.69 1.26
C LYS E 71 40.69 -1.74 1.07
N LEU E 72 40.48 -2.91 1.64
CA LEU E 72 41.47 -3.97 1.53
C LEU E 72 41.71 -4.43 0.08
N ALA E 73 40.69 -4.33 -0.77
CA ALA E 73 40.86 -4.74 -2.16
C ALA E 73 41.96 -3.92 -2.83
N LYS E 74 41.89 -2.59 -2.76
CA LYS E 74 42.94 -1.77 -3.38
C LYS E 74 44.25 -2.10 -2.67
N LEU E 75 44.25 -1.96 -1.35
CA LEU E 75 45.41 -2.25 -0.53
C LEU E 75 46.15 -3.53 -0.94
N GLN E 76 45.62 -4.65 -0.46
CA GLN E 76 46.23 -5.95 -0.71
C GLN E 76 46.37 -6.47 -2.14
N LEU E 77 45.49 -6.05 -3.03
CA LEU E 77 45.56 -6.58 -4.36
C LEU E 77 45.61 -5.53 -5.44
N ASN E 78 45.62 -4.26 -5.05
CA ASN E 78 45.62 -3.18 -6.02
C ASN E 78 44.43 -3.42 -6.94
N ARG E 79 43.31 -3.79 -6.34
CA ARG E 79 42.07 -4.07 -7.07
C ARG E 79 40.94 -3.09 -6.76
N GLU E 80 40.13 -2.77 -7.76
CA GLU E 80 38.99 -1.87 -7.56
C GLU E 80 37.73 -2.73 -7.35
N PHE E 81 37.37 -2.92 -6.09
CA PHE E 81 36.21 -3.72 -5.71
C PHE E 81 35.12 -2.81 -5.16
N HIS E 82 33.91 -2.92 -5.68
CA HIS E 82 32.82 -2.06 -5.23
C HIS E 82 31.43 -2.66 -5.26
N LEU E 83 31.02 -3.30 -4.18
CA LEU E 83 29.68 -3.86 -4.14
C LEU E 83 28.69 -2.70 -4.14
N PRO E 84 27.71 -2.73 -5.05
CA PRO E 84 26.66 -1.73 -5.20
C PRO E 84 25.57 -1.91 -4.15
N ARG E 85 25.11 -0.81 -3.58
CA ARG E 85 24.07 -0.87 -2.56
C ARG E 85 23.00 -1.91 -2.83
N GLU E 86 22.31 -1.75 -3.96
CA GLU E 86 21.20 -2.60 -4.39
C GLU E 86 21.27 -4.10 -4.13
N ASN E 87 22.48 -4.67 -4.11
CA ASN E 87 22.66 -6.11 -3.90
C ASN E 87 23.04 -6.49 -2.47
N CYS E 88 23.05 -5.51 -1.58
CA CYS E 88 23.45 -5.73 -0.20
C CYS E 88 22.35 -5.71 0.84
N ILE E 89 22.40 -6.67 1.74
CA ILE E 89 21.45 -6.73 2.82
C ILE E 89 22.27 -6.66 4.11
N ASP E 90 21.68 -6.13 5.16
CA ASP E 90 22.40 -6.01 6.42
C ASP E 90 21.53 -6.49 7.57
N THR E 91 21.82 -7.67 8.13
CA THR E 91 20.99 -8.14 9.23
C THR E 91 20.92 -7.17 10.41
N LEU E 92 21.96 -6.36 10.61
CA LEU E 92 21.93 -5.40 11.71
C LEU E 92 20.87 -4.38 11.40
N VAL E 93 20.97 -3.78 10.23
CA VAL E 93 20.02 -2.78 9.78
C VAL E 93 18.64 -3.33 10.00
N LEU E 94 18.39 -4.50 9.44
CA LEU E 94 17.08 -5.14 9.58
C LEU E 94 16.73 -5.43 11.03
N SER E 95 17.66 -5.99 11.78
CA SER E 95 17.41 -6.32 13.16
C SER E 95 17.15 -5.07 14.01
N ARG E 96 17.29 -3.90 13.40
CA ARG E 96 17.06 -2.65 14.11
C ARG E 96 15.72 -2.10 13.67
N LEU E 97 15.19 -2.64 12.59
CA LEU E 97 13.87 -2.24 12.05
C LEU E 97 12.83 -3.26 12.45
N ILE E 98 13.23 -4.35 13.10
CA ILE E 98 12.27 -5.37 13.55
C ILE E 98 12.21 -5.46 15.09
N HIS E 99 13.36 -5.39 15.74
CA HIS E 99 13.43 -5.45 17.20
C HIS E 99 13.53 -4.02 17.74
N SER E 100 12.74 -3.11 17.16
CA SER E 100 12.74 -1.71 17.53
C SER E 100 12.61 -1.40 19.02
N ASN E 101 11.95 -2.28 19.77
CA ASN E 101 11.73 -2.04 21.19
C ASN E 101 12.77 -2.51 22.21
N LEU E 102 13.60 -3.48 21.87
CA LEU E 102 14.60 -3.96 22.83
C LEU E 102 15.82 -3.04 22.95
N LYS E 103 17.03 -3.61 22.83
CA LYS E 103 18.26 -2.83 22.94
C LYS E 103 19.53 -3.66 22.66
N ASP E 104 20.45 -3.09 21.89
CA ASP E 104 21.70 -3.78 21.54
C ASP E 104 22.94 -3.18 22.21
N THR E 105 23.98 -4.00 22.34
CA THR E 105 25.23 -3.56 22.95
C THR E 105 26.13 -2.87 21.92
N ASP E 106 25.59 -2.64 20.73
CA ASP E 106 26.33 -2.00 19.64
C ASP E 106 27.55 -2.82 19.20
N MET E 107 27.34 -4.13 19.08
CA MET E 107 28.39 -5.05 18.67
C MET E 107 29.57 -5.14 19.64
N GLY E 108 29.29 -5.01 20.94
CA GLY E 108 30.34 -5.11 21.94
C GLY E 108 31.14 -3.86 22.26
N LEU E 109 30.54 -2.68 22.09
CA LEU E 109 31.22 -1.43 22.38
C LEU E 109 30.55 -0.73 23.57
N LEU E 110 29.77 -1.51 24.33
CA LEU E 110 29.07 -1.02 25.51
C LEU E 110 28.68 -2.20 26.41
N ARG E 111 28.76 -2.01 27.73
CA ARG E 111 28.43 -3.04 28.70
C ARG E 111 26.93 -3.08 28.97
N SER E 112 26.33 -4.26 28.76
CA SER E 112 24.90 -4.47 28.96
C SER E 112 24.48 -4.58 30.43
N GLY E 113 25.46 -4.49 31.33
CA GLY E 113 25.14 -4.57 32.75
C GLY E 113 24.51 -3.26 33.21
N LYS E 114 24.65 -2.22 32.39
CA LYS E 114 24.10 -0.92 32.67
C LYS E 114 22.92 -0.62 31.74
N LEU E 115 22.80 -1.42 30.67
CA LEU E 115 21.72 -1.26 29.70
C LEU E 115 20.45 -1.97 30.16
N PRO E 116 19.34 -1.22 30.28
CA PRO E 116 18.06 -1.78 30.71
C PRO E 116 17.37 -2.71 29.71
N GLY E 117 16.21 -3.22 30.10
CA GLY E 117 15.44 -4.10 29.25
C GLY E 117 16.01 -5.50 29.07
N ALA E 118 15.54 -6.16 28.02
CA ALA E 118 15.95 -7.51 27.66
C ALA E 118 16.83 -7.51 26.42
N LEU E 119 17.92 -8.25 26.49
CA LEU E 119 18.88 -8.38 25.40
C LEU E 119 18.38 -9.48 24.44
N GLU E 120 18.57 -9.27 23.15
CA GLU E 120 18.14 -10.22 22.12
C GLU E 120 18.85 -11.58 22.26
N ALA E 121 18.67 -12.44 21.26
CA ALA E 121 19.27 -13.78 21.26
C ALA E 121 20.59 -13.83 20.49
N TRP E 122 20.52 -13.64 19.18
CA TRP E 122 21.72 -13.65 18.35
C TRP E 122 22.46 -12.35 18.62
N GLY E 123 21.72 -11.30 18.95
CA GLY E 123 22.32 -10.01 19.23
C GLY E 123 23.43 -10.17 20.24
N TYR E 124 23.09 -10.68 21.42
CA TYR E 124 24.08 -10.91 22.46
C TYR E 124 24.95 -12.07 21.99
N ARG E 125 24.43 -12.84 21.04
CA ARG E 125 25.15 -13.99 20.50
C ARG E 125 25.98 -13.73 19.25
N LEU E 126 26.25 -12.46 18.96
CA LEU E 126 27.09 -12.11 17.81
C LEU E 126 27.98 -10.96 18.24
N GLY E 127 27.52 -10.21 19.24
CA GLY E 127 28.29 -9.09 19.74
C GLY E 127 29.31 -9.59 20.73
N GLU E 128 28.83 -10.24 21.79
CA GLU E 128 29.71 -10.79 22.81
C GLU E 128 30.50 -11.92 22.17
N MET E 129 29.94 -12.48 21.10
CA MET E 129 30.58 -13.56 20.39
C MET E 129 32.04 -13.28 20.02
N LYS E 130 32.41 -12.00 20.02
CA LYS E 130 33.79 -11.65 19.68
C LYS E 130 34.73 -12.00 20.83
N GLY E 131 34.28 -11.74 22.06
CA GLY E 131 35.10 -12.04 23.23
C GLY E 131 35.27 -13.53 23.44
N GLU E 132 34.35 -14.32 22.90
CA GLU E 132 34.43 -15.76 23.04
C GLU E 132 35.68 -16.24 22.32
N TYR E 133 36.06 -15.52 21.27
CA TYR E 133 37.26 -15.80 20.46
C TYR E 133 38.50 -15.28 21.16
N LYS E 134 38.34 -14.24 21.97
CA LYS E 134 39.48 -13.67 22.66
C LYS E 134 40.03 -14.63 23.68
N ASP E 135 39.20 -15.00 24.63
CA ASP E 135 39.59 -15.92 25.70
C ASP E 135 39.93 -17.30 25.15
N ASP E 136 39.26 -17.69 24.09
CA ASP E 136 39.51 -18.98 23.45
C ASP E 136 40.97 -19.01 22.93
N PHE E 137 41.47 -17.84 22.54
CA PHE E 137 42.82 -17.65 22.00
C PHE E 137 43.74 -17.31 23.15
N LYS E 138 43.28 -16.39 24.00
CA LYS E 138 44.06 -15.98 25.15
C LYS E 138 44.41 -17.22 25.94
N ARG E 139 43.41 -17.99 26.34
CA ARG E 139 43.65 -19.21 27.10
C ARG E 139 44.67 -20.11 26.38
N MET E 140 44.29 -20.61 25.20
CA MET E 140 45.15 -21.49 24.41
C MET E 140 46.58 -20.98 24.24
N LEU E 141 46.90 -19.84 24.82
CA LEU E 141 48.24 -19.27 24.72
C LEU E 141 48.66 -18.61 26.04
N GLU E 142 47.68 -18.39 26.92
CA GLU E 142 47.95 -17.77 28.22
C GLU E 142 48.42 -18.84 29.20
N GLU E 143 48.63 -20.04 28.66
CA GLU E 143 49.09 -21.17 29.44
C GLU E 143 50.45 -21.61 28.92
N GLN E 144 50.69 -21.36 27.63
CA GLN E 144 51.95 -21.73 26.96
C GLN E 144 53.04 -20.67 27.16
N GLY E 145 53.10 -20.10 28.37
CA GLY E 145 54.10 -19.10 28.67
C GLY E 145 53.86 -17.77 27.98
N GLU E 146 53.46 -17.84 26.72
CA GLU E 146 53.21 -16.63 25.94
C GLU E 146 52.18 -15.70 26.60
N GLU E 147 52.67 -14.60 27.15
CA GLU E 147 51.80 -13.64 27.81
C GLU E 147 50.93 -12.96 26.76
N TYR E 148 49.62 -12.88 27.04
CA TYR E 148 48.72 -12.23 26.10
C TYR E 148 49.19 -10.82 25.91
N VAL E 149 49.19 -10.38 24.66
CA VAL E 149 49.61 -9.01 24.35
C VAL E 149 48.38 -8.20 23.95
N ASP E 150 48.22 -7.04 24.60
CA ASP E 150 47.10 -6.12 24.33
C ASP E 150 45.92 -6.73 23.59
N GLY E 151 46.06 -6.84 22.27
CA GLY E 151 45.00 -7.42 21.45
C GLY E 151 45.55 -8.22 20.28
N MET E 152 46.57 -9.01 20.55
CA MET E 152 47.21 -9.82 19.54
C MET E 152 46.33 -10.93 18.98
N GLU E 153 45.11 -11.05 19.49
CA GLU E 153 44.22 -12.07 19.01
C GLU E 153 43.77 -11.81 17.59
N TRP E 154 44.15 -10.65 17.05
CA TRP E 154 43.77 -10.30 15.70
C TRP E 154 44.90 -9.94 14.75
N TRP E 155 46.12 -9.90 15.27
CA TRP E 155 47.28 -9.57 14.47
C TRP E 155 47.39 -10.55 13.30
N ASN E 156 47.34 -11.84 13.60
CA ASN E 156 47.47 -12.86 12.56
C ASN E 156 46.37 -13.92 12.49
N PHE E 157 46.03 -14.28 11.25
CA PHE E 157 45.01 -15.28 10.91
C PHE E 157 45.39 -16.64 11.46
N ASN E 158 44.40 -17.49 11.65
CA ASN E 158 44.67 -18.81 12.15
C ASN E 158 43.40 -19.61 12.06
N GLU E 159 43.48 -20.89 12.44
CA GLU E 159 42.32 -21.76 12.37
C GLU E 159 41.19 -21.38 13.33
N GLU E 160 41.52 -21.17 14.60
CA GLU E 160 40.49 -20.79 15.56
C GLU E 160 39.66 -19.74 14.91
N MET E 161 40.33 -18.67 14.45
CA MET E 161 39.71 -17.55 13.77
C MET E 161 38.91 -17.99 12.55
N MET E 162 39.49 -18.90 11.76
CA MET E 162 38.80 -19.40 10.59
C MET E 162 37.53 -20.07 10.99
N ASP E 163 37.50 -20.62 12.20
CA ASP E 163 36.33 -21.33 12.73
C ASP E 163 35.27 -20.33 13.18
N TYR E 164 35.62 -19.48 14.13
CA TYR E 164 34.69 -18.48 14.62
C TYR E 164 34.13 -17.72 13.42
N ASN E 165 34.89 -17.71 12.32
CA ASN E 165 34.46 -17.03 11.13
C ASN E 165 33.21 -17.77 10.70
N VAL E 166 33.41 -18.99 10.21
CA VAL E 166 32.32 -19.87 9.75
C VAL E 166 31.07 -19.88 10.64
N GLN E 167 31.27 -19.80 11.95
CA GLN E 167 30.13 -19.81 12.86
C GLN E 167 29.39 -18.49 12.76
N ASP E 168 30.12 -17.41 12.51
CA ASP E 168 29.53 -16.10 12.38
C ASP E 168 28.40 -16.18 11.37
N VAL E 169 28.74 -16.68 10.18
CA VAL E 169 27.77 -16.78 9.11
C VAL E 169 26.53 -17.58 9.46
N VAL E 170 26.73 -18.72 10.13
CA VAL E 170 25.56 -19.51 10.48
C VAL E 170 24.63 -18.68 11.36
N VAL E 171 25.14 -18.12 12.44
CA VAL E 171 24.29 -17.33 13.29
C VAL E 171 23.65 -16.26 12.43
N THR E 172 24.42 -15.73 11.48
CA THR E 172 23.92 -14.71 10.58
C THR E 172 22.75 -15.27 9.76
N LYS E 173 23.00 -16.30 8.96
CA LYS E 173 21.91 -16.90 8.19
C LYS E 173 20.73 -17.18 9.13
N ALA E 174 21.04 -17.61 10.35
CA ALA E 174 20.01 -17.90 11.33
C ALA E 174 19.15 -16.65 11.56
N LEU E 175 19.82 -15.55 11.87
CA LEU E 175 19.18 -14.26 12.11
C LEU E 175 18.37 -13.95 10.86
N LEU E 176 19.08 -13.70 9.78
CA LEU E 176 18.48 -13.36 8.50
C LEU E 176 17.12 -13.96 8.29
N GLU E 177 17.00 -15.24 8.58
CA GLU E 177 15.73 -15.93 8.43
C GLU E 177 14.70 -15.41 9.44
N LYS E 178 14.97 -15.56 10.75
CA LYS E 178 14.06 -15.11 11.81
C LYS E 178 13.50 -13.70 11.53
N LEU E 179 14.15 -12.99 10.63
CA LEU E 179 13.74 -11.64 10.28
C LEU E 179 12.85 -11.67 9.06
N LEU E 180 13.28 -12.39 8.03
CA LEU E 180 12.50 -12.47 6.82
C LEU E 180 11.17 -13.14 7.15
N SER E 181 11.18 -13.97 8.19
CA SER E 181 9.96 -14.68 8.60
C SER E 181 8.85 -13.75 9.05
N ASP E 182 9.20 -12.54 9.50
CA ASP E 182 8.23 -11.55 9.95
C ASP E 182 7.28 -11.21 8.82
N LYS E 183 6.03 -11.66 8.96
CA LYS E 183 5.01 -11.41 7.95
C LYS E 183 4.60 -9.92 7.75
N HIS E 184 4.94 -9.06 8.71
CA HIS E 184 4.60 -7.64 8.62
C HIS E 184 5.51 -6.90 7.63
N TYR E 185 6.77 -7.32 7.55
CA TYR E 185 7.75 -6.69 6.65
C TYR E 185 8.05 -7.54 5.43
N PHE E 186 7.79 -8.85 5.52
CA PHE E 186 8.03 -9.75 4.39
C PHE E 186 6.85 -10.72 4.16
N PRO E 187 6.13 -10.54 3.03
CA PRO E 187 4.97 -11.39 2.67
C PRO E 187 5.35 -12.85 2.55
N PRO E 188 4.61 -13.73 3.24
CA PRO E 188 4.87 -15.18 3.23
C PRO E 188 4.84 -15.83 1.84
N GLU E 189 4.05 -15.25 0.94
CA GLU E 189 3.88 -15.72 -0.44
C GLU E 189 5.17 -15.76 -1.27
N ILE E 190 6.19 -15.05 -0.80
CA ILE E 190 7.48 -14.96 -1.49
C ILE E 190 8.56 -15.54 -0.59
N ASP E 191 9.63 -16.03 -1.20
CA ASP E 191 10.77 -16.54 -0.42
C ASP E 191 12.01 -15.77 -0.83
N PHE E 192 12.28 -14.69 -0.11
CA PHE E 192 13.40 -13.81 -0.40
C PHE E 192 14.77 -14.43 -0.42
N THR E 193 14.89 -15.62 0.19
CA THR E 193 16.17 -16.30 0.17
C THR E 193 16.24 -16.96 -1.20
N ASP E 194 15.38 -16.50 -2.10
CA ASP E 194 15.33 -17.05 -3.44
C ASP E 194 14.90 -16.02 -4.48
N VAL E 195 15.08 -14.73 -4.17
CA VAL E 195 14.71 -13.69 -5.13
C VAL E 195 15.92 -12.84 -5.49
N GLY E 196 15.77 -12.07 -6.56
CA GLY E 196 16.83 -11.17 -6.99
C GLY E 196 16.66 -9.85 -6.27
N TYR E 197 17.74 -9.10 -6.17
CA TYR E 197 17.70 -7.84 -5.47
C TYR E 197 16.47 -6.99 -5.83
N THR E 198 16.20 -6.80 -7.11
CA THR E 198 15.06 -5.99 -7.54
C THR E 198 13.73 -6.51 -6.99
N THR E 199 13.63 -7.82 -6.80
CA THR E 199 12.40 -8.40 -6.26
C THR E 199 12.36 -8.31 -4.74
N PHE E 200 13.52 -8.52 -4.12
CA PHE E 200 13.59 -8.45 -2.67
C PHE E 200 13.13 -7.07 -2.22
N TRP E 201 13.69 -6.06 -2.87
CA TRP E 201 13.40 -4.66 -2.56
C TRP E 201 11.99 -4.13 -2.79
N SER E 202 11.46 -4.36 -3.98
CA SER E 202 10.11 -3.91 -4.30
C SER E 202 9.06 -4.78 -3.61
N GLU E 203 9.21 -6.10 -3.74
CA GLU E 203 8.28 -7.05 -3.16
C GLU E 203 8.29 -7.13 -1.63
N SER E 204 8.77 -6.10 -0.97
CA SER E 204 8.80 -6.11 0.49
C SER E 204 8.43 -4.74 1.02
N LEU E 205 8.08 -4.71 2.31
CA LEU E 205 7.67 -3.46 2.95
C LEU E 205 8.68 -2.34 2.70
N GLU E 206 8.14 -1.16 2.43
CA GLU E 206 8.96 -0.01 2.10
C GLU E 206 10.09 0.35 3.06
N ALA E 207 9.90 0.04 4.34
CA ALA E 207 10.90 0.35 5.36
C ALA E 207 12.22 -0.34 5.03
N VAL E 208 12.14 -1.60 4.67
CA VAL E 208 13.30 -2.40 4.34
C VAL E 208 14.19 -1.70 3.31
N ASP E 209 13.59 -0.98 2.37
CA ASP E 209 14.35 -0.27 1.35
C ASP E 209 14.86 1.05 1.91
N ILE E 210 13.96 1.85 2.49
CA ILE E 210 14.32 3.14 3.05
C ILE E 210 15.39 3.07 4.14
N GLU E 211 15.41 1.97 4.89
CA GLU E 211 16.38 1.81 5.96
C GLU E 211 17.76 1.51 5.43
N HIS E 212 17.83 0.53 4.53
CA HIS E 212 19.08 0.12 3.91
C HIS E 212 19.71 1.28 3.15
N ARG E 213 18.95 1.97 2.31
CA ARG E 213 19.51 3.08 1.56
C ARG E 213 20.10 4.09 2.53
N ALA E 214 19.42 4.30 3.66
CA ALA E 214 19.89 5.24 4.68
C ALA E 214 21.14 4.67 5.32
N ALA E 215 21.01 3.46 5.84
CA ALA E 215 22.12 2.77 6.48
C ALA E 215 23.36 2.82 5.60
N TRP E 216 23.15 2.80 4.29
CA TRP E 216 24.25 2.83 3.36
C TRP E 216 24.79 4.27 3.20
N LEU E 217 23.90 5.25 3.11
CA LEU E 217 24.32 6.65 2.95
C LEU E 217 25.04 7.19 4.16
N LEU E 218 24.40 7.16 5.32
CA LEU E 218 25.03 7.69 6.52
C LEU E 218 26.37 7.03 6.77
N ALA E 219 26.50 5.78 6.33
CA ALA E 219 27.74 5.05 6.51
C ALA E 219 28.77 5.71 5.65
N LYS E 220 28.31 6.41 4.61
CA LYS E 220 29.18 7.13 3.69
C LYS E 220 29.57 8.44 4.35
N GLN E 221 28.55 9.10 4.93
CA GLN E 221 28.73 10.35 5.65
C GLN E 221 29.78 10.12 6.72
N GLU E 222 29.59 9.10 7.54
CA GLU E 222 30.55 8.79 8.59
C GLU E 222 31.98 8.79 8.05
N ARG E 223 32.20 8.00 7.00
CA ARG E 223 33.49 7.87 6.36
C ARG E 223 34.01 9.18 5.79
N ASN E 224 33.08 10.06 5.36
CA ASN E 224 33.45 11.37 4.81
C ASN E 224 34.17 12.09 5.92
N GLY E 225 33.40 12.46 6.92
CA GLY E 225 33.95 13.15 8.05
C GLY E 225 33.36 14.53 8.11
N PHE E 226 33.81 15.34 9.07
CA PHE E 226 33.32 16.70 9.20
C PHE E 226 34.59 17.47 9.46
N PRO E 227 35.01 18.28 8.47
CA PRO E 227 36.25 19.05 8.69
C PRO E 227 36.15 19.81 10.04
N PHE E 228 37.07 19.49 10.92
CA PHE E 228 37.05 20.10 12.22
C PHE E 228 38.30 20.91 12.42
N ASP E 229 38.12 22.13 12.89
CA ASP E 229 39.24 23.06 13.11
C ASP E 229 40.02 22.80 14.39
N THR E 230 40.86 21.77 14.43
CA THR E 230 41.60 21.52 15.65
C THR E 230 42.08 22.84 16.28
N LYS E 231 42.79 23.67 15.50
CA LYS E 231 43.32 24.95 16.00
C LYS E 231 42.29 25.83 16.72
N ALA E 232 41.25 26.25 16.01
CA ALA E 232 40.23 27.10 16.63
C ALA E 232 39.74 26.55 17.97
N ILE E 233 39.69 25.23 18.08
CA ILE E 233 39.20 24.63 19.30
C ILE E 233 40.28 24.48 20.35
N GLU E 234 41.51 24.23 19.93
CA GLU E 234 42.59 24.13 20.89
C GLU E 234 42.71 25.55 21.43
N GLU E 235 42.35 26.50 20.56
CA GLU E 235 42.42 27.92 20.88
C GLU E 235 41.40 28.24 21.94
N LEU E 236 40.21 27.67 21.78
CA LEU E 236 39.13 27.88 22.75
C LEU E 236 39.47 27.19 24.06
N TYR E 237 40.01 25.99 23.96
CA TYR E 237 40.34 25.26 25.16
C TYR E 237 41.29 26.00 26.06
N VAL E 238 42.07 26.91 25.51
CA VAL E 238 42.98 27.65 26.36
C VAL E 238 42.30 28.85 26.97
N GLU E 239 41.34 29.40 26.24
CA GLU E 239 40.61 30.56 26.69
C GLU E 239 39.72 30.17 27.83
N LEU E 240 39.18 28.95 27.77
CA LEU E 240 38.29 28.43 28.81
C LEU E 240 39.09 27.93 30.00
N ALA E 241 40.03 27.04 29.76
CA ALA E 241 40.85 26.50 30.83
C ALA E 241 41.32 27.64 31.74
N ALA E 242 41.42 28.82 31.12
CA ALA E 242 41.86 30.05 31.76
C ALA E 242 40.74 30.72 32.52
N ARG E 243 39.65 31.04 31.83
CA ARG E 243 38.50 31.64 32.49
C ARG E 243 38.10 30.78 33.66
N ARG E 244 38.39 29.49 33.56
CA ARG E 244 38.09 28.54 34.63
C ARG E 244 38.98 28.86 35.80
N SER E 245 40.28 28.76 35.55
CA SER E 245 41.32 29.01 36.54
C SER E 245 41.04 30.25 37.41
N GLU E 246 40.44 31.27 36.83
CA GLU E 246 40.12 32.48 37.59
C GLU E 246 38.91 32.17 38.47
N LEU E 247 37.73 32.07 37.84
CA LEU E 247 36.49 31.77 38.54
C LEU E 247 36.77 30.86 39.70
N LEU E 248 37.68 29.91 39.48
CA LEU E 248 38.02 29.00 40.57
C LEU E 248 38.60 29.85 41.66
N ARG E 249 39.81 30.37 41.46
CA ARG E 249 40.48 31.23 42.45
C ARG E 249 39.53 32.24 43.08
N LYS E 250 38.93 33.07 42.24
CA LYS E 250 38.00 34.09 42.72
C LYS E 250 36.99 33.49 43.70
N LEU E 251 36.68 32.20 43.53
CA LEU E 251 35.71 31.48 44.37
C LEU E 251 36.36 30.88 45.59
N THR E 252 37.33 30.00 45.38
CA THR E 252 38.00 29.37 46.49
C THR E 252 38.31 30.40 47.59
N GLU E 253 38.39 31.66 47.20
CA GLU E 253 38.64 32.72 48.15
C GLU E 253 37.37 32.97 48.94
N THR E 254 36.28 33.21 48.21
CA THR E 254 34.99 33.48 48.84
C THR E 254 34.48 32.33 49.69
N PHE E 255 34.87 31.11 49.31
CA PHE E 255 34.43 29.92 50.02
C PHE E 255 35.63 29.10 50.45
N GLY E 256 36.09 29.34 51.67
CA GLY E 256 37.25 28.62 52.16
C GLY E 256 37.06 27.13 52.24
N SER E 257 38.16 26.43 52.47
CA SER E 257 38.13 25.00 52.60
C SER E 257 37.38 24.62 53.89
N TRP E 258 37.49 23.36 54.29
CA TRP E 258 36.84 22.86 55.50
C TRP E 258 37.16 21.40 55.70
N TYR E 259 36.92 20.90 56.91
CA TYR E 259 37.18 19.50 57.20
C TYR E 259 35.91 18.65 57.18
N GLN E 260 36.09 17.40 56.73
CA GLN E 260 35.02 16.43 56.65
C GLN E 260 35.56 15.10 57.16
N PRO E 261 34.77 14.36 57.93
CA PRO E 261 35.24 13.07 58.44
C PRO E 261 35.36 12.08 57.30
N LYS E 262 36.49 11.37 57.25
CA LYS E 262 36.72 10.41 56.19
C LYS E 262 37.83 9.39 56.50
N GLY E 263 37.45 8.12 56.64
CA GLY E 263 38.44 7.09 56.91
C GLY E 263 38.24 6.25 58.16
N GLY E 264 37.30 6.66 59.01
CA GLY E 264 37.03 5.92 60.24
C GLY E 264 36.56 4.50 60.00
N THR E 265 37.19 3.57 60.72
CA THR E 265 36.86 2.15 60.59
C THR E 265 35.77 1.71 61.56
N GLU E 266 36.09 1.71 62.85
CA GLU E 266 35.14 1.33 63.88
C GLU E 266 34.04 2.39 64.01
N MET E 267 33.13 2.18 64.96
CA MET E 267 32.03 3.11 65.20
C MET E 267 32.16 3.66 66.62
N PHE E 268 31.99 4.97 66.79
CA PHE E 268 32.10 5.56 68.13
C PHE E 268 31.12 4.86 69.06
N CYS E 269 31.64 4.34 70.17
CA CYS E 269 30.84 3.62 71.16
C CYS E 269 30.70 4.44 72.45
N HIS E 270 29.47 4.63 72.92
CA HIS E 270 29.20 5.42 74.12
C HIS E 270 30.24 5.15 75.19
N PRO E 271 30.70 6.22 75.87
CA PRO E 271 31.70 6.11 76.93
C PRO E 271 31.35 5.05 77.98
N ARG E 272 30.07 4.97 78.31
CA ARG E 272 29.57 4.00 79.27
C ARG E 272 29.01 2.81 78.48
N THR E 273 27.76 2.99 78.01
CA THR E 273 27.03 2.01 77.21
C THR E 273 27.94 1.17 76.29
N GLY E 274 28.04 1.55 75.03
CA GLY E 274 28.87 0.82 74.09
C GLY E 274 28.12 0.68 72.78
N LYS E 275 27.02 1.41 72.67
CA LYS E 275 26.16 1.39 71.50
C LYS E 275 26.90 1.92 70.27
N PRO E 276 26.81 1.22 69.12
CA PRO E 276 27.48 1.66 67.89
C PRO E 276 26.82 2.84 67.18
N LEU E 277 26.66 3.95 67.92
CA LEU E 277 26.04 5.17 67.40
C LEU E 277 26.52 5.46 65.97
N PRO E 278 25.66 5.22 64.97
CA PRO E 278 25.95 5.43 63.54
C PRO E 278 26.05 6.89 63.10
N LYS E 279 25.06 7.70 63.48
CA LYS E 279 25.01 9.12 63.13
C LYS E 279 26.38 9.77 63.29
N TYR E 280 27.10 9.36 64.33
CA TYR E 280 28.44 9.88 64.60
C TYR E 280 29.49 9.32 63.64
N PRO E 281 30.35 10.20 63.09
CA PRO E 281 31.44 9.87 62.15
C PRO E 281 32.36 8.76 62.63
N ARG E 282 32.60 7.78 61.75
CA ARG E 282 33.45 6.65 62.10
C ARG E 282 34.82 7.12 62.58
N ILE E 283 35.37 6.43 63.57
CA ILE E 283 36.68 6.78 64.12
C ILE E 283 37.67 5.65 63.89
N LYS E 284 38.84 5.77 64.51
CA LYS E 284 39.89 4.75 64.40
C LYS E 284 40.58 4.59 65.73
N THR E 285 40.30 3.49 66.43
CA THR E 285 40.92 3.25 67.73
C THR E 285 42.09 2.30 67.57
N PRO E 286 43.33 2.81 67.70
CA PRO E 286 44.50 1.94 67.57
C PRO E 286 45.02 1.44 68.93
N VAL E 288 49.37 0.30 70.68
CA VAL E 288 50.14 1.52 70.30
C VAL E 288 49.89 2.70 71.24
N GLY E 289 50.98 3.24 71.79
CA GLY E 289 50.88 4.36 72.71
C GLY E 289 50.30 3.99 74.06
N ASP E 310 57.60 9.20 74.73
CA ASP E 310 57.16 8.61 73.44
C ASP E 310 56.55 9.66 72.52
N THR E 311 57.25 9.92 71.41
CA THR E 311 56.78 10.88 70.41
C THR E 311 55.60 10.20 69.69
N ARG E 312 54.89 9.36 70.44
CA ARG E 312 53.75 8.61 69.92
C ARG E 312 52.66 9.53 69.42
N GLU E 313 52.10 9.17 68.27
CA GLU E 313 51.06 9.93 67.65
C GLU E 313 49.71 9.63 68.31
N TYR E 314 49.53 8.40 68.77
CA TYR E 314 48.26 8.03 69.38
C TYR E 314 48.37 7.36 70.75
N VAL E 315 47.24 6.89 71.27
CA VAL E 315 47.21 6.21 72.55
C VAL E 315 46.09 5.16 72.55
N ALA E 316 46.16 4.21 73.46
CA ALA E 316 45.15 3.16 73.55
C ALA E 316 44.23 3.40 74.75
N ALA E 318 42.00 5.24 73.17
CA ALA E 318 41.91 6.70 72.85
C ALA E 318 41.54 6.90 71.38
N PRO E 319 40.24 6.84 71.06
CA PRO E 319 39.71 7.00 69.71
C PRO E 319 39.96 8.39 69.12
N TYR E 320 39.69 8.52 67.82
CA TYR E 320 39.89 9.79 67.12
C TYR E 320 39.34 9.72 65.71
N THR E 321 38.59 10.73 65.32
CA THR E 321 38.01 10.76 63.98
C THR E 321 39.03 11.24 62.96
N PRO E 322 39.34 10.42 61.94
CA PRO E 322 40.30 10.78 60.89
C PRO E 322 39.58 11.66 59.89
N VAL E 323 40.11 12.83 59.59
CA VAL E 323 39.45 13.73 58.66
C VAL E 323 40.29 14.12 57.47
N GLU E 324 39.62 14.71 56.48
CA GLU E 324 40.28 15.17 55.27
C GLU E 324 40.01 16.65 55.08
N HIS E 325 40.99 17.34 54.53
CA HIS E 325 40.90 18.78 54.27
C HIS E 325 40.37 18.88 52.84
N VAL E 326 39.23 19.53 52.67
CA VAL E 326 38.61 19.63 51.35
C VAL E 326 38.32 21.03 50.82
N VAL E 327 38.95 21.37 49.71
CA VAL E 327 38.80 22.67 49.05
C VAL E 327 37.53 22.80 48.22
N PHE E 328 36.82 23.91 48.39
CA PHE E 328 35.59 24.16 47.65
C PHE E 328 35.78 23.86 46.18
N ASN E 329 34.84 23.10 45.62
CA ASN E 329 34.88 22.70 44.23
C ASN E 329 33.62 23.14 43.50
N PRO E 330 33.67 24.25 42.74
CA PRO E 330 32.51 24.74 41.99
C PRO E 330 31.76 23.69 41.19
N SER E 331 32.46 22.62 40.80
CA SER E 331 31.80 21.55 40.04
C SER E 331 30.93 20.69 40.95
N SER E 332 31.35 20.53 42.20
CA SER E 332 30.62 19.73 43.19
C SER E 332 29.28 20.34 43.55
N ARG E 333 28.20 19.70 43.11
CA ARG E 333 26.87 20.22 43.40
C ARG E 333 26.60 20.12 44.90
N ASP E 334 27.42 19.34 45.59
CA ASP E 334 27.34 19.15 47.04
C ASP E 334 27.86 20.42 47.71
N HIS E 335 29.12 20.73 47.45
CA HIS E 335 29.72 21.93 48.01
C HIS E 335 28.80 23.14 47.77
N ILE E 336 28.35 23.29 46.52
CA ILE E 336 27.48 24.39 46.19
C ILE E 336 26.27 24.45 47.13
N GLN E 337 25.73 23.28 47.49
CA GLN E 337 24.57 23.18 48.39
C GLN E 337 24.98 23.46 49.83
N LYS E 338 26.15 22.96 50.21
CA LYS E 338 26.67 23.16 51.54
C LYS E 338 26.83 24.65 51.76
N LYS E 339 27.97 25.17 51.32
CA LYS E 339 28.29 26.58 51.45
C LYS E 339 27.06 27.47 51.26
N LEU E 340 26.37 27.35 50.13
CA LEU E 340 25.22 28.21 49.91
C LEU E 340 24.15 28.07 50.97
N GLN E 341 24.06 26.91 51.61
CA GLN E 341 23.05 26.71 52.66
C GLN E 341 23.42 27.42 53.96
N GLU E 342 24.72 27.42 54.27
CA GLU E 342 25.22 28.09 55.46
C GLU E 342 25.10 29.60 55.27
N ALA E 343 24.71 29.99 54.06
CA ALA E 343 24.55 31.40 53.72
C ALA E 343 23.15 31.81 54.10
N GLY E 344 22.31 30.81 54.40
CA GLY E 344 20.95 31.10 54.79
C GLY E 344 19.93 30.73 53.73
N TRP E 345 20.36 29.91 52.78
CA TRP E 345 19.46 29.50 51.71
C TRP E 345 18.54 28.42 52.26
N VAL E 346 17.26 28.53 51.92
CA VAL E 346 16.29 27.55 52.37
C VAL E 346 15.87 26.72 51.15
N PRO E 347 16.50 25.54 50.96
CA PRO E 347 16.19 24.67 49.83
C PRO E 347 14.72 24.22 49.71
N THR E 348 14.11 24.61 48.60
CA THR E 348 12.73 24.29 48.30
C THR E 348 12.68 22.93 47.63
N LYS E 349 12.95 22.90 46.33
CA LYS E 349 12.91 21.65 45.58
C LYS E 349 14.05 20.69 45.95
N TYR E 350 13.69 19.50 46.42
CA TYR E 350 14.66 18.45 46.78
C TYR E 350 14.47 17.25 45.83
N THR E 351 15.35 16.25 45.91
CA THR E 351 15.22 15.07 45.06
C THR E 351 14.78 13.84 45.83
N ASP E 352 14.05 12.97 45.12
CA ASP E 352 13.59 11.72 45.68
C ASP E 352 14.86 10.89 45.89
N LYS E 353 15.65 11.32 46.86
CA LYS E 353 16.90 10.67 47.26
C LYS E 353 17.47 11.51 48.40
N GLY E 354 16.65 12.43 48.88
CA GLY E 354 17.02 13.27 50.01
C GLY E 354 18.01 14.40 49.80
N ALA E 355 18.00 15.01 48.61
CA ALA E 355 18.93 16.10 48.31
C ALA E 355 18.26 17.26 47.59
N PRO E 356 18.79 18.49 47.77
CA PRO E 356 18.25 19.70 47.14
C PRO E 356 18.69 19.85 45.68
N VAL E 357 17.74 20.23 44.82
CA VAL E 357 18.02 20.41 43.40
C VAL E 357 18.82 21.68 43.25
N VAL E 358 20.01 21.54 42.67
CA VAL E 358 20.90 22.67 42.48
C VAL E 358 21.24 22.87 41.01
N ASP E 359 20.22 22.88 40.17
CA ASP E 359 20.44 23.13 38.77
C ASP E 359 20.49 24.67 38.62
N ASP E 360 20.95 25.14 37.46
CA ASP E 360 21.04 26.57 37.22
C ASP E 360 19.73 27.25 37.58
N GLU E 361 18.63 26.57 37.32
CA GLU E 361 17.30 27.11 37.62
C GLU E 361 17.24 27.59 39.06
N VAL E 362 17.39 26.68 40.02
CA VAL E 362 17.33 27.09 41.43
C VAL E 362 18.45 28.07 41.76
N LEU E 363 19.64 27.82 41.23
CA LEU E 363 20.78 28.69 41.49
C LEU E 363 20.44 30.13 41.13
N GLU E 364 19.68 30.29 40.04
CA GLU E 364 19.29 31.61 39.60
C GLU E 364 18.44 32.24 40.68
N GLY E 365 17.57 31.42 41.26
CA GLY E 365 16.66 31.88 42.29
C GLY E 365 17.21 32.12 43.68
N VAL E 366 18.20 31.32 44.09
CA VAL E 366 18.78 31.46 45.42
C VAL E 366 19.09 32.90 45.83
N ARG E 367 18.78 33.23 47.08
CA ARG E 367 19.02 34.58 47.56
C ARG E 367 19.56 34.61 48.99
N VAL E 368 20.86 34.81 49.13
CA VAL E 368 21.40 34.88 50.46
C VAL E 368 21.65 36.35 50.82
N ASP E 369 22.10 36.59 52.06
CA ASP E 369 22.31 37.95 52.50
C ASP E 369 23.70 38.53 52.28
N ASP E 370 24.73 37.74 52.52
CA ASP E 370 26.09 38.23 52.31
C ASP E 370 26.27 38.57 50.82
N PRO E 371 26.44 39.87 50.50
CA PRO E 371 26.62 40.42 49.14
C PRO E 371 27.70 39.74 48.28
N GLU E 372 28.91 39.59 48.81
CA GLU E 372 30.00 38.94 48.10
C GLU E 372 29.57 37.53 47.67
N LYS E 373 28.88 36.86 48.58
CA LYS E 373 28.41 35.49 48.36
C LYS E 373 27.37 35.33 47.28
N GLN E 374 26.28 36.09 47.34
CA GLN E 374 25.30 35.95 46.27
C GLN E 374 25.93 36.31 44.93
N ALA E 375 27.00 37.09 44.99
CA ALA E 375 27.73 37.50 43.80
C ALA E 375 28.37 36.26 43.22
N ALA E 376 28.90 35.42 44.10
CA ALA E 376 29.58 34.19 43.68
C ALA E 376 28.61 33.12 43.15
N ILE E 377 27.31 33.30 43.36
CA ILE E 377 26.37 32.32 42.83
C ILE E 377 26.41 32.47 41.32
N ASP E 378 26.47 33.71 40.84
CA ASP E 378 26.51 33.93 39.39
C ASP E 378 27.83 33.44 38.81
N LEU E 379 28.84 33.30 39.64
CA LEU E 379 30.14 32.85 39.16
C LEU E 379 30.19 31.34 39.11
N ILE E 380 29.34 30.67 39.91
CA ILE E 380 29.29 29.21 39.90
C ILE E 380 28.51 28.81 38.68
N LYS E 381 27.36 29.48 38.51
CA LYS E 381 26.51 29.26 37.38
C LYS E 381 27.41 29.23 36.16
N GLU E 382 28.21 30.29 35.99
CA GLU E 382 29.12 30.39 34.86
C GLU E 382 30.27 29.38 34.93
N TYR E 383 30.70 29.02 36.14
CA TYR E 383 31.79 28.08 36.27
C TYR E 383 31.34 26.70 35.86
N LEU E 384 30.09 26.37 36.19
CA LEU E 384 29.55 25.07 35.84
C LEU E 384 29.48 24.95 34.33
N MET E 385 29.07 26.03 33.66
CA MET E 385 28.97 26.07 32.19
C MET E 385 30.33 25.98 31.49
N ILE E 386 31.27 26.77 31.96
CA ILE E 386 32.60 26.76 31.40
C ILE E 386 33.05 25.31 31.32
N GLN E 387 32.61 24.52 32.31
CA GLN E 387 32.94 23.10 32.42
C GLN E 387 32.21 22.23 31.42
N LYS E 388 30.97 22.56 31.15
CA LYS E 388 30.15 21.79 30.20
C LYS E 388 30.74 21.92 28.82
N ARG E 389 31.60 22.94 28.65
CA ARG E 389 32.24 23.19 27.38
C ARG E 389 33.63 22.61 27.33
N ILE E 390 34.40 22.83 28.39
CA ILE E 390 35.74 22.28 28.43
C ILE E 390 35.68 20.76 28.35
N GLY E 391 34.56 20.18 28.77
CA GLY E 391 34.43 18.73 28.76
C GLY E 391 34.01 18.22 27.41
N GLN E 392 33.03 18.87 26.80
CA GLN E 392 32.52 18.49 25.49
C GLN E 392 33.54 18.69 24.36
N SER E 393 34.47 19.62 24.56
CA SER E 393 35.47 19.94 23.55
C SER E 393 36.87 19.40 23.79
N ALA E 394 37.36 19.55 25.01
CA ALA E 394 38.70 19.12 25.26
C ALA E 394 38.99 18.00 26.24
N GLU E 395 38.51 18.11 27.47
CA GLU E 395 38.83 17.07 28.46
C GLU E 395 37.96 15.80 28.54
N GLY E 396 36.68 15.89 28.18
CA GLY E 396 35.86 14.69 28.23
C GLY E 396 36.44 13.48 27.51
N ASP E 397 35.77 12.31 27.63
CA ASP E 397 36.22 11.07 26.99
C ASP E 397 35.87 11.10 25.53
N LYS E 398 34.72 11.66 25.21
CA LYS E 398 34.31 11.73 23.82
C LYS E 398 34.50 13.17 23.35
N ALA E 399 35.56 13.81 23.85
CA ALA E 399 35.87 15.18 23.50
C ALA E 399 36.30 15.30 22.05
N TRP E 400 35.90 16.40 21.39
CA TRP E 400 36.26 16.63 19.99
C TRP E 400 37.76 16.47 19.77
N LEU E 401 38.54 17.19 20.55
CA LEU E 401 39.99 17.16 20.45
C LEU E 401 40.59 15.76 20.55
N ARG E 402 39.86 14.81 21.12
CA ARG E 402 40.37 13.45 21.26
C ARG E 402 39.92 12.64 20.08
N TYR E 403 38.81 13.04 19.49
CA TYR E 403 38.24 12.35 18.34
C TYR E 403 38.64 12.84 16.96
N VAL E 404 39.45 13.89 16.85
CA VAL E 404 39.84 14.37 15.51
C VAL E 404 40.72 13.35 14.83
N ALA E 405 40.43 13.06 13.57
CA ALA E 405 41.22 12.09 12.81
C ALA E 405 42.50 12.69 12.23
N GLU E 406 43.37 11.85 11.67
CA GLU E 406 44.62 12.37 11.09
C GLU E 406 44.30 13.24 9.87
N ASP E 407 43.21 12.92 9.20
CA ASP E 407 42.77 13.66 8.03
C ASP E 407 42.07 14.98 8.41
N GLY E 408 42.13 15.33 9.70
CA GLY E 408 41.52 16.56 10.16
C GLY E 408 40.02 16.62 10.02
N LYS E 409 39.36 15.52 10.36
CA LYS E 409 37.91 15.43 10.32
C LYS E 409 37.48 14.61 11.52
N ILE E 410 36.27 14.84 12.00
CA ILE E 410 35.74 14.09 13.12
C ILE E 410 34.66 13.17 12.56
N HIS E 411 34.89 11.87 12.69
CA HIS E 411 33.96 10.88 12.20
C HIS E 411 32.98 10.35 13.23
N GLY E 412 32.19 11.23 13.84
CA GLY E 412 31.23 10.78 14.82
C GLY E 412 30.43 9.65 14.18
N SER E 413 29.98 8.68 14.97
CA SER E 413 29.22 7.57 14.42
C SER E 413 27.74 7.94 14.41
N VAL E 414 26.99 7.30 13.53
CA VAL E 414 25.57 7.56 13.44
C VAL E 414 24.82 6.24 13.34
N ASN E 415 23.75 6.13 14.11
CA ASN E 415 22.92 4.96 14.10
C ASN E 415 21.67 5.42 13.38
N PRO E 416 21.47 4.97 12.13
CA PRO E 416 20.28 5.41 11.41
C PRO E 416 18.93 5.01 12.03
N ASN E 417 18.95 4.34 13.19
CA ASN E 417 17.72 3.97 13.88
C ASN E 417 17.92 4.15 15.39
N GLY E 418 18.00 3.04 16.10
CA GLY E 418 18.23 3.13 17.53
C GLY E 418 17.40 4.11 18.34
N ALA E 419 16.44 4.78 17.72
CA ALA E 419 15.60 5.69 18.47
C ALA E 419 14.33 4.92 18.89
N VAL E 420 13.47 4.62 17.92
CA VAL E 420 12.21 3.88 18.11
C VAL E 420 11.16 4.52 17.24
N THR E 421 11.40 5.78 16.89
CA THR E 421 10.47 6.51 16.07
C THR E 421 11.02 6.64 14.67
N GLY E 422 12.30 6.36 14.52
CA GLY E 422 12.93 6.48 13.21
C GLY E 422 14.14 7.40 13.27
N ARG E 423 14.12 8.27 14.28
CA ARG E 423 15.21 9.21 14.53
C ARG E 423 16.49 8.41 14.66
N ALA E 424 17.60 8.98 14.25
CA ALA E 424 18.86 8.30 14.40
C ALA E 424 19.40 8.69 15.77
N THR E 425 20.52 8.08 16.18
CA THR E 425 21.16 8.40 17.44
C THR E 425 22.61 8.66 17.10
N HIS E 426 23.12 9.81 17.49
CA HIS E 426 24.48 10.15 17.16
C HIS E 426 25.40 9.84 18.35
N ALA E 427 26.69 9.55 18.10
CA ALA E 427 27.61 9.28 19.19
C ALA E 427 29.06 9.09 18.77
N PHE E 428 29.96 9.23 19.73
CA PHE E 428 31.39 9.07 19.55
C PHE E 428 32.05 9.94 18.48
N PRO E 429 32.04 11.27 18.66
CA PRO E 429 31.43 11.95 19.81
C PRO E 429 30.06 12.22 19.28
N ASN E 430 29.17 12.73 20.11
CA ASN E 430 27.83 12.99 19.60
C ASN E 430 27.79 14.33 18.91
N LEU E 431 27.66 14.32 17.59
CA LEU E 431 27.61 15.60 16.87
C LEU E 431 26.18 16.11 16.67
N ALA E 432 25.29 15.85 17.60
CA ALA E 432 23.94 16.35 17.46
C ALA E 432 23.59 17.03 18.78
N GLN E 433 24.65 17.44 19.47
CA GLN E 433 24.53 18.16 20.74
C GLN E 433 25.68 19.16 20.84
N ILE E 434 26.04 19.74 19.71
CA ILE E 434 27.07 20.76 19.72
C ILE E 434 26.28 21.96 20.23
N PRO E 435 26.82 22.71 21.19
CA PRO E 435 25.98 23.86 21.59
C PRO E 435 25.62 24.69 20.36
N GLY E 436 24.44 25.28 20.34
CA GLY E 436 24.05 26.09 19.20
C GLY E 436 24.67 27.45 19.32
N VAL E 437 24.45 28.31 18.34
CA VAL E 437 25.01 29.65 18.36
C VAL E 437 24.39 30.54 19.42
N ARG E 438 23.18 30.18 19.82
CA ARG E 438 22.46 30.93 20.85
C ARG E 438 22.85 30.37 22.21
N SER E 439 24.14 30.07 22.39
CA SER E 439 24.64 29.51 23.64
C SER E 439 26.08 29.91 23.90
N PRO E 440 26.40 30.33 25.14
CA PRO E 440 27.77 30.73 25.47
C PRO E 440 28.78 29.87 24.73
N TYR E 441 29.59 30.49 23.88
CA TYR E 441 30.62 29.80 23.10
C TYR E 441 30.06 28.92 22.01
N GLY E 442 28.74 28.96 21.84
CA GLY E 442 28.12 28.15 20.81
C GLY E 442 28.32 28.79 19.46
N GLU E 443 29.20 29.77 19.41
CA GLU E 443 29.51 30.50 18.19
C GLU E 443 30.85 30.01 17.70
N GLN E 444 31.71 29.70 18.65
CA GLN E 444 33.07 29.23 18.36
C GLN E 444 33.13 27.74 18.06
N CYS E 445 32.23 26.99 18.68
CA CYS E 445 32.15 25.55 18.52
C CYS E 445 31.61 25.24 17.15
N ARG E 446 30.48 25.85 16.82
CA ARG E 446 29.88 25.64 15.53
C ARG E 446 30.81 26.08 14.41
N ALA E 447 31.52 27.18 14.63
CA ALA E 447 32.41 27.67 13.62
C ALA E 447 33.60 26.73 13.37
N ALA E 448 33.79 25.74 14.23
CA ALA E 448 34.92 24.81 14.06
C ALA E 448 34.57 23.56 13.24
N PHE E 449 33.30 23.45 12.90
CA PHE E 449 32.83 22.33 12.11
C PHE E 449 32.39 22.96 10.81
N GLY E 450 33.18 22.81 9.75
CA GLY E 450 32.78 23.41 8.49
C GLY E 450 33.54 22.97 7.25
N ALA E 451 32.89 23.09 6.10
CA ALA E 451 33.49 22.75 4.83
C ALA E 451 34.79 23.50 4.69
N GLU E 452 34.73 24.78 5.05
CA GLU E 452 35.87 25.69 4.97
C GLU E 452 37.13 25.19 5.67
N HIS E 453 37.02 24.08 6.38
CA HIS E 453 38.19 23.56 7.07
C HIS E 453 38.83 22.42 6.30
N HIS E 454 38.29 22.19 5.09
CA HIS E 454 38.82 21.17 4.21
C HIS E 454 39.30 21.80 2.90
N LEU E 455 40.62 21.80 2.73
CA LEU E 455 41.27 22.34 1.54
C LEU E 455 41.16 21.27 0.46
N ASP E 456 40.66 21.65 -0.72
CA ASP E 456 40.50 20.70 -1.82
C ASP E 456 41.73 19.87 -2.18
N GLY E 457 41.46 18.66 -2.66
CA GLY E 457 42.52 17.74 -3.03
C GLY E 457 43.48 18.29 -4.06
N ILE E 458 42.92 18.85 -5.16
CA ILE E 458 43.73 19.42 -6.24
C ILE E 458 43.96 20.91 -6.11
N THR E 459 42.90 21.67 -6.35
CA THR E 459 42.95 23.13 -6.26
C THR E 459 43.50 23.62 -4.92
N GLY E 460 43.53 22.74 -3.92
CA GLY E 460 44.01 23.11 -2.60
C GLY E 460 43.20 24.22 -1.94
N LYS E 461 42.08 24.60 -2.56
CA LYS E 461 41.25 25.67 -2.03
C LYS E 461 40.09 25.17 -1.17
N PRO E 462 39.71 25.94 -0.13
CA PRO E 462 38.63 25.61 0.80
C PRO E 462 37.30 25.29 0.13
N TRP E 463 36.56 24.36 0.72
CA TRP E 463 35.26 23.98 0.18
C TRP E 463 34.25 24.97 0.76
N VAL E 464 32.97 24.79 0.41
CA VAL E 464 31.89 25.63 0.90
C VAL E 464 30.83 24.70 1.46
N GLN E 465 30.24 25.10 2.58
CA GLN E 465 29.23 24.29 3.22
C GLN E 465 27.82 24.69 2.81
N ALA E 466 26.90 23.73 2.82
CA ALA E 466 25.53 24.03 2.46
C ALA E 466 24.55 23.45 3.48
N GLY E 467 24.05 24.30 4.36
CA GLY E 467 23.12 23.83 5.37
C GLY E 467 21.66 23.89 4.93
N ILE E 468 21.06 22.73 4.75
CA ILE E 468 19.64 22.67 4.36
C ILE E 468 18.86 22.10 5.54
N ASP E 469 17.68 22.65 5.81
CA ASP E 469 16.85 22.21 6.92
C ASP E 469 15.38 22.24 6.57
N ALA E 470 14.60 21.36 7.17
CA ALA E 470 13.16 21.27 6.91
C ALA E 470 12.37 22.29 7.72
N SER E 471 11.61 23.11 7.03
CA SER E 471 10.82 24.15 7.68
C SER E 471 9.55 23.63 8.33
N GLY E 472 9.44 23.86 9.63
CA GLY E 472 8.28 23.46 10.41
C GLY E 472 7.80 22.03 10.29
N LEU E 473 8.68 21.15 9.89
CA LEU E 473 8.32 19.75 9.72
C LEU E 473 7.42 19.22 10.83
N GLU E 474 7.55 19.77 12.03
CA GLU E 474 6.78 19.33 13.17
C GLU E 474 5.31 19.69 13.04
N LEU E 475 5.03 20.98 13.15
CA LEU E 475 3.66 21.49 13.06
C LEU E 475 2.95 20.92 11.83
N ARG E 476 3.73 20.72 10.76
CA ARG E 476 3.20 20.19 9.53
C ARG E 476 2.75 18.74 9.65
N CYS E 477 3.53 17.89 10.30
CA CYS E 477 3.12 16.51 10.44
C CYS E 477 1.77 16.45 11.17
N LEU E 478 1.48 17.49 11.95
CA LEU E 478 0.23 17.56 12.68
C LEU E 478 -0.86 17.96 11.70
N ALA E 479 -0.59 19.01 10.93
CA ALA E 479 -1.52 19.52 9.93
C ALA E 479 -2.03 18.35 9.15
N HIS E 480 -1.13 17.77 8.35
CA HIS E 480 -1.43 16.62 7.52
C HIS E 480 -2.31 15.63 8.25
N PHE E 481 -1.80 15.06 9.34
CA PHE E 481 -2.55 14.08 10.10
C PHE E 481 -3.91 14.51 10.59
N MET E 482 -4.07 15.80 10.88
CA MET E 482 -5.36 16.29 11.36
C MET E 482 -6.19 16.95 10.27
N ALA E 483 -5.86 16.62 9.03
CA ALA E 483 -6.57 17.15 7.85
C ALA E 483 -7.77 16.25 7.56
N ARG E 484 -7.67 15.00 7.96
CA ARG E 484 -8.74 14.02 7.77
C ARG E 484 -9.87 14.45 8.69
N PHE E 485 -9.69 15.62 9.29
CA PHE E 485 -10.66 16.20 10.20
C PHE E 485 -10.83 17.67 9.90
N ASP E 486 -9.71 18.38 9.71
CA ASP E 486 -9.73 19.82 9.41
C ASP E 486 -9.97 20.08 7.92
N ASN E 487 -9.72 19.06 7.10
CA ASN E 487 -9.87 19.14 5.64
C ASN E 487 -9.08 20.29 5.03
N GLY E 488 -7.85 20.47 5.49
CA GLY E 488 -7.00 21.52 4.95
C GLY E 488 -6.83 22.77 5.80
N GLU E 489 -7.51 22.79 6.94
CA GLU E 489 -7.47 23.94 7.84
C GLU E 489 -6.06 24.40 8.20
N TYR E 490 -5.47 23.75 9.20
CA TYR E 490 -4.13 24.10 9.65
C TYR E 490 -3.18 23.99 8.47
N ALA E 491 -3.40 22.98 7.64
CA ALA E 491 -2.58 22.77 6.45
C ALA E 491 -2.39 24.11 5.72
N HIS E 492 -3.51 24.70 5.30
CA HIS E 492 -3.50 25.97 4.59
C HIS E 492 -3.02 27.08 5.50
N GLU E 493 -3.53 27.12 6.72
CA GLU E 493 -3.12 28.15 7.65
C GLU E 493 -1.60 28.19 7.71
N ILE E 494 -1.00 27.05 8.04
CA ILE E 494 0.45 26.92 8.13
C ILE E 494 1.21 27.43 6.90
N LEU E 495 0.57 27.40 5.74
CA LEU E 495 1.26 27.85 4.54
C LEU E 495 0.78 29.14 3.88
N ASN E 496 -0.47 29.17 3.39
CA ASN E 496 -1.01 30.34 2.71
C ASN E 496 -1.49 31.48 3.61
N GLY E 497 -1.08 31.46 4.88
CA GLY E 497 -1.48 32.51 5.81
C GLY E 497 -0.58 32.54 7.03
N ASP E 498 -1.17 32.30 8.21
CA ASP E 498 -0.41 32.29 9.46
C ASP E 498 -0.92 31.14 10.33
N ILE E 499 -0.04 30.58 11.14
CA ILE E 499 -0.42 29.46 12.01
C ILE E 499 -0.45 29.81 13.49
N HIS E 500 0.64 30.40 13.98
CA HIS E 500 0.73 30.73 15.40
C HIS E 500 -0.37 31.61 15.97
N THR E 501 -0.73 32.70 15.28
CA THR E 501 -1.79 33.56 15.80
C THR E 501 -3.06 32.76 15.97
N LYS E 502 -3.31 31.82 15.06
CA LYS E 502 -4.50 30.99 15.17
C LYS E 502 -4.38 30.22 16.48
N ASN E 503 -3.15 29.79 16.79
CA ASN E 503 -2.89 29.06 18.03
C ASN E 503 -3.06 30.04 19.18
N GLN E 504 -2.35 31.16 19.10
CA GLN E 504 -2.40 32.19 20.12
C GLN E 504 -3.86 32.51 20.45
N ILE E 505 -4.72 32.42 19.45
CA ILE E 505 -6.15 32.69 19.62
C ILE E 505 -6.80 31.39 20.06
N ALA E 506 -6.34 30.29 19.47
CA ALA E 506 -6.87 28.97 19.80
C ALA E 506 -6.94 28.89 21.31
N ALA E 507 -5.78 28.89 21.95
CA ALA E 507 -5.73 28.86 23.39
C ALA E 507 -5.81 30.31 23.85
N GLU E 508 -6.65 30.61 24.84
CA GLU E 508 -6.76 31.99 25.30
C GLU E 508 -5.43 32.43 25.88
N LEU E 509 -4.58 32.96 25.01
CA LEU E 509 -3.25 33.42 25.41
C LEU E 509 -3.04 34.89 25.10
N PRO E 510 -2.02 35.50 25.71
CA PRO E 510 -1.66 36.91 25.53
C PRO E 510 -0.76 37.20 24.34
N THR E 511 0.50 36.78 24.42
CA THR E 511 1.47 37.03 23.36
C THR E 511 1.62 35.87 22.38
N ARG E 512 1.97 36.19 21.13
CA ARG E 512 2.16 35.19 20.09
C ARG E 512 3.32 34.27 20.43
N ASP E 513 4.48 34.85 20.71
CA ASP E 513 5.67 34.09 21.07
C ASP E 513 5.38 33.07 22.18
N ASN E 514 4.36 33.36 22.98
CA ASN E 514 3.97 32.45 24.05
C ASN E 514 3.34 31.24 23.40
N ALA E 515 2.48 31.49 22.42
CA ALA E 515 1.82 30.43 21.69
C ALA E 515 2.83 29.56 20.95
N LYS E 516 3.90 30.19 20.46
CA LYS E 516 4.96 29.46 19.74
C LYS E 516 5.63 28.43 20.66
N THR E 517 5.55 28.69 21.95
CA THR E 517 6.12 27.81 22.96
C THR E 517 5.05 26.79 23.32
N PHE E 518 3.87 27.29 23.67
CA PHE E 518 2.74 26.45 24.05
C PHE E 518 2.54 25.27 23.11
N ILE E 519 2.59 25.54 21.82
CA ILE E 519 2.38 24.49 20.83
C ILE E 519 3.58 23.54 20.70
N TYR E 520 4.70 24.06 20.20
CA TYR E 520 5.89 23.25 19.99
C TYR E 520 6.32 22.52 21.24
N GLY E 521 5.52 22.68 22.30
CA GLY E 521 5.82 22.00 23.54
C GLY E 521 4.58 21.29 24.04
N PHE E 522 4.13 20.28 23.30
CA PHE E 522 2.93 19.53 23.69
C PHE E 522 2.50 18.54 22.62
N LYS E 530 4.41 22.16 33.48
CA LYS E 530 5.38 23.11 32.87
C LYS E 530 4.67 24.04 31.90
N ILE E 531 3.37 23.82 31.70
CA ILE E 531 2.58 24.65 30.79
C ILE E 531 2.14 25.92 31.49
N GLY E 532 1.34 25.76 32.54
CA GLY E 532 0.87 26.90 33.30
C GLY E 532 2.04 27.82 33.58
N GLN E 533 3.11 27.26 34.10
CA GLN E 533 4.30 28.04 34.42
C GLN E 533 4.65 28.89 33.19
N ILE E 534 4.80 28.24 32.04
CA ILE E 534 5.16 28.92 30.79
C ILE E 534 4.31 30.15 30.47
N VAL E 535 3.16 30.27 31.12
CA VAL E 535 2.27 31.41 30.91
C VAL E 535 2.28 32.36 32.11
N GLY E 536 2.61 31.83 33.27
CA GLY E 536 2.65 32.65 34.48
C GLY E 536 2.38 31.80 35.71
N ALA E 537 1.18 31.24 35.79
CA ALA E 537 0.76 30.40 36.90
C ALA E 537 1.62 29.14 37.08
N GLY E 538 0.97 28.03 37.41
CA GLY E 538 1.70 26.80 37.61
C GLY E 538 0.91 25.51 37.53
N LYS E 539 -0.42 25.61 37.46
CA LYS E 539 -1.26 24.42 37.38
C LYS E 539 -2.61 24.67 36.73
N GLU E 540 -3.53 25.29 37.46
CA GLU E 540 -4.88 25.57 36.95
C GLU E 540 -4.90 26.20 35.56
N ARG E 541 -4.30 27.38 35.41
CA ARG E 541 -4.31 28.05 34.11
C ARG E 541 -3.67 27.17 33.04
N GLY E 542 -2.65 26.38 33.43
CA GLY E 542 -2.03 25.48 32.47
C GLY E 542 -3.04 24.43 32.08
N LYS E 543 -3.59 23.74 33.08
CA LYS E 543 -4.59 22.68 32.89
C LYS E 543 -5.97 23.29 32.64
N GLU E 544 -5.98 24.40 31.91
CA GLU E 544 -7.20 25.11 31.55
C GLU E 544 -6.99 25.57 30.12
N LEU E 545 -5.74 25.87 29.79
CA LEU E 545 -5.38 26.30 28.46
C LEU E 545 -5.53 25.12 27.51
N LYS E 546 -4.97 23.98 27.89
CA LYS E 546 -5.08 22.78 27.07
C LYS E 546 -6.55 22.60 26.74
N LYS E 547 -7.40 23.03 27.67
CA LYS E 547 -8.84 22.92 27.48
C LYS E 547 -9.31 23.85 26.37
N LYS E 548 -9.12 25.15 26.57
CA LYS E 548 -9.55 26.15 25.59
C LYS E 548 -8.86 25.94 24.24
N PHE E 549 -7.65 25.40 24.27
CA PHE E 549 -6.91 25.14 23.05
C PHE E 549 -7.45 23.91 22.33
N LEU E 550 -7.59 22.82 23.09
CA LEU E 550 -8.12 21.58 22.53
C LEU E 550 -9.66 21.66 22.58
N GLU E 551 -10.17 22.88 22.46
CA GLU E 551 -11.62 23.14 22.47
C GLU E 551 -11.95 24.01 21.27
N ASN E 552 -11.12 25.00 20.99
CA ASN E 552 -11.33 25.90 19.85
C ASN E 552 -10.57 25.35 18.63
N THR E 553 -9.97 24.18 18.81
CA THR E 553 -9.25 23.47 17.75
C THR E 553 -9.58 21.99 17.97
N PRO E 554 -10.80 21.59 17.58
CA PRO E 554 -11.32 20.22 17.71
C PRO E 554 -10.59 19.21 16.86
N ALA E 555 -9.86 19.70 15.85
CA ALA E 555 -9.10 18.84 14.96
C ALA E 555 -8.00 18.06 15.72
N ILE E 556 -7.20 18.75 16.54
CA ILE E 556 -6.16 18.09 17.31
C ILE E 556 -6.85 17.18 18.30
N ALA E 557 -8.06 17.58 18.67
CA ALA E 557 -8.88 16.84 19.59
C ALA E 557 -9.38 15.60 18.87
N ALA E 558 -9.66 15.79 17.58
CA ALA E 558 -10.16 14.72 16.72
C ALA E 558 -9.09 13.65 16.57
N LEU E 559 -7.91 14.11 16.16
CA LEU E 559 -6.74 13.25 15.99
C LEU E 559 -6.59 12.39 17.24
N ARG E 560 -6.26 13.06 18.34
CA ARG E 560 -6.06 12.43 19.64
C ARG E 560 -7.04 11.28 19.93
N GLU E 561 -8.32 11.56 19.69
CA GLU E 561 -9.37 10.59 19.93
C GLU E 561 -9.28 9.39 19.00
N SER E 562 -9.14 9.68 17.70
CA SER E 562 -9.05 8.62 16.69
C SER E 562 -7.92 7.62 16.98
N ILE E 563 -6.83 8.08 17.59
CA ILE E 563 -5.72 7.19 17.91
C ILE E 563 -6.03 6.31 19.11
N GLN E 564 -6.39 6.94 20.22
CA GLN E 564 -6.74 6.20 21.41
C GLN E 564 -7.66 5.06 20.96
N GLN E 565 -8.52 5.38 19.98
CA GLN E 565 -9.48 4.43 19.43
C GLN E 565 -8.79 3.25 18.75
N THR E 566 -7.62 3.49 18.18
CA THR E 566 -6.88 2.43 17.50
C THR E 566 -5.63 2.06 18.29
N LEU E 567 -5.84 1.54 19.49
CA LEU E 567 -4.73 1.13 20.35
C LEU E 567 -5.30 0.78 21.72
N VAL E 568 -6.25 1.59 22.17
CA VAL E 568 -6.87 1.38 23.47
C VAL E 568 -8.23 0.66 23.37
N GLU E 569 -8.45 -0.30 24.28
CA GLU E 569 -9.68 -1.07 24.32
C GLU E 569 -9.66 -2.07 25.47
N LYS E 581 -4.83 -2.76 28.69
CA LYS E 581 -6.03 -3.03 27.82
C LYS E 581 -5.73 -2.69 26.35
N TRP E 582 -4.60 -3.20 25.85
CA TRP E 582 -4.16 -2.92 24.48
C TRP E 582 -4.71 -3.80 23.36
N LYS E 583 -4.75 -3.22 22.17
CA LYS E 583 -5.17 -3.89 20.94
C LYS E 583 -3.87 -4.00 20.13
N ARG E 584 -3.41 -2.87 19.58
CA ARG E 584 -2.16 -2.80 18.82
C ARG E 584 -1.26 -1.91 19.67
N ARG E 585 -0.28 -2.52 20.32
CA ARG E 585 0.66 -1.78 21.19
C ARG E 585 1.61 -0.93 20.36
N TRP E 586 1.28 -0.75 19.09
CA TRP E 586 2.13 0.01 18.19
C TRP E 586 1.34 0.88 17.22
N ILE E 587 2.05 1.48 16.26
CA ILE E 587 1.44 2.36 15.27
C ILE E 587 2.10 2.09 13.93
N LYS E 588 1.53 2.58 12.84
CA LYS E 588 2.14 2.35 11.54
C LYS E 588 2.78 3.64 11.09
N GLY E 589 4.02 3.54 10.59
CA GLY E 589 4.72 4.74 10.15
C GLY E 589 4.54 5.06 8.68
N LEU E 590 4.79 6.31 8.29
CA LEU E 590 4.64 6.75 6.89
C LEU E 590 5.17 5.77 5.83
N ASP E 591 6.15 4.93 6.18
CA ASP E 591 6.65 3.98 5.20
C ASP E 591 6.06 2.57 5.35
N GLY E 592 5.48 2.26 6.50
CA GLY E 592 4.87 0.95 6.70
C GLY E 592 5.31 0.30 7.98
N ARG E 593 6.53 0.64 8.38
CA ARG E 593 7.12 0.10 9.60
C ARG E 593 6.17 0.16 10.78
N LYS E 594 6.40 -0.70 11.76
CA LYS E 594 5.61 -0.69 12.98
C LYS E 594 6.36 0.32 13.81
N VAL E 595 5.64 1.08 14.63
CA VAL E 595 6.27 2.08 15.48
C VAL E 595 5.70 1.89 16.85
N HIS E 596 6.34 1.04 17.64
CA HIS E 596 5.85 0.77 18.96
C HIS E 596 5.56 2.05 19.71
N VAL E 597 4.67 1.98 20.68
CA VAL E 597 4.29 3.14 21.48
C VAL E 597 4.35 2.80 22.96
N ARG E 598 5.10 3.61 23.71
CA ARG E 598 5.28 3.41 25.14
C ARG E 598 4.00 3.55 25.96
N SER E 599 3.29 4.65 25.77
CA SER E 599 2.06 4.93 26.53
C SER E 599 0.99 5.69 25.75
N PRO E 600 -0.27 5.50 26.14
CA PRO E 600 -1.39 6.17 25.49
C PRO E 600 -1.23 7.69 25.38
N HIS E 601 -0.65 8.32 26.40
CA HIS E 601 -0.46 9.77 26.39
C HIS E 601 0.64 10.19 25.42
N ALA E 602 1.58 9.29 25.16
CA ALA E 602 2.67 9.57 24.23
C ALA E 602 2.22 9.27 22.79
N ALA E 603 1.14 8.51 22.67
CA ALA E 603 0.62 8.16 21.37
C ALA E 603 0.82 9.26 20.31
N LEU E 604 0.14 10.40 20.47
CA LEU E 604 0.25 11.46 19.45
C LEU E 604 1.63 11.99 19.10
N ASN E 605 2.47 12.28 20.08
CA ASN E 605 3.81 12.77 19.75
C ASN E 605 4.55 11.71 18.97
N THR E 606 4.48 10.47 19.46
CA THR E 606 5.12 9.35 18.80
C THR E 606 4.76 9.48 17.33
N LEU E 607 3.47 9.32 17.04
CA LEU E 607 2.98 9.40 15.67
C LEU E 607 3.59 10.60 14.96
N LEU E 608 3.71 11.71 15.67
CA LEU E 608 4.23 12.90 15.02
C LEU E 608 5.74 12.93 14.86
N GLN E 609 6.48 12.49 15.88
CA GLN E 609 7.93 12.52 15.75
C GLN E 609 8.34 11.57 14.64
N SER E 610 7.69 10.41 14.60
CA SER E 610 7.99 9.41 13.59
C SER E 610 7.81 10.00 12.21
N ALA E 611 6.60 10.47 11.91
CA ALA E 611 6.31 11.04 10.60
C ALA E 611 7.39 12.02 10.09
N GLY E 612 7.83 12.93 10.94
CA GLY E 612 8.84 13.88 10.53
C GLY E 612 10.20 13.21 10.43
N ALA E 613 10.37 12.12 11.17
CA ALA E 613 11.62 11.38 11.17
C ALA E 613 11.85 10.78 9.79
N LEU E 614 10.96 9.85 9.44
CA LEU E 614 10.98 9.16 8.16
C LEU E 614 10.97 10.15 7.03
N ILE E 615 10.21 11.21 7.20
CA ILE E 615 10.15 12.24 6.20
C ILE E 615 11.56 12.72 5.85
N CYS E 616 12.41 12.87 6.85
CA CYS E 616 13.77 13.33 6.59
C CYS E 616 14.65 12.20 6.10
N LYS E 617 14.60 11.06 6.79
CA LYS E 617 15.39 9.91 6.39
C LYS E 617 15.20 9.75 4.89
N LEU E 618 13.94 9.69 4.46
CA LEU E 618 13.64 9.54 3.04
C LEU E 618 14.12 10.72 2.24
N TRP E 619 14.05 11.91 2.84
CA TRP E 619 14.48 13.13 2.16
C TRP E 619 15.99 13.16 1.83
N ILE E 620 16.84 12.97 2.83
CA ILE E 620 18.29 12.97 2.57
C ILE E 620 18.68 11.87 1.60
N ILE E 621 17.85 10.84 1.51
CA ILE E 621 18.11 9.74 0.60
C ILE E 621 17.88 10.18 -0.83
N LYS E 622 16.72 10.79 -1.05
CA LYS E 622 16.36 11.28 -2.37
C LYS E 622 17.36 12.38 -2.76
N THR E 623 17.55 13.33 -1.86
CA THR E 623 18.46 14.43 -2.12
C THR E 623 19.75 13.95 -2.74
N GLU E 624 20.54 13.16 -2.00
CA GLU E 624 21.79 12.67 -2.54
C GLU E 624 21.55 12.00 -3.88
N GLU E 625 20.63 11.04 -3.91
CA GLU E 625 20.31 10.31 -5.15
C GLU E 625 20.20 11.29 -6.31
N MET E 626 19.30 12.26 -6.16
CA MET E 626 19.08 13.28 -7.19
C MET E 626 20.38 14.00 -7.58
N LEU E 627 21.18 14.35 -6.57
CA LEU E 627 22.44 15.03 -6.79
C LEU E 627 23.36 14.19 -7.64
N VAL E 628 23.05 12.89 -7.72
CA VAL E 628 23.84 11.95 -8.49
C VAL E 628 23.23 11.78 -9.87
N GLU E 629 21.91 11.70 -9.91
CA GLU E 629 21.20 11.54 -11.18
C GLU E 629 21.29 12.85 -11.98
N LYS E 630 22.06 13.81 -11.46
CA LYS E 630 22.28 15.09 -12.13
C LYS E 630 23.68 15.09 -12.74
N GLY E 631 24.65 14.57 -12.00
CA GLY E 631 26.01 14.51 -12.52
C GLY E 631 27.11 14.65 -11.48
N LEU E 632 26.75 15.01 -10.25
CA LEU E 632 27.74 15.19 -9.19
C LEU E 632 28.12 13.87 -8.48
N LYS E 633 29.38 13.79 -8.06
CA LYS E 633 29.89 12.60 -7.38
C LYS E 633 30.06 12.86 -5.89
N HIS E 634 29.53 11.96 -5.07
CA HIS E 634 29.59 12.08 -3.60
C HIS E 634 30.94 11.60 -3.10
N GLY E 635 31.59 12.43 -2.31
CA GLY E 635 32.89 12.06 -1.78
C GLY E 635 33.78 13.28 -1.72
N TRP E 636 34.90 13.20 -1.02
CA TRP E 636 35.80 14.34 -0.94
C TRP E 636 36.44 14.59 -2.28
N ASP E 637 36.76 13.50 -2.97
CA ASP E 637 37.41 13.58 -4.26
C ASP E 637 36.41 13.92 -5.37
N GLY E 638 35.15 14.10 -5.00
CA GLY E 638 34.13 14.42 -5.97
C GLY E 638 33.74 15.89 -6.05
N ASP E 639 32.46 16.15 -5.91
CA ASP E 639 31.95 17.51 -5.98
C ASP E 639 31.28 17.92 -4.66
N PHE E 640 30.65 16.96 -3.99
CA PHE E 640 29.98 17.21 -2.71
C PHE E 640 30.17 16.05 -1.75
N ALA E 641 29.85 16.28 -0.48
CA ALA E 641 30.00 15.24 0.53
C ALA E 641 29.12 15.51 1.74
N TYR E 642 28.46 14.46 2.23
CA TYR E 642 27.61 14.61 3.40
C TYR E 642 28.50 14.66 4.62
N MET E 643 28.30 15.67 5.46
CA MET E 643 29.08 15.84 6.68
C MET E 643 28.26 15.63 7.95
N ALA E 644 26.96 15.90 7.89
CA ALA E 644 26.15 15.74 9.08
C ALA E 644 24.65 15.78 8.84
N TRP E 645 23.91 15.07 9.68
CA TRP E 645 22.46 15.03 9.61
C TRP E 645 21.83 14.97 10.99
N VAL E 646 21.40 16.12 11.45
CA VAL E 646 20.79 16.28 12.75
C VAL E 646 19.26 16.41 12.72
N HIS E 647 18.59 15.28 12.55
CA HIS E 647 17.14 15.24 12.52
C HIS E 647 16.54 15.95 11.35
N ASP E 648 16.13 17.20 11.51
CA ASP E 648 15.54 17.88 10.38
C ASP E 648 16.49 18.76 9.58
N GLU E 649 17.79 18.51 9.69
CA GLU E 649 18.73 19.31 8.94
C GLU E 649 19.92 18.51 8.43
N ILE E 650 20.61 19.05 7.43
CA ILE E 650 21.77 18.40 6.86
C ILE E 650 22.79 19.44 6.47
N GLN E 651 24.05 19.12 6.71
CA GLN E 651 25.17 19.99 6.40
C GLN E 651 26.03 19.37 5.32
N VAL E 652 25.71 19.64 4.07
CA VAL E 652 26.47 19.09 2.95
C VAL E 652 27.68 19.97 2.60
N GLY E 653 28.77 19.32 2.22
CA GLY E 653 29.97 20.02 1.82
C GLY E 653 30.04 20.06 0.29
N CYS E 654 30.22 21.24 -0.26
CA CYS E 654 30.27 21.43 -1.71
C CYS E 654 31.64 21.96 -2.14
N ARG E 655 32.18 21.43 -3.23
CA ARG E 655 33.50 21.85 -3.71
C ARG E 655 33.52 23.29 -4.27
N THR E 656 32.38 23.73 -4.80
CA THR E 656 32.24 25.06 -5.38
C THR E 656 30.88 25.66 -5.03
N GLU E 657 30.88 26.97 -4.80
CA GLU E 657 29.66 27.70 -4.45
C GLU E 657 28.54 27.34 -5.44
N GLU E 658 28.92 27.08 -6.69
CA GLU E 658 27.97 26.70 -7.73
C GLU E 658 27.27 25.42 -7.34
N ILE E 659 28.07 24.37 -7.12
CA ILE E 659 27.53 23.07 -6.72
C ILE E 659 26.68 23.28 -5.46
N ALA E 660 27.24 24.06 -4.53
CA ALA E 660 26.58 24.38 -3.28
C ALA E 660 25.15 24.85 -3.47
N GLN E 661 24.94 25.73 -4.44
CA GLN E 661 23.62 26.28 -4.69
C GLN E 661 22.68 25.22 -5.29
N VAL E 662 23.24 24.28 -6.04
CA VAL E 662 22.43 23.24 -6.67
C VAL E 662 21.88 22.32 -5.59
N VAL E 663 22.76 21.90 -4.69
CA VAL E 663 22.39 21.03 -3.59
C VAL E 663 21.22 21.67 -2.85
N ILE E 664 21.38 22.94 -2.50
CA ILE E 664 20.36 23.70 -1.78
C ILE E 664 19.03 23.61 -2.51
N GLU E 665 19.10 23.57 -3.84
CA GLU E 665 17.91 23.51 -4.66
C GLU E 665 17.49 22.06 -4.86
N THR E 666 18.47 21.16 -4.92
CA THR E 666 18.19 19.74 -5.10
C THR E 666 17.50 19.24 -3.85
N ALA E 667 17.96 19.78 -2.73
CA ALA E 667 17.40 19.44 -1.44
C ALA E 667 15.91 19.80 -1.47
N GLN E 668 15.58 20.85 -2.20
CA GLN E 668 14.20 21.31 -2.29
C GLN E 668 13.29 20.29 -2.98
N GLU E 669 13.55 20.04 -4.26
CA GLU E 669 12.78 19.09 -5.04
C GLU E 669 12.55 17.82 -4.22
N ALA E 670 13.66 17.19 -3.84
CA ALA E 670 13.67 15.96 -3.04
C ALA E 670 12.59 15.96 -1.99
N MET E 671 12.57 17.02 -1.20
CA MET E 671 11.58 17.17 -0.13
C MET E 671 10.18 17.15 -0.73
N ARG E 672 9.96 18.05 -1.69
CA ARG E 672 8.67 18.14 -2.36
C ARG E 672 8.26 16.75 -2.84
N TRP E 673 9.23 16.03 -3.40
CA TRP E 673 9.02 14.67 -3.91
C TRP E 673 8.46 13.80 -2.79
N VAL E 674 9.22 13.73 -1.72
CA VAL E 674 8.84 12.96 -0.55
C VAL E 674 7.40 13.27 -0.18
N GLY E 675 6.95 14.47 -0.55
CA GLY E 675 5.59 14.89 -0.25
C GLY E 675 4.56 14.14 -1.08
N ASP E 676 4.68 14.25 -2.40
CA ASP E 676 3.77 13.56 -3.29
C ASP E 676 3.87 12.07 -3.00
N HIS E 677 5.11 11.60 -2.89
CA HIS E 677 5.32 10.18 -2.62
C HIS E 677 4.51 9.66 -1.44
N TRP E 678 4.33 10.42 -0.37
CA TRP E 678 3.56 9.88 0.74
C TRP E 678 2.19 10.51 0.88
N ASN E 679 1.77 11.15 -0.21
CA ASN E 679 0.48 11.80 -0.28
C ASN E 679 0.28 12.70 0.91
N PHE E 680 1.31 13.50 1.22
CA PHE E 680 1.22 14.41 2.33
C PHE E 680 0.16 15.44 1.97
N ARG E 681 -0.67 15.83 2.94
CA ARG E 681 -1.73 16.79 2.71
C ARG E 681 -1.28 18.23 3.00
N CYS E 682 -0.02 18.40 3.36
CA CYS E 682 0.52 19.72 3.65
C CYS E 682 1.87 19.89 2.97
N LEU E 683 1.91 20.70 1.91
CA LEU E 683 3.16 20.94 1.20
C LEU E 683 4.30 21.11 2.20
N LEU E 684 5.36 20.31 2.04
CA LEU E 684 6.52 20.38 2.92
C LEU E 684 7.57 21.24 2.24
N ASP E 685 8.49 21.77 3.01
CA ASP E 685 9.53 22.63 2.44
C ASP E 685 10.84 22.57 3.19
N THR E 686 11.81 23.32 2.68
CA THR E 686 13.15 23.40 3.23
C THR E 686 13.66 24.81 2.98
N GLU E 687 14.65 25.25 3.75
CA GLU E 687 15.20 26.58 3.58
C GLU E 687 16.71 26.42 3.51
N GLY E 688 17.31 26.81 2.39
CA GLY E 688 18.75 26.65 2.27
C GLY E 688 19.56 27.84 2.74
N LYS E 689 20.85 27.59 2.93
CA LYS E 689 21.79 28.61 3.35
C LYS E 689 23.19 28.13 3.02
N MET E 690 23.98 28.99 2.39
CA MET E 690 25.34 28.64 2.01
C MET E 690 26.34 29.39 2.89
N GLY E 691 27.47 28.74 3.18
CA GLY E 691 28.47 29.35 4.02
C GLY E 691 29.71 28.48 4.20
N PRO E 692 30.66 28.92 5.03
CA PRO E 692 31.91 28.24 5.33
C PRO E 692 31.86 27.19 6.46
N ASN E 693 31.01 27.42 7.46
CA ASN E 693 30.91 26.51 8.59
C ASN E 693 29.51 26.44 9.18
N TRP E 694 29.28 25.40 9.98
CA TRP E 694 28.00 25.13 10.65
C TRP E 694 27.43 26.34 11.38
N ALA E 695 28.33 27.23 11.77
CA ALA E 695 27.97 28.43 12.52
C ALA E 695 27.23 29.48 11.70
N ILE E 696 27.66 29.62 10.46
CA ILE E 696 27.06 30.61 9.57
C ILE E 696 25.92 30.03 8.75
N CYS E 697 25.81 28.70 8.75
CA CYS E 697 24.75 28.02 8.00
C CYS E 697 23.57 27.74 8.89
N HIS E 698 23.46 28.49 9.99
CA HIS E 698 22.37 28.34 10.95
C HIS E 698 22.44 29.42 12.04
N LYS F 3 37.41 30.11 82.43
CA LYS F 3 38.38 29.01 82.69
C LYS F 3 39.25 28.67 81.47
N ILE F 4 38.65 28.05 80.46
CA ILE F 4 39.34 27.64 79.25
C ILE F 4 39.20 28.65 78.12
N ILE F 5 40.30 28.89 77.40
CA ILE F 5 40.34 29.83 76.27
C ILE F 5 39.63 29.34 75.01
N HIS F 6 38.90 30.23 74.34
CA HIS F 6 38.18 29.89 73.13
C HIS F 6 38.65 30.73 71.93
N LEU F 7 39.81 30.34 71.39
CA LEU F 7 40.46 30.98 70.25
C LEU F 7 39.58 31.17 69.03
N THR F 8 40.13 31.88 68.05
CA THR F 8 39.46 32.13 66.77
C THR F 8 40.54 32.29 65.72
N ASP F 9 40.20 32.11 64.45
CA ASP F 9 41.19 32.27 63.40
C ASP F 9 41.98 33.55 63.65
N ASP F 10 41.27 34.66 63.78
CA ASP F 10 41.90 35.97 63.99
C ASP F 10 42.60 36.14 65.34
N SER F 11 42.09 35.46 66.35
CA SER F 11 42.63 35.53 67.70
C SER F 11 43.85 34.65 67.94
N PHE F 12 43.90 33.52 67.24
CA PHE F 12 44.98 32.55 67.38
C PHE F 12 46.38 33.13 67.55
N ASP F 13 46.84 33.93 66.60
CA ASP F 13 48.20 34.48 66.69
C ASP F 13 48.55 35.08 68.05
N THR F 14 48.10 36.31 68.30
CA THR F 14 48.39 37.00 69.56
C THR F 14 47.85 36.32 70.81
N ASP F 15 47.20 35.17 70.66
CA ASP F 15 46.64 34.51 71.83
C ASP F 15 47.32 33.21 72.26
N VAL F 16 47.85 32.48 71.29
CA VAL F 16 48.54 31.23 71.54
C VAL F 16 50.00 31.40 71.13
N LEU F 17 50.22 31.90 69.91
CA LEU F 17 51.57 32.09 69.39
C LEU F 17 52.49 32.95 70.23
N LYS F 18 52.00 34.09 70.71
CA LYS F 18 52.83 34.98 71.52
C LYS F 18 52.50 34.91 73.00
N ALA F 19 51.88 33.80 73.40
CA ALA F 19 51.49 33.60 74.78
C ALA F 19 52.68 33.55 75.72
N ASP F 20 53.86 33.28 75.18
CA ASP F 20 55.08 33.19 75.98
C ASP F 20 55.02 31.99 76.93
N GLY F 21 53.81 31.71 77.44
CA GLY F 21 53.62 30.58 78.31
C GLY F 21 53.38 29.33 77.49
N ALA F 22 52.81 28.30 78.11
CA ALA F 22 52.52 27.05 77.40
C ALA F 22 51.02 26.91 77.17
N ILE F 23 50.63 26.81 75.91
CA ILE F 23 49.23 26.68 75.56
C ILE F 23 49.02 25.36 74.82
N LEU F 24 48.17 24.51 75.39
CA LEU F 24 47.86 23.24 74.78
C LEU F 24 46.64 23.48 73.88
N VAL F 25 46.87 23.83 72.61
CA VAL F 25 45.74 24.09 71.72
C VAL F 25 45.06 22.80 71.26
N ASP F 26 43.73 22.83 71.30
CA ASP F 26 42.93 21.68 70.91
C ASP F 26 41.99 21.91 69.73
N PHE F 27 42.41 21.48 68.55
CA PHE F 27 41.59 21.62 67.37
C PHE F 27 40.45 20.62 67.51
N TRP F 28 39.22 21.01 67.20
CA TRP F 28 38.11 20.09 67.35
C TRP F 28 36.89 20.37 66.47
N ALA F 29 35.78 19.71 66.77
CA ALA F 29 34.54 19.89 66.01
C ALA F 29 33.41 19.16 66.72
N GLU F 30 32.26 19.80 66.86
CA GLU F 30 31.11 19.20 67.55
C GLU F 30 30.60 17.90 66.92
N TRP F 31 31.20 17.47 65.82
CA TRP F 31 30.75 16.24 65.16
C TRP F 31 31.62 15.04 65.43
N CYS F 32 32.78 15.29 66.01
CA CYS F 32 33.73 14.23 66.32
C CYS F 32 33.47 13.69 67.72
N GLY F 33 33.17 12.39 67.81
CA GLY F 33 32.91 11.79 69.11
C GLY F 33 34.09 11.99 70.04
N PRO F 34 35.25 11.42 69.70
CA PRO F 34 36.46 11.55 70.50
C PRO F 34 36.74 12.99 70.93
N CYS F 35 36.49 13.96 70.05
CA CYS F 35 36.72 15.36 70.41
C CYS F 35 35.82 15.75 71.59
N LYS F 36 34.61 15.21 71.61
CA LYS F 36 33.67 15.48 72.68
C LYS F 36 34.09 14.73 73.92
N MET F 37 34.85 13.66 73.73
CA MET F 37 35.33 12.84 74.83
C MET F 37 36.44 13.57 75.57
N ILE F 38 37.56 13.82 74.88
CA ILE F 38 38.67 14.51 75.54
C ILE F 38 38.22 15.85 76.11
N ALA F 39 37.05 16.30 75.66
CA ALA F 39 36.52 17.58 76.10
C ALA F 39 36.59 17.85 77.61
N PRO F 40 35.76 17.17 78.44
CA PRO F 40 35.82 17.44 79.87
C PRO F 40 37.20 17.22 80.50
N ILE F 41 37.95 16.28 79.93
CA ILE F 41 39.29 15.97 80.40
C ILE F 41 40.08 17.28 80.42
N LEU F 42 40.22 17.89 79.25
CA LEU F 42 40.96 19.14 79.10
C LEU F 42 40.40 20.25 79.99
N ASP F 43 39.09 20.20 80.24
CA ASP F 43 38.46 21.21 81.08
C ASP F 43 39.05 21.16 82.47
N GLU F 44 39.08 19.96 83.06
CA GLU F 44 39.63 19.78 84.39
C GLU F 44 41.15 19.97 84.34
N ILE F 45 41.75 19.65 83.20
CA ILE F 45 43.19 19.80 83.00
C ILE F 45 43.54 21.27 83.18
N ALA F 46 42.62 22.12 82.73
CA ALA F 46 42.79 23.56 82.81
C ALA F 46 42.83 24.07 84.24
N ASP F 47 41.94 23.57 85.09
CA ASP F 47 41.90 23.99 86.49
C ASP F 47 43.03 23.38 87.33
N GLU F 48 43.27 22.08 87.16
CA GLU F 48 44.32 21.40 87.90
C GLU F 48 45.72 21.76 87.39
N TYR F 49 45.81 22.80 86.56
CA TYR F 49 47.10 23.23 86.02
C TYR F 49 47.19 24.76 85.91
N GLN F 50 46.21 25.45 86.48
CA GLN F 50 46.15 26.91 86.45
C GLN F 50 47.49 27.50 86.89
N GLY F 51 47.99 28.47 86.13
CA GLY F 51 49.26 29.10 86.45
C GLY F 51 50.43 28.57 85.64
N LYS F 52 50.55 27.24 85.56
CA LYS F 52 51.64 26.63 84.82
C LYS F 52 51.25 26.33 83.37
N LEU F 53 49.97 26.03 83.14
CA LEU F 53 49.52 25.73 81.78
C LEU F 53 48.21 26.42 81.38
N THR F 54 48.17 26.87 80.13
CA THR F 54 46.99 27.55 79.56
C THR F 54 46.35 26.68 78.47
N VAL F 55 45.10 26.29 78.70
CA VAL F 55 44.37 25.44 77.77
C VAL F 55 43.42 26.27 76.88
N ALA F 56 43.66 26.20 75.58
CA ALA F 56 42.86 26.93 74.60
C ALA F 56 42.26 26.01 73.55
N LYS F 57 40.93 26.04 73.44
CA LYS F 57 40.22 25.23 72.47
C LYS F 57 39.94 26.04 71.19
N LEU F 58 40.03 25.39 70.04
CA LEU F 58 39.74 26.07 68.79
C LEU F 58 39.01 25.08 67.89
N ASN F 59 37.78 25.43 67.56
CA ASN F 59 36.95 24.62 66.70
C ASN F 59 37.44 24.87 65.28
N ILE F 60 37.46 23.85 64.44
CA ILE F 60 37.95 24.01 63.07
C ILE F 60 36.80 24.03 62.04
N ASP F 61 35.60 24.19 62.54
CA ASP F 61 34.43 24.23 61.70
C ASP F 61 34.12 25.71 61.64
N GLN F 62 34.42 26.39 62.74
CA GLN F 62 34.19 27.81 62.89
C GLN F 62 35.40 28.63 62.47
N ASN F 63 36.57 27.99 62.51
CA ASN F 63 37.83 28.63 62.14
C ASN F 63 38.57 27.65 61.23
N PRO F 64 38.24 27.67 59.93
CA PRO F 64 38.85 26.78 58.94
C PRO F 64 40.21 27.21 58.44
N GLY F 65 40.68 28.37 58.88
CA GLY F 65 41.97 28.84 58.40
C GLY F 65 43.16 28.36 59.19
N THR F 66 43.06 28.47 60.50
CA THR F 66 44.12 28.08 61.41
C THR F 66 44.69 26.69 61.23
N ALA F 67 43.90 25.67 61.57
CA ALA F 67 44.32 24.27 61.49
C ALA F 67 45.14 23.89 60.28
N PRO F 68 44.62 24.17 59.07
CA PRO F 68 45.38 23.82 57.87
C PRO F 68 46.70 24.56 57.82
N LYS F 69 47.64 24.12 58.63
CA LYS F 69 48.96 24.76 58.72
C LYS F 69 49.79 23.85 59.60
N TYR F 70 49.11 22.99 60.33
CA TYR F 70 49.77 22.04 61.20
C TYR F 70 49.42 20.65 60.67
N GLY F 71 49.24 20.60 59.34
CA GLY F 71 48.93 19.37 58.65
C GLY F 71 47.85 18.53 59.32
N ILE F 72 46.98 19.20 60.07
CA ILE F 72 45.90 18.52 60.76
C ILE F 72 45.26 17.48 59.86
N ARG F 73 45.32 16.23 60.29
CA ARG F 73 44.76 15.12 59.55
C ARG F 73 43.86 14.29 60.48
N GLY F 74 43.82 14.68 61.75
CA GLY F 74 42.99 13.98 62.71
C GLY F 74 42.50 14.87 63.84
N ILE F 75 41.60 14.33 64.66
CA ILE F 75 41.06 15.11 65.77
C ILE F 75 40.59 14.21 66.90
N PRO F 76 40.70 14.66 68.15
CA PRO F 76 41.24 15.96 68.55
C PRO F 76 42.74 16.12 68.52
N THR F 77 43.30 16.60 67.40
CA THR F 77 44.75 16.78 67.35
C THR F 77 45.15 17.79 68.43
N LEU F 78 46.09 17.39 69.28
CA LEU F 78 46.55 18.24 70.37
C LEU F 78 47.99 18.72 70.21
N LEU F 79 48.17 20.03 70.35
CA LEU F 79 49.48 20.62 70.26
C LEU F 79 49.77 21.38 71.55
N LEU F 80 50.96 21.18 72.10
CA LEU F 80 51.35 21.90 73.30
C LEU F 80 52.29 22.98 72.78
N PHE F 81 51.78 24.19 72.66
CA PHE F 81 52.59 25.30 72.17
C PHE F 81 53.55 25.80 73.23
N LYS F 82 54.80 26.01 72.83
CA LYS F 82 55.82 26.51 73.73
C LYS F 82 56.69 27.52 72.99
N ASN F 83 56.13 28.71 72.74
CA ASN F 83 56.82 29.79 72.05
C ASN F 83 56.95 29.68 70.54
N GLY F 84 55.97 30.24 69.84
CA GLY F 84 55.99 30.26 68.38
C GLY F 84 55.78 28.95 67.65
N GLU F 85 56.53 27.91 68.02
CA GLU F 85 56.41 26.62 67.36
C GLU F 85 55.73 25.57 68.21
N VAL F 86 55.41 24.46 67.57
CA VAL F 86 54.74 23.36 68.25
C VAL F 86 55.76 22.65 69.14
N ALA F 87 55.39 22.39 70.39
CA ALA F 87 56.30 21.69 71.27
C ALA F 87 56.12 20.18 71.05
N ALA F 88 54.86 19.74 71.12
CA ALA F 88 54.52 18.33 70.95
C ALA F 88 53.14 18.17 70.35
N THR F 89 52.94 17.09 69.60
CA THR F 89 51.68 16.79 68.94
C THR F 89 51.18 15.41 69.39
N LYS F 90 49.86 15.26 69.56
CA LYS F 90 49.25 13.99 69.97
C LYS F 90 47.78 13.98 69.54
N VAL F 91 47.41 12.99 68.74
CA VAL F 91 46.05 12.89 68.25
C VAL F 91 45.21 11.81 68.94
N GLY F 92 44.15 12.24 69.63
CA GLY F 92 43.29 11.28 70.31
C GLY F 92 42.74 11.72 71.66
N ALA F 93 41.94 10.86 72.28
CA ALA F 93 41.34 11.17 73.57
C ALA F 93 42.11 10.62 74.77
N LEU F 94 43.25 11.21 75.08
CA LEU F 94 44.06 10.76 76.21
C LEU F 94 43.28 10.88 77.52
N SER F 95 43.41 9.88 78.38
CA SER F 95 42.70 9.83 79.66
C SER F 95 43.00 10.98 80.60
N LYS F 96 42.10 11.19 81.57
CA LYS F 96 42.29 12.26 82.54
C LYS F 96 43.64 12.08 83.21
N GLY F 97 44.20 10.87 83.05
CA GLY F 97 45.50 10.54 83.62
C GLY F 97 46.56 10.45 82.54
N GLN F 98 46.16 9.98 81.35
CA GLN F 98 47.08 9.86 80.22
C GLN F 98 47.56 11.24 79.79
N LEU F 99 46.64 12.20 79.83
CA LEU F 99 46.95 13.57 79.45
C LEU F 99 47.88 14.19 80.46
N LYS F 100 47.61 13.96 81.75
CA LYS F 100 48.46 14.52 82.80
C LYS F 100 49.88 13.95 82.69
N GLU F 101 50.02 12.84 81.97
CA GLU F 101 51.32 12.20 81.78
C GLU F 101 52.01 12.73 80.51
N PHE F 102 51.22 12.98 79.47
CA PHE F 102 51.75 13.52 78.22
C PHE F 102 52.16 14.97 78.46
N LEU F 103 51.43 15.62 79.35
CA LEU F 103 51.72 17.01 79.67
C LEU F 103 53.00 17.09 80.50
N ASP F 104 52.91 16.72 81.78
CA ASP F 104 54.05 16.77 82.71
C ASP F 104 55.39 16.40 82.09
N ALA F 105 55.41 15.35 81.29
CA ALA F 105 56.63 14.89 80.63
C ALA F 105 57.11 15.92 79.61
N ASN F 106 56.39 17.04 79.54
CA ASN F 106 56.69 18.13 78.62
C ASN F 106 56.58 19.44 79.40
N LEU F 107 55.74 19.41 80.44
CA LEU F 107 55.48 20.57 81.29
C LEU F 107 56.21 20.46 82.63
N MET G 1 -21.40 15.74 3.53
CA MET G 1 -21.95 14.79 2.51
C MET G 1 -23.46 14.83 2.54
N ILE G 2 -24.07 14.36 1.45
CA ILE G 2 -25.53 14.30 1.32
C ILE G 2 -25.90 13.15 0.44
N VAL G 3 -27.14 12.73 0.53
CA VAL G 3 -27.62 11.59 -0.26
C VAL G 3 -28.93 11.89 -0.98
N SER G 4 -28.82 12.42 -2.20
CA SER G 4 -30.00 12.78 -2.99
C SER G 4 -30.45 11.78 -4.06
N ASP G 5 -31.63 12.04 -4.61
CA ASP G 5 -32.26 11.21 -5.65
C ASP G 5 -33.34 12.09 -6.30
N ILE G 6 -33.62 11.89 -7.58
CA ILE G 6 -34.64 12.70 -8.25
C ILE G 6 -35.55 11.81 -9.08
N GLU G 7 -36.78 12.29 -9.28
CA GLU G 7 -37.79 11.61 -10.08
C GLU G 7 -38.09 12.50 -11.28
N ALA G 8 -37.80 12.02 -12.48
CA ALA G 8 -38.04 12.79 -13.71
C ALA G 8 -39.23 12.22 -14.43
N ASN G 9 -39.57 12.83 -15.56
CA ASN G 9 -40.71 12.41 -16.37
C ASN G 9 -40.34 11.35 -17.41
N ALA G 10 -39.05 11.03 -17.54
CA ALA G 10 -38.61 10.03 -18.50
C ALA G 10 -37.15 9.67 -18.40
N LEU G 11 -36.74 8.66 -19.16
CA LEU G 11 -35.34 8.24 -19.12
C LEU G 11 -34.51 9.38 -19.63
N LEU G 12 -33.21 9.35 -19.36
CA LEU G 12 -32.36 10.46 -19.77
C LEU G 12 -32.55 10.89 -21.22
N GLU G 13 -32.43 9.93 -22.12
CA GLU G 13 -32.53 10.18 -23.54
C GLU G 13 -33.80 10.89 -23.99
N SER G 14 -34.76 11.06 -23.08
CA SER G 14 -36.02 11.72 -23.42
C SER G 14 -36.61 12.52 -22.27
N VAL G 15 -35.86 12.65 -21.19
CA VAL G 15 -36.33 13.38 -20.01
C VAL G 15 -36.45 14.89 -20.28
N THR G 16 -37.50 15.51 -19.75
CA THR G 16 -37.66 16.95 -19.96
C THR G 16 -38.39 17.67 -18.83
N LYS G 17 -38.70 16.95 -17.74
CA LYS G 17 -39.36 17.58 -16.62
C LYS G 17 -38.99 16.96 -15.27
N PHE G 18 -38.42 17.79 -14.40
CA PHE G 18 -38.05 17.35 -13.06
C PHE G 18 -39.36 17.25 -12.30
N HIS G 19 -39.52 16.20 -11.51
CA HIS G 19 -40.75 16.04 -10.74
C HIS G 19 -40.58 16.36 -9.28
N CYS G 20 -39.42 16.01 -8.73
CA CYS G 20 -39.14 16.24 -7.32
C CYS G 20 -37.78 15.70 -6.93
N GLY G 21 -37.27 16.17 -5.80
CA GLY G 21 -35.97 15.74 -5.34
C GLY G 21 -35.87 15.70 -3.83
N VAL G 22 -35.51 14.54 -3.30
CA VAL G 22 -35.36 14.33 -1.86
C VAL G 22 -33.88 14.52 -1.53
N ILE G 23 -33.57 14.77 -0.27
CA ILE G 23 -32.20 14.98 0.17
C ILE G 23 -32.05 14.65 1.64
N TYR G 24 -30.93 14.05 1.98
CA TYR G 24 -30.64 13.70 3.37
C TYR G 24 -29.27 14.26 3.71
N ASP G 25 -29.19 15.50 4.20
CA ASP G 25 -27.90 16.09 4.56
C ASP G 25 -27.39 15.37 5.80
N TYR G 26 -26.15 14.91 5.75
CA TYR G 26 -25.59 14.20 6.89
C TYR G 26 -25.27 15.11 8.07
N SER G 27 -24.94 16.36 7.78
CA SER G 27 -24.62 17.32 8.83
C SER G 27 -25.88 17.82 9.56
N THR G 28 -27.06 17.54 9.02
CA THR G 28 -28.28 18.01 9.69
C THR G 28 -29.27 16.89 10.04
N ALA G 29 -29.02 15.69 9.54
CA ALA G 29 -29.89 14.53 9.82
C ALA G 29 -31.33 14.78 9.40
N GLU G 30 -31.51 15.54 8.32
CA GLU G 30 -32.83 15.86 7.80
C GLU G 30 -33.09 15.40 6.36
N TYR G 31 -34.37 15.29 6.01
CA TYR G 31 -34.83 14.91 4.67
C TYR G 31 -35.66 16.07 4.11
N VAL G 32 -34.99 17.03 3.49
CA VAL G 32 -35.67 18.18 2.90
C VAL G 32 -36.26 17.85 1.53
N SER G 33 -37.58 17.74 1.40
CA SER G 33 -38.12 17.43 0.09
C SER G 33 -38.35 18.63 -0.80
N TYR G 34 -37.90 18.52 -2.04
CA TYR G 34 -38.09 19.60 -2.99
C TYR G 34 -39.17 19.14 -3.95
N ARG G 35 -40.07 20.03 -4.29
CA ARG G 35 -41.13 19.68 -5.23
C ARG G 35 -40.86 20.39 -6.55
N PRO G 36 -41.60 20.05 -7.62
CA PRO G 36 -41.41 20.66 -8.94
C PRO G 36 -41.14 22.17 -8.95
N SER G 37 -41.69 22.90 -7.98
CA SER G 37 -41.47 24.34 -7.91
C SER G 37 -40.12 24.60 -7.24
N ASP G 38 -39.74 23.67 -6.37
CA ASP G 38 -38.50 23.75 -5.62
C ASP G 38 -37.28 23.33 -6.40
N PHE G 39 -37.49 22.82 -7.61
CA PHE G 39 -36.38 22.35 -8.44
C PHE G 39 -35.20 23.29 -8.36
N GLY G 40 -35.40 24.55 -8.73
CA GLY G 40 -34.31 25.51 -8.66
C GLY G 40 -33.59 25.48 -7.33
N ALA G 41 -34.37 25.30 -6.25
CA ALA G 41 -33.84 25.24 -4.90
C ALA G 41 -33.05 23.95 -4.72
N TYR G 42 -33.61 22.86 -5.23
CA TYR G 42 -32.98 21.54 -5.21
C TYR G 42 -31.59 21.71 -5.78
N LEU G 43 -31.51 22.32 -6.96
CA LEU G 43 -30.20 22.54 -7.59
C LEU G 43 -29.31 23.41 -6.71
N ASP G 44 -29.92 24.39 -6.03
CA ASP G 44 -29.15 25.26 -5.13
C ASP G 44 -28.55 24.49 -3.95
N ALA G 45 -29.34 23.60 -3.36
CA ALA G 45 -28.89 22.78 -2.23
C ALA G 45 -27.63 21.97 -2.54
N LEU G 46 -27.67 21.24 -3.66
CA LEU G 46 -26.56 20.41 -4.09
C LEU G 46 -25.38 21.28 -4.49
N GLU G 47 -25.67 22.37 -5.19
CA GLU G 47 -24.64 23.28 -5.61
C GLU G 47 -23.98 23.84 -4.34
N ALA G 48 -24.67 23.70 -3.22
CA ALA G 48 -24.17 24.17 -1.93
C ALA G 48 -23.07 23.28 -1.37
N GLU G 49 -23.29 21.95 -1.41
CA GLU G 49 -22.30 21.00 -0.92
C GLU G 49 -21.00 21.17 -1.67
N VAL G 50 -21.11 21.39 -2.97
CA VAL G 50 -19.95 21.58 -3.84
C VAL G 50 -19.14 22.77 -3.34
N ALA G 51 -19.84 23.76 -2.78
CA ALA G 51 -19.17 24.95 -2.24
C ALA G 51 -18.39 24.56 -1.00
N ARG G 52 -18.99 23.71 -0.18
CA ARG G 52 -18.36 23.23 1.05
C ARG G 52 -17.17 22.38 0.65
N GLY G 53 -17.26 21.79 -0.53
CA GLY G 53 -16.21 20.91 -0.97
C GLY G 53 -16.64 19.60 -0.33
N GLY G 54 -17.95 19.35 -0.37
CA GLY G 54 -18.51 18.14 0.22
C GLY G 54 -18.66 16.98 -0.76
N LEU G 55 -19.53 16.04 -0.43
CA LEU G 55 -19.76 14.89 -1.29
C LEU G 55 -21.24 14.64 -1.47
N ILE G 56 -21.65 14.41 -2.72
CA ILE G 56 -23.04 14.16 -3.07
C ILE G 56 -23.19 12.70 -3.48
N VAL G 57 -24.04 11.97 -2.79
CA VAL G 57 -24.23 10.55 -3.10
C VAL G 57 -25.55 10.34 -3.82
N PHE G 58 -25.48 9.57 -4.91
CA PHE G 58 -26.64 9.23 -5.76
C PHE G 58 -26.57 7.73 -6.04
N HIS G 59 -27.68 7.13 -6.44
CA HIS G 59 -27.64 5.71 -6.79
C HIS G 59 -27.74 5.65 -8.29
N ASN G 60 -26.62 5.39 -8.97
CA ASN G 60 -26.58 5.34 -10.43
C ASN G 60 -26.69 6.78 -10.95
N GLY G 61 -26.40 7.74 -10.08
CA GLY G 61 -26.49 9.12 -10.46
C GLY G 61 -25.46 9.46 -11.51
N HIS G 62 -24.39 8.67 -11.55
CA HIS G 62 -23.32 8.87 -12.50
C HIS G 62 -23.81 8.84 -13.95
N LYS G 63 -24.70 7.88 -14.20
CA LYS G 63 -25.29 7.64 -15.52
C LYS G 63 -26.65 8.28 -15.66
N TYR G 64 -27.15 8.95 -14.63
CA TYR G 64 -28.46 9.58 -14.77
C TYR G 64 -28.74 10.83 -13.97
N ASP G 65 -29.16 10.64 -12.72
CA ASP G 65 -29.51 11.74 -11.85
C ASP G 65 -28.60 12.95 -12.08
N VAL G 66 -27.32 12.70 -12.27
CA VAL G 66 -26.39 13.79 -12.47
C VAL G 66 -26.42 14.41 -13.85
N PRO G 67 -26.33 13.61 -14.93
CA PRO G 67 -26.36 14.24 -16.24
C PRO G 67 -27.77 14.65 -16.64
N ALA G 68 -28.76 14.16 -15.89
CA ALA G 68 -30.15 14.46 -16.18
C ALA G 68 -30.52 15.80 -15.59
N LEU G 69 -29.73 16.24 -14.61
CA LEU G 69 -29.99 17.53 -13.99
C LEU G 69 -29.35 18.60 -14.85
N THR G 70 -28.18 18.29 -15.38
CA THR G 70 -27.49 19.22 -16.25
C THR G 70 -28.46 19.53 -17.38
N LYS G 71 -29.06 18.46 -17.92
CA LYS G 71 -30.00 18.59 -19.01
C LYS G 71 -31.21 19.40 -18.58
N LEU G 72 -31.90 18.94 -17.55
CA LEU G 72 -33.09 19.63 -17.05
C LEU G 72 -32.80 21.07 -16.62
N ALA G 73 -31.62 21.29 -16.07
CA ALA G 73 -31.26 22.62 -15.62
C ALA G 73 -31.36 23.63 -16.75
N LYS G 74 -30.70 23.37 -17.88
CA LYS G 74 -30.78 24.33 -18.97
C LYS G 74 -32.21 24.39 -19.46
N LEU G 75 -32.79 23.23 -19.74
CA LEU G 75 -34.16 23.20 -20.24
C LEU G 75 -35.16 23.97 -19.41
N GLN G 76 -35.52 23.43 -18.24
CA GLN G 76 -36.50 24.09 -17.39
C GLN G 76 -36.19 25.45 -16.79
N LEU G 77 -34.93 25.78 -16.56
CA LEU G 77 -34.62 27.07 -15.96
C LEU G 77 -33.57 27.87 -16.71
N ASN G 78 -33.18 27.39 -17.89
CA ASN G 78 -32.16 28.09 -18.67
C ASN G 78 -30.97 28.33 -17.75
N ARG G 79 -30.63 27.32 -16.94
CA ARG G 79 -29.52 27.40 -16.01
C ARG G 79 -28.35 26.48 -16.39
N GLU G 80 -27.12 26.91 -16.12
CA GLU G 80 -25.96 26.07 -16.38
C GLU G 80 -25.56 25.39 -15.06
N PHE G 81 -25.97 24.14 -14.90
CA PHE G 81 -25.69 23.35 -13.69
C PHE G 81 -24.71 22.24 -14.04
N HIS G 82 -23.64 22.09 -13.26
CA HIS G 82 -22.63 21.06 -13.55
C HIS G 82 -21.90 20.50 -12.37
N LEU G 83 -22.43 19.46 -11.75
CA LEU G 83 -21.72 18.87 -10.63
C LEU G 83 -20.43 18.26 -11.15
N PRO G 84 -19.28 18.58 -10.51
CA PRO G 84 -17.99 18.05 -10.94
C PRO G 84 -17.79 16.66 -10.37
N ARG G 85 -17.15 15.81 -11.16
CA ARG G 85 -16.91 14.43 -10.77
C ARG G 85 -16.50 14.24 -9.32
N GLU G 86 -15.40 14.92 -8.93
CA GLU G 86 -14.82 14.82 -7.59
C GLU G 86 -15.73 14.81 -6.37
N ASN G 87 -16.88 15.46 -6.45
CA ASN G 87 -17.81 15.51 -5.32
C ASN G 87 -18.94 14.51 -5.41
N CYS G 88 -18.90 13.62 -6.41
CA CYS G 88 -20.01 12.66 -6.54
C CYS G 88 -19.68 11.22 -6.23
N ILE G 89 -20.60 10.57 -5.56
CA ILE G 89 -20.45 9.17 -5.21
C ILE G 89 -21.60 8.47 -5.89
N ASP G 90 -21.42 7.18 -6.21
CA ASP G 90 -22.48 6.43 -6.86
C ASP G 90 -22.63 5.06 -6.19
N THR G 91 -23.66 4.87 -5.39
CA THR G 91 -23.83 3.59 -4.73
C THR G 91 -23.86 2.42 -5.70
N LEU G 92 -24.33 2.63 -6.92
CA LEU G 92 -24.36 1.53 -7.87
C LEU G 92 -22.93 1.17 -8.24
N VAL G 93 -22.15 2.18 -8.64
CA VAL G 93 -20.77 1.96 -9.00
C VAL G 93 -20.12 1.18 -7.89
N LEU G 94 -20.25 1.69 -6.67
CA LEU G 94 -19.68 1.03 -5.50
C LEU G 94 -20.27 -0.36 -5.29
N SER G 95 -21.57 -0.48 -5.37
CA SER G 95 -22.19 -1.78 -5.18
C SER G 95 -21.77 -2.81 -6.26
N ARG G 96 -21.01 -2.34 -7.25
CA ARG G 96 -20.56 -3.20 -8.33
C ARG G 96 -19.11 -3.54 -8.06
N LEU G 97 -18.50 -2.76 -7.17
CA LEU G 97 -17.11 -2.93 -6.78
C LEU G 97 -16.99 -3.72 -5.49
N ILE G 98 -18.10 -3.98 -4.81
CA ILE G 98 -18.06 -4.74 -3.58
C ILE G 98 -18.82 -6.05 -3.68
N HIS G 99 -19.94 -6.08 -4.39
CA HIS G 99 -20.64 -7.34 -4.56
C HIS G 99 -20.36 -7.90 -5.95
N SER G 100 -19.08 -7.90 -6.29
CA SER G 100 -18.59 -8.36 -7.58
C SER G 100 -19.01 -9.77 -7.97
N ASN G 101 -19.34 -10.62 -7.01
CA ASN G 101 -19.71 -12.00 -7.35
C ASN G 101 -21.19 -12.33 -7.56
N LEU G 102 -22.10 -11.49 -7.08
CA LEU G 102 -23.53 -11.78 -7.25
C LEU G 102 -24.03 -11.42 -8.68
N LYS G 103 -25.13 -10.67 -8.76
CA LYS G 103 -25.70 -10.26 -10.06
C LYS G 103 -26.91 -9.32 -9.89
N ASP G 104 -26.95 -8.29 -10.73
CA ASP G 104 -28.03 -7.29 -10.69
C ASP G 104 -28.97 -7.36 -11.89
N THR G 105 -30.17 -6.85 -11.71
CA THR G 105 -31.18 -6.82 -12.75
C THR G 105 -31.00 -5.58 -13.65
N ASP G 106 -29.93 -4.83 -13.41
CA ASP G 106 -29.62 -3.63 -14.17
C ASP G 106 -30.72 -2.56 -13.97
N MET G 107 -31.15 -2.41 -12.73
CA MET G 107 -32.19 -1.44 -12.37
C MET G 107 -33.55 -1.70 -13.02
N GLY G 108 -33.90 -2.97 -13.18
CA GLY G 108 -35.19 -3.33 -13.76
C GLY G 108 -35.31 -3.36 -15.28
N LEU G 109 -34.22 -3.65 -15.96
CA LEU G 109 -34.25 -3.73 -17.43
C LEU G 109 -33.96 -5.16 -17.87
N LEU G 110 -34.14 -6.09 -16.94
CA LEU G 110 -33.92 -7.52 -17.19
C LEU G 110 -34.66 -8.34 -16.12
N ARG G 111 -35.24 -9.47 -16.54
CA ARG G 111 -35.98 -10.35 -15.64
C ARG G 111 -35.04 -11.31 -14.89
N SER G 112 -35.07 -11.26 -13.56
CA SER G 112 -34.21 -12.12 -12.73
C SER G 112 -34.65 -13.57 -12.65
N GLY G 113 -35.75 -13.89 -13.32
CA GLY G 113 -36.24 -15.27 -13.32
C GLY G 113 -35.35 -16.13 -14.19
N LYS G 114 -34.56 -15.47 -15.04
CA LYS G 114 -33.64 -16.13 -15.97
C LYS G 114 -32.20 -15.93 -15.51
N LEU G 115 -32.00 -14.97 -14.60
CA LEU G 115 -30.66 -14.67 -14.08
C LEU G 115 -30.30 -15.60 -12.91
N PRO G 116 -29.16 -16.29 -13.02
CA PRO G 116 -28.68 -17.23 -12.00
C PRO G 116 -28.19 -16.58 -10.71
N GLY G 117 -27.80 -17.44 -9.77
CA GLY G 117 -27.29 -16.98 -8.48
C GLY G 117 -28.31 -16.38 -7.53
N ALA G 118 -27.79 -15.60 -6.58
CA ALA G 118 -28.62 -14.92 -5.60
C ALA G 118 -28.63 -13.41 -5.84
N LEU G 119 -29.81 -12.82 -5.74
CA LEU G 119 -29.98 -11.39 -5.93
C LEU G 119 -29.73 -10.71 -4.59
N GLU G 120 -29.16 -9.50 -4.64
CA GLU G 120 -28.86 -8.74 -3.43
C GLU G 120 -30.12 -8.36 -2.64
N ALA G 121 -29.95 -7.47 -1.67
CA ALA G 121 -31.07 -7.03 -0.82
C ALA G 121 -31.69 -5.74 -1.32
N TRP G 122 -30.90 -4.66 -1.24
CA TRP G 122 -31.39 -3.36 -1.69
C TRP G 122 -31.40 -3.35 -3.20
N GLY G 123 -30.51 -4.15 -3.80
CA GLY G 123 -30.45 -4.23 -5.24
C GLY G 123 -31.82 -4.56 -5.80
N TYR G 124 -32.37 -5.67 -5.35
CA TYR G 124 -33.69 -6.11 -5.77
C TYR G 124 -34.68 -5.12 -5.14
N ARG G 125 -34.24 -4.46 -4.09
CA ARG G 125 -35.09 -3.50 -3.39
C ARG G 125 -34.94 -2.05 -3.82
N LEU G 126 -34.38 -1.84 -4.99
CA LEU G 126 -34.20 -0.49 -5.54
C LEU G 126 -34.55 -0.54 -7.03
N GLY G 127 -34.31 -1.71 -7.62
CA GLY G 127 -34.58 -1.93 -9.03
C GLY G 127 -36.06 -2.23 -9.24
N GLU G 128 -36.53 -3.30 -8.60
CA GLU G 128 -37.93 -3.69 -8.71
C GLU G 128 -38.76 -2.62 -8.00
N MET G 129 -38.13 -1.88 -7.09
CA MET G 129 -38.81 -0.84 -6.35
C MET G 129 -39.54 0.16 -7.26
N LYS G 130 -39.18 0.16 -8.53
CA LYS G 130 -39.83 1.07 -9.48
C LYS G 130 -41.25 0.58 -9.79
N GLY G 131 -41.38 -0.73 -9.97
CA GLY G 131 -42.68 -1.32 -10.28
C GLY G 131 -43.65 -1.25 -9.11
N GLU G 132 -43.10 -1.13 -7.90
CA GLU G 132 -43.92 -1.03 -6.70
C GLU G 132 -44.73 0.26 -6.80
N TYR G 133 -44.15 1.26 -7.45
CA TYR G 133 -44.78 2.56 -7.65
C TYR G 133 -45.77 2.50 -8.80
N LYS G 134 -45.52 1.61 -9.76
CA LYS G 134 -46.38 1.47 -10.91
C LYS G 134 -47.76 0.98 -10.50
N ASP G 135 -47.80 -0.22 -9.92
CA ASP G 135 -49.07 -0.79 -9.51
C ASP G 135 -49.71 -0.02 -8.36
N ASP G 136 -48.89 0.66 -7.56
CA ASP G 136 -49.37 1.49 -6.46
C ASP G 136 -50.23 2.60 -7.07
N PHE G 137 -49.82 3.08 -8.25
CA PHE G 137 -50.52 4.15 -8.94
C PHE G 137 -51.54 3.54 -9.88
N LYS G 138 -51.14 2.47 -10.55
CA LYS G 138 -52.01 1.80 -11.48
C LYS G 138 -53.29 1.44 -10.71
N ARG G 139 -53.14 0.69 -9.62
CA ARG G 139 -54.31 0.31 -8.82
C ARG G 139 -55.13 1.53 -8.41
N MET G 140 -54.54 2.43 -7.63
CA MET G 140 -55.23 3.63 -7.15
C MET G 140 -55.93 4.43 -8.25
N LEU G 141 -55.88 3.93 -9.48
CA LEU G 141 -56.52 4.60 -10.60
C LEU G 141 -57.14 3.59 -11.57
N GLU G 142 -56.75 2.32 -11.42
CA GLU G 142 -57.26 1.24 -12.27
C GLU G 142 -58.59 0.74 -11.72
N GLU G 143 -59.07 1.45 -10.70
CA GLU G 143 -60.33 1.14 -10.05
C GLU G 143 -61.30 2.31 -10.28
N GLN G 144 -60.75 3.52 -10.41
CA GLN G 144 -61.56 4.73 -10.61
C GLN G 144 -61.90 4.95 -12.08
N GLY G 145 -62.25 3.88 -12.77
CA GLY G 145 -62.61 3.96 -14.18
C GLY G 145 -61.45 4.29 -15.10
N GLU G 146 -60.58 5.20 -14.66
CA GLU G 146 -59.42 5.62 -15.45
C GLU G 146 -58.58 4.43 -15.87
N GLU G 147 -58.65 4.06 -17.15
CA GLU G 147 -57.85 2.94 -17.64
C GLU G 147 -56.39 3.36 -17.66
N TYR G 148 -55.54 2.49 -17.13
CA TYR G 148 -54.12 2.75 -17.10
C TYR G 148 -53.66 2.98 -18.53
N VAL G 149 -52.84 4.00 -18.74
CA VAL G 149 -52.33 4.28 -20.08
C VAL G 149 -50.84 3.96 -20.14
N ASP G 150 -50.45 3.20 -21.14
CA ASP G 150 -49.06 2.78 -21.36
C ASP G 150 -48.16 2.96 -20.15
N GLY G 151 -47.70 4.19 -19.93
CA GLY G 151 -46.81 4.46 -18.81
C GLY G 151 -47.05 5.83 -18.19
N MET G 152 -48.31 6.21 -18.07
CA MET G 152 -48.67 7.50 -17.52
C MET G 152 -48.30 7.68 -16.05
N GLU G 153 -47.71 6.65 -15.43
CA GLU G 153 -47.35 6.77 -14.03
C GLU G 153 -46.20 7.74 -13.85
N TRP G 154 -45.68 8.25 -14.96
CA TRP G 154 -44.54 9.18 -14.93
C TRP G 154 -44.78 10.51 -15.62
N TRP G 155 -45.92 10.65 -16.30
CA TRP G 155 -46.19 11.89 -17.00
C TRP G 155 -46.23 13.06 -16.03
N ASN G 156 -46.97 12.92 -14.94
CA ASN G 156 -47.10 14.00 -13.97
C ASN G 156 -46.75 13.66 -12.53
N PHE G 157 -46.10 14.62 -11.88
CA PHE G 157 -45.68 14.54 -10.48
C PHE G 157 -46.89 14.42 -9.57
N ASN G 158 -46.67 13.86 -8.39
CA ASN G 158 -47.75 13.74 -7.42
C ASN G 158 -47.18 13.30 -6.10
N GLU G 159 -48.04 13.16 -5.10
CA GLU G 159 -47.62 12.76 -3.75
C GLU G 159 -47.06 11.35 -3.68
N GLU G 160 -47.78 10.37 -4.22
CA GLU G 160 -47.29 9.00 -4.19
C GLU G 160 -45.82 9.04 -4.62
N MET G 161 -45.59 9.62 -5.79
CA MET G 161 -44.25 9.76 -6.36
C MET G 161 -43.31 10.51 -5.43
N MET G 162 -43.81 11.55 -4.78
CA MET G 162 -43.02 12.34 -3.84
C MET G 162 -42.62 11.46 -2.68
N ASP G 163 -43.45 10.46 -2.39
CA ASP G 163 -43.20 9.51 -1.30
C ASP G 163 -42.12 8.50 -1.71
N TYR G 164 -42.42 7.72 -2.75
CA TYR G 164 -41.47 6.75 -3.26
C TYR G 164 -40.11 7.43 -3.46
N ASN G 165 -40.13 8.74 -3.69
CA ASN G 165 -38.89 9.48 -3.88
C ASN G 165 -38.16 9.36 -2.57
N VAL G 166 -38.69 10.02 -1.54
CA VAL G 166 -38.10 10.00 -0.20
C VAL G 166 -37.64 8.63 0.29
N GLN G 167 -38.37 7.58 -0.07
CA GLN G 167 -37.99 6.22 0.35
C GLN G 167 -36.75 5.79 -0.41
N ASP G 168 -36.63 6.23 -1.65
CA ASP G 168 -35.47 5.87 -2.45
C ASP G 168 -34.21 6.26 -1.70
N VAL G 169 -34.12 7.51 -1.26
CA VAL G 169 -32.93 7.96 -0.56
C VAL G 169 -32.63 7.17 0.70
N VAL G 170 -33.65 6.82 1.47
CA VAL G 170 -33.35 6.05 2.68
C VAL G 170 -32.67 4.73 2.29
N VAL G 171 -33.28 3.98 1.39
CA VAL G 171 -32.63 2.73 0.96
C VAL G 171 -31.23 3.07 0.44
N THR G 172 -31.10 4.20 -0.22
CA THR G 172 -29.80 4.61 -0.73
C THR G 172 -28.87 4.81 0.45
N LYS G 173 -29.17 5.75 1.33
CA LYS G 173 -28.32 5.99 2.50
C LYS G 173 -28.05 4.64 3.20
N ALA G 174 -29.06 3.77 3.24
CA ALA G 174 -28.92 2.47 3.84
C ALA G 174 -27.79 1.70 3.14
N LEU G 175 -27.87 1.62 1.82
CA LEU G 175 -26.88 0.92 1.02
C LEU G 175 -25.52 1.59 1.27
N LEU G 176 -25.41 2.86 0.88
CA LEU G 176 -24.17 3.61 1.06
C LEU G 176 -23.39 3.21 2.29
N GLU G 177 -24.08 3.05 3.41
CA GLU G 177 -23.44 2.65 4.66
C GLU G 177 -22.90 1.24 4.54
N LYS G 178 -23.81 0.28 4.35
CA LYS G 178 -23.42 -1.13 4.22
C LYS G 178 -22.20 -1.34 3.33
N LEU G 179 -21.89 -0.33 2.50
CA LEU G 179 -20.74 -0.44 1.62
C LEU G 179 -19.54 0.21 2.26
N LEU G 180 -19.73 1.40 2.82
CA LEU G 180 -18.62 2.09 3.46
C LEU G 180 -18.14 1.25 4.64
N SER G 181 -19.04 0.46 5.20
CA SER G 181 -18.71 -0.39 6.34
C SER G 181 -17.63 -1.42 6.01
N ASP G 182 -17.52 -1.78 4.73
CA ASP G 182 -16.52 -2.75 4.27
C ASP G 182 -15.10 -2.28 4.59
N LYS G 183 -14.46 -2.96 5.53
CA LYS G 183 -13.11 -2.64 5.98
C LYS G 183 -12.01 -2.83 4.93
N HIS G 184 -12.32 -3.60 3.88
CA HIS G 184 -11.35 -3.86 2.80
C HIS G 184 -11.15 -2.64 1.91
N TYR G 185 -12.25 -1.92 1.66
CA TYR G 185 -12.23 -0.74 0.78
C TYR G 185 -12.27 0.57 1.57
N PHE G 186 -12.77 0.51 2.80
CA PHE G 186 -12.89 1.69 3.65
C PHE G 186 -12.37 1.46 5.08
N PRO G 187 -11.23 2.09 5.44
CA PRO G 187 -10.59 1.99 6.75
C PRO G 187 -11.54 2.43 7.86
N PRO G 188 -11.74 1.57 8.87
CA PRO G 188 -12.63 1.85 10.02
C PRO G 188 -12.29 3.14 10.80
N GLU G 189 -11.01 3.49 10.81
CA GLU G 189 -10.47 4.66 11.50
C GLU G 189 -11.02 6.01 11.03
N ILE G 190 -11.66 5.99 9.87
CA ILE G 190 -12.21 7.20 9.28
C ILE G 190 -13.71 7.02 9.12
N ASP G 191 -14.44 8.13 9.09
CA ASP G 191 -15.87 8.04 8.85
C ASP G 191 -16.24 8.95 7.68
N PHE G 192 -16.22 8.32 6.50
CA PHE G 192 -16.50 8.95 5.22
C PHE G 192 -17.79 9.73 5.15
N THR G 193 -18.74 9.37 6.00
CA THR G 193 -20.01 10.07 6.04
C THR G 193 -19.74 11.39 6.72
N ASP G 194 -18.45 11.71 6.88
CA ASP G 194 -18.06 12.94 7.56
C ASP G 194 -16.75 13.51 7.01
N VAL G 195 -16.39 13.16 5.79
CA VAL G 195 -15.15 13.69 5.22
C VAL G 195 -15.42 14.46 3.95
N GLY G 196 -14.43 15.25 3.52
CA GLY G 196 -14.57 16.03 2.31
C GLY G 196 -14.16 15.15 1.15
N TYR G 197 -14.61 15.50 -0.04
CA TYR G 197 -14.28 14.74 -1.23
C TYR G 197 -12.82 14.35 -1.32
N THR G 198 -11.92 15.30 -1.16
CA THR G 198 -10.49 15.02 -1.24
C THR G 198 -10.04 13.97 -0.23
N THR G 199 -10.69 13.91 0.93
CA THR G 199 -10.31 12.91 1.90
C THR G 199 -10.99 11.58 1.66
N PHE G 200 -12.23 11.62 1.17
CA PHE G 200 -12.95 10.39 0.87
C PHE G 200 -12.15 9.60 -0.16
N TRP G 201 -11.75 10.31 -1.20
CA TRP G 201 -10.99 9.78 -2.32
C TRP G 201 -9.60 9.22 -2.04
N SER G 202 -8.75 10.01 -1.41
CA SER G 202 -7.39 9.60 -1.09
C SER G 202 -7.37 8.59 0.05
N GLU G 203 -8.04 8.95 1.14
CA GLU G 203 -8.08 8.09 2.33
C GLU G 203 -8.87 6.80 2.16
N SER G 204 -9.01 6.33 0.93
CA SER G 204 -9.76 5.10 0.69
C SER G 204 -9.09 4.27 -0.39
N LEU G 205 -9.46 2.99 -0.44
CA LEU G 205 -8.89 2.06 -1.40
C LEU G 205 -8.92 2.61 -2.82
N GLU G 206 -7.79 2.45 -3.53
CA GLU G 206 -7.64 2.98 -4.87
C GLU G 206 -8.76 2.67 -5.86
N ALA G 207 -9.37 1.48 -5.73
CA ALA G 207 -10.43 1.08 -6.63
C ALA G 207 -11.59 2.06 -6.61
N VAL G 208 -11.97 2.50 -5.41
CA VAL G 208 -13.09 3.41 -5.28
C VAL G 208 -12.88 4.67 -6.11
N ASP G 209 -11.64 5.10 -6.32
CA ASP G 209 -11.42 6.27 -7.14
C ASP G 209 -11.37 5.88 -8.62
N ILE G 210 -10.58 4.86 -8.95
CA ILE G 210 -10.46 4.40 -10.33
C ILE G 210 -11.79 3.97 -10.95
N GLU G 211 -12.70 3.46 -10.13
CA GLU G 211 -14.01 3.01 -10.61
C GLU G 211 -14.90 4.18 -10.96
N HIS G 212 -15.05 5.09 -10.01
CA HIS G 212 -15.86 6.27 -10.15
C HIS G 212 -15.39 7.08 -11.34
N ARG G 213 -14.09 7.38 -11.44
CA ARG G 213 -13.57 8.15 -12.56
C ARG G 213 -13.98 7.50 -13.87
N ALA G 214 -13.90 6.17 -13.90
CA ALA G 214 -14.30 5.38 -15.06
C ALA G 214 -15.79 5.52 -15.29
N ALA G 215 -16.57 5.13 -14.27
CA ALA G 215 -18.01 5.20 -14.31
C ALA G 215 -18.47 6.56 -14.80
N TRP G 216 -17.68 7.58 -14.51
CA TRP G 216 -17.99 8.94 -14.91
C TRP G 216 -17.67 9.17 -16.36
N LEU G 217 -16.49 8.68 -16.77
CA LEU G 217 -16.02 8.80 -18.15
C LEU G 217 -16.88 8.07 -19.16
N LEU G 218 -16.94 6.76 -19.01
CA LEU G 218 -17.72 5.94 -19.92
C LEU G 218 -19.14 6.46 -20.05
N ALA G 219 -19.63 7.05 -18.97
CA ALA G 219 -20.96 7.57 -18.99
C ALA G 219 -20.98 8.77 -19.91
N LYS G 220 -19.82 9.36 -20.14
CA LYS G 220 -19.69 10.51 -21.05
C LYS G 220 -19.60 9.96 -22.46
N GLN G 221 -18.83 8.90 -22.62
CA GLN G 221 -18.68 8.25 -23.91
C GLN G 221 -20.07 7.82 -24.36
N GLU G 222 -20.81 7.13 -23.50
CA GLU G 222 -22.15 6.71 -23.85
C GLU G 222 -22.95 7.87 -24.47
N ARG G 223 -23.04 8.97 -23.74
CA ARG G 223 -23.78 10.13 -24.21
C ARG G 223 -23.18 10.77 -25.46
N ASN G 224 -21.89 10.56 -25.72
CA ASN G 224 -21.25 11.08 -26.92
C ASN G 224 -21.93 10.38 -28.08
N GLY G 225 -21.69 9.08 -28.15
CA GLY G 225 -22.29 8.26 -29.19
C GLY G 225 -21.19 7.79 -30.12
N PHE G 226 -21.57 7.05 -31.15
CA PHE G 226 -20.62 6.55 -32.13
C PHE G 226 -21.28 6.85 -33.45
N PRO G 227 -20.75 7.82 -34.21
CA PRO G 227 -21.37 8.13 -35.49
C PRO G 227 -21.57 6.83 -36.28
N PHE G 228 -22.82 6.51 -36.57
CA PHE G 228 -23.13 5.29 -37.29
C PHE G 228 -23.72 5.63 -38.63
N ASP G 229 -23.21 5.01 -39.69
CA ASP G 229 -23.68 5.27 -41.04
C ASP G 229 -24.97 4.55 -41.41
N THR G 230 -26.10 5.04 -40.95
CA THR G 230 -27.36 4.39 -41.26
C THR G 230 -27.36 3.90 -42.72
N LYS G 231 -27.10 4.82 -43.66
CA LYS G 231 -27.09 4.47 -45.08
C LYS G 231 -26.26 3.25 -45.43
N ALA G 232 -24.96 3.32 -45.22
CA ALA G 232 -24.10 2.20 -45.57
C ALA G 232 -24.63 0.86 -45.05
N ILE G 233 -25.29 0.92 -43.90
CA ILE G 233 -25.82 -0.28 -43.30
C ILE G 233 -27.17 -0.69 -43.83
N GLU G 234 -28.00 0.30 -44.18
CA GLU G 234 -29.29 -0.01 -44.75
C GLU G 234 -28.96 -0.57 -46.13
N GLU G 235 -27.82 -0.13 -46.67
CA GLU G 235 -27.37 -0.58 -47.98
C GLU G 235 -26.93 -2.04 -47.89
N LEU G 236 -26.26 -2.39 -46.80
CA LEU G 236 -25.80 -3.75 -46.58
C LEU G 236 -27.01 -4.64 -46.34
N TYR G 237 -27.96 -4.15 -45.56
CA TYR G 237 -29.13 -4.93 -45.27
C TYR G 237 -29.89 -5.36 -46.50
N VAL G 238 -29.73 -4.64 -47.59
CA VAL G 238 -30.43 -4.99 -48.82
C VAL G 238 -29.64 -6.03 -49.61
N GLU G 239 -28.34 -5.91 -49.51
CA GLU G 239 -27.41 -6.78 -50.20
C GLU G 239 -27.51 -8.18 -49.58
N LEU G 240 -27.69 -8.20 -48.27
CA LEU G 240 -27.80 -9.45 -47.52
C LEU G 240 -29.19 -10.08 -47.69
N ALA G 241 -30.22 -9.33 -47.32
CA ALA G 241 -31.57 -9.82 -47.41
C ALA G 241 -31.79 -10.47 -48.75
N ALA G 242 -30.99 -10.04 -49.73
CA ALA G 242 -31.04 -10.54 -51.10
C ALA G 242 -30.24 -11.81 -51.24
N ARG G 243 -28.96 -11.77 -50.89
CA ARG G 243 -28.13 -12.96 -50.98
C ARG G 243 -28.80 -14.07 -50.21
N ARG G 244 -29.59 -13.70 -49.21
CA ARG G 244 -30.31 -14.70 -48.42
C ARG G 244 -31.39 -15.30 -49.29
N SER G 245 -32.24 -14.42 -49.83
CA SER G 245 -33.36 -14.82 -50.68
C SER G 245 -32.98 -15.86 -51.73
N GLU G 246 -31.76 -15.78 -52.26
CA GLU G 246 -31.32 -16.74 -53.25
C GLU G 246 -30.97 -18.02 -52.52
N LEU G 247 -29.86 -18.00 -51.79
CA LEU G 247 -29.42 -19.15 -51.00
C LEU G 247 -30.63 -19.96 -50.53
N LEU G 248 -31.67 -19.24 -50.11
CA LEU G 248 -32.89 -19.86 -49.67
C LEU G 248 -33.42 -20.67 -50.85
N ARG G 249 -33.93 -19.97 -51.86
CA ARG G 249 -34.46 -20.62 -53.06
C ARG G 249 -33.58 -21.75 -53.55
N LYS G 250 -32.33 -21.41 -53.85
CA LYS G 250 -31.38 -22.40 -54.35
C LYS G 250 -31.41 -23.66 -53.50
N LEU G 251 -31.72 -23.49 -52.20
CA LEU G 251 -31.78 -24.61 -51.26
C LEU G 251 -33.15 -25.28 -51.22
N THR G 252 -34.18 -24.50 -50.92
CA THR G 252 -35.52 -25.04 -50.88
C THR G 252 -35.73 -26.02 -52.04
N GLU G 253 -35.00 -25.77 -53.12
CA GLU G 253 -35.05 -26.62 -54.32
C GLU G 253 -34.40 -27.95 -54.01
N THR G 254 -33.14 -27.88 -53.61
CA THR G 254 -32.36 -29.07 -53.27
C THR G 254 -32.97 -29.91 -52.16
N PHE G 255 -33.68 -29.25 -51.26
CA PHE G 255 -34.30 -29.92 -50.14
C PHE G 255 -35.77 -29.62 -50.08
N GLY G 256 -36.57 -30.49 -50.69
CA GLY G 256 -38.01 -30.25 -50.69
C GLY G 256 -38.63 -30.27 -49.31
N SER G 257 -39.89 -29.86 -49.27
CA SER G 257 -40.66 -29.84 -48.04
C SER G 257 -40.87 -31.27 -47.54
N TRP G 258 -41.77 -31.42 -46.58
CA TRP G 258 -42.10 -32.72 -46.03
C TRP G 258 -43.13 -32.56 -44.93
N TYR G 259 -43.78 -33.67 -44.55
CA TYR G 259 -44.82 -33.64 -43.50
C TYR G 259 -44.28 -34.10 -42.18
N GLN G 260 -44.85 -33.50 -41.13
CA GLN G 260 -44.46 -33.77 -39.77
C GLN G 260 -45.76 -33.80 -38.94
N PRO G 261 -45.86 -34.75 -38.02
CA PRO G 261 -47.04 -34.87 -37.17
C PRO G 261 -47.13 -33.67 -36.24
N LYS G 262 -48.29 -33.01 -36.17
CA LYS G 262 -48.45 -31.86 -35.28
C LYS G 262 -49.90 -31.47 -35.01
N GLY G 263 -50.33 -31.63 -33.76
CA GLY G 263 -51.68 -31.26 -33.40
C GLY G 263 -52.53 -32.33 -32.76
N GLY G 264 -52.04 -33.57 -32.76
CA GLY G 264 -52.78 -34.68 -32.18
C GLY G 264 -53.05 -34.53 -30.69
N THR G 265 -54.30 -34.72 -30.28
CA THR G 265 -54.66 -34.60 -28.88
C THR G 265 -54.55 -35.92 -28.12
N GLU G 266 -55.41 -36.89 -28.46
CA GLU G 266 -55.38 -38.18 -27.80
C GLU G 266 -54.13 -38.96 -28.23
N MET G 267 -54.00 -40.20 -27.74
CA MET G 267 -52.85 -41.06 -28.10
C MET G 267 -53.36 -42.29 -28.83
N PHE G 268 -52.68 -42.69 -29.90
CA PHE G 268 -53.10 -43.86 -30.66
C PHE G 268 -53.17 -45.05 -29.72
N CYS G 269 -54.32 -45.72 -29.70
CA CYS G 269 -54.52 -46.86 -28.84
C CYS G 269 -54.68 -48.14 -29.67
N HIS G 270 -53.88 -49.15 -29.31
CA HIS G 270 -53.88 -50.46 -29.97
C HIS G 270 -55.29 -50.84 -30.45
N PRO G 271 -55.41 -51.33 -31.69
CA PRO G 271 -56.72 -51.74 -32.25
C PRO G 271 -57.48 -52.69 -31.32
N ARG G 272 -56.71 -53.57 -30.68
CA ARG G 272 -57.25 -54.56 -29.75
C ARG G 272 -57.07 -54.00 -28.33
N THR G 273 -55.86 -54.20 -27.80
CA THR G 273 -55.49 -53.75 -26.46
C THR G 273 -56.12 -52.43 -26.06
N GLY G 274 -55.38 -51.34 -26.27
CA GLY G 274 -55.88 -50.03 -25.89
C GLY G 274 -54.79 -49.25 -25.20
N LYS G 275 -53.56 -49.76 -25.28
CA LYS G 275 -52.42 -49.09 -24.65
C LYS G 275 -52.12 -47.77 -25.32
N PRO G 276 -51.84 -46.74 -24.53
CA PRO G 276 -51.53 -45.40 -25.05
C PRO G 276 -50.12 -45.27 -25.63
N LEU G 277 -49.79 -46.12 -26.61
CA LEU G 277 -48.45 -46.09 -27.22
C LEU G 277 -48.03 -44.65 -27.53
N PRO G 278 -47.03 -44.15 -26.79
CA PRO G 278 -46.48 -42.78 -26.91
C PRO G 278 -45.63 -42.54 -28.15
N LYS G 279 -44.70 -43.46 -28.42
CA LYS G 279 -43.81 -43.34 -29.56
C LYS G 279 -44.56 -42.90 -30.81
N TYR G 280 -45.78 -43.40 -30.96
CA TYR G 280 -46.62 -43.07 -32.11
C TYR G 280 -47.22 -41.67 -31.98
N PRO G 281 -47.15 -40.89 -33.07
CA PRO G 281 -47.66 -39.51 -33.17
C PRO G 281 -49.11 -39.36 -32.72
N ARG G 282 -49.36 -38.38 -31.86
CA ARG G 282 -50.71 -38.13 -31.34
C ARG G 282 -51.70 -37.93 -32.48
N ILE G 283 -52.90 -38.42 -32.27
CA ILE G 283 -53.98 -38.36 -33.25
C ILE G 283 -55.15 -37.52 -32.76
N LYS G 284 -56.23 -37.51 -33.53
CA LYS G 284 -57.43 -36.77 -33.17
C LYS G 284 -58.64 -37.61 -33.57
N THR G 285 -59.30 -38.19 -32.57
CA THR G 285 -60.48 -39.03 -32.79
C THR G 285 -61.74 -38.18 -32.56
N PRO G 286 -62.45 -37.82 -33.64
CA PRO G 286 -63.67 -37.00 -33.56
C PRO G 286 -64.95 -37.85 -33.42
N VAL G 288 -69.53 -37.16 -34.86
CA VAL G 288 -69.32 -36.57 -36.21
C VAL G 288 -69.01 -37.65 -37.25
N GLY G 289 -69.80 -37.67 -38.32
CA GLY G 289 -69.60 -38.64 -39.38
C GLY G 289 -70.02 -40.05 -38.99
N ASP G 310 -73.12 -37.71 -47.12
CA ASP G 310 -72.42 -36.86 -46.14
C ASP G 310 -71.04 -36.41 -46.64
N THR G 311 -70.92 -35.14 -47.05
CA THR G 311 -69.65 -34.61 -47.51
C THR G 311 -68.77 -34.47 -46.26
N ARG G 312 -69.01 -35.36 -45.30
CA ARG G 312 -68.28 -35.36 -44.04
C ARG G 312 -66.80 -35.57 -44.21
N GLU G 313 -66.03 -34.79 -43.45
CA GLU G 313 -64.58 -34.84 -43.49
C GLU G 313 -64.07 -36.04 -42.69
N TYR G 314 -64.76 -36.36 -41.60
CA TYR G 314 -64.34 -37.47 -40.73
C TYR G 314 -65.39 -38.54 -40.46
N VAL G 315 -65.01 -39.47 -39.61
CA VAL G 315 -65.83 -40.62 -39.21
C VAL G 315 -65.60 -40.93 -37.73
N ALA G 316 -66.55 -41.59 -37.10
CA ALA G 316 -66.41 -41.96 -35.70
C ALA G 316 -66.17 -43.46 -35.64
N ALA G 318 -62.90 -43.42 -35.88
CA ALA G 318 -61.96 -43.40 -37.03
C ALA G 318 -60.90 -42.32 -36.83
N PRO G 319 -59.82 -42.66 -36.11
CA PRO G 319 -58.70 -41.75 -35.81
C PRO G 319 -57.90 -41.29 -37.03
N TYR G 320 -57.05 -40.30 -36.83
CA TYR G 320 -56.22 -39.78 -37.91
C TYR G 320 -55.18 -38.81 -37.35
N THR G 321 -53.95 -38.94 -37.81
CA THR G 321 -52.90 -38.05 -37.35
C THR G 321 -52.91 -36.75 -38.15
N PRO G 322 -53.06 -35.62 -37.44
CA PRO G 322 -53.09 -34.29 -38.04
C PRO G 322 -51.66 -33.86 -38.29
N VAL G 323 -51.34 -33.47 -39.52
CA VAL G 323 -49.98 -33.08 -39.80
C VAL G 323 -49.84 -31.70 -40.40
N GLU G 324 -48.60 -31.23 -40.46
CA GLU G 324 -48.30 -29.92 -41.03
C GLU G 324 -47.27 -30.07 -42.12
N HIS G 325 -47.39 -29.23 -43.13
CA HIS G 325 -46.48 -29.20 -44.26
C HIS G 325 -45.39 -28.22 -43.87
N VAL G 326 -44.14 -28.70 -43.85
CA VAL G 326 -43.01 -27.87 -43.44
C VAL G 326 -41.86 -27.72 -44.43
N VAL G 327 -41.63 -26.48 -44.86
CA VAL G 327 -40.58 -26.13 -45.82
C VAL G 327 -39.19 -26.02 -45.21
N PHE G 328 -38.22 -26.64 -45.86
CA PHE G 328 -36.83 -26.61 -45.39
C PHE G 328 -36.43 -25.22 -44.98
N ASN G 329 -35.84 -25.09 -43.79
CA ASN G 329 -35.39 -23.80 -43.32
C ASN G 329 -33.91 -23.83 -42.94
N PRO G 330 -33.04 -23.28 -43.78
CA PRO G 330 -31.60 -23.27 -43.53
C PRO G 330 -31.22 -22.83 -42.11
N SER G 331 -32.06 -22.01 -41.50
CA SER G 331 -31.78 -21.53 -40.15
C SER G 331 -31.97 -22.64 -39.12
N SER G 332 -32.94 -23.52 -39.37
CA SER G 332 -33.24 -24.63 -38.46
C SER G 332 -32.15 -25.65 -38.41
N ARG G 333 -31.46 -25.73 -37.28
CA ARG G 333 -30.37 -26.69 -37.14
C ARG G 333 -30.95 -28.11 -37.16
N ASP G 334 -32.26 -28.19 -36.96
CA ASP G 334 -32.97 -29.47 -36.95
C ASP G 334 -33.03 -29.95 -38.40
N HIS G 335 -33.70 -29.16 -39.25
CA HIS G 335 -33.81 -29.51 -40.67
C HIS G 335 -32.43 -29.87 -41.23
N ILE G 336 -31.44 -29.04 -40.96
CA ILE G 336 -30.10 -29.30 -41.44
C ILE G 336 -29.63 -30.71 -41.03
N GLN G 337 -30.00 -31.11 -39.80
CA GLN G 337 -29.66 -32.43 -39.25
C GLN G 337 -30.48 -33.53 -39.92
N LYS G 338 -31.77 -33.25 -40.11
CA LYS G 338 -32.65 -34.21 -40.76
C LYS G 338 -32.14 -34.49 -42.16
N LYS G 339 -32.50 -33.61 -43.08
CA LYS G 339 -32.08 -33.72 -44.47
C LYS G 339 -30.67 -34.26 -44.62
N LEU G 340 -29.69 -33.62 -43.98
CA LEU G 340 -28.30 -34.07 -44.09
C LEU G 340 -28.11 -35.51 -43.68
N GLN G 341 -28.91 -35.97 -42.71
CA GLN G 341 -28.80 -37.34 -42.21
C GLN G 341 -29.32 -38.35 -43.21
N GLU G 342 -30.41 -38.01 -43.88
CA GLU G 342 -31.01 -38.89 -44.89
C GLU G 342 -30.09 -38.97 -46.11
N ALA G 343 -29.05 -38.13 -46.10
CA ALA G 343 -28.10 -38.11 -47.19
C ALA G 343 -27.03 -39.14 -46.91
N GLY G 344 -27.06 -39.70 -45.70
CA GLY G 344 -26.09 -40.72 -45.34
C GLY G 344 -25.02 -40.24 -44.38
N TRP G 345 -25.29 -39.12 -43.73
CA TRP G 345 -24.33 -38.58 -42.77
C TRP G 345 -24.46 -39.35 -41.47
N VAL G 346 -23.32 -39.70 -40.88
CA VAL G 346 -23.32 -40.43 -39.62
C VAL G 346 -22.83 -39.47 -38.55
N PRO G 347 -23.77 -38.88 -37.77
CA PRO G 347 -23.43 -37.93 -36.70
C PRO G 347 -22.50 -38.48 -35.64
N THR G 348 -21.35 -37.85 -35.52
CA THR G 348 -20.35 -38.23 -34.54
C THR G 348 -20.65 -37.51 -33.22
N LYS G 349 -20.26 -36.24 -33.16
CA LYS G 349 -20.48 -35.45 -31.96
C LYS G 349 -21.96 -35.10 -31.71
N TYR G 350 -22.50 -35.52 -30.57
CA TYR G 350 -23.89 -35.23 -30.19
C TYR G 350 -23.90 -34.38 -28.92
N THR G 351 -25.08 -33.92 -28.49
CA THR G 351 -25.15 -33.10 -27.28
C THR G 351 -25.79 -33.83 -26.11
N ASP G 352 -25.36 -33.48 -24.91
CA ASP G 352 -25.94 -34.06 -23.70
C ASP G 352 -27.36 -33.50 -23.63
N LYS G 353 -28.20 -34.01 -24.53
CA LYS G 353 -29.60 -33.64 -24.66
C LYS G 353 -30.16 -34.48 -25.79
N GLY G 354 -29.34 -35.42 -26.27
CA GLY G 354 -29.74 -36.32 -27.33
C GLY G 354 -29.79 -35.81 -28.76
N ALA G 355 -28.94 -34.83 -29.11
CA ALA G 355 -28.94 -34.31 -30.47
C ALA G 355 -27.53 -34.12 -31.03
N PRO G 356 -27.40 -34.15 -32.36
CA PRO G 356 -26.12 -33.99 -33.05
C PRO G 356 -25.64 -32.54 -33.15
N VAL G 357 -24.37 -32.31 -32.87
CA VAL G 357 -23.83 -30.95 -32.98
C VAL G 357 -23.67 -30.59 -34.47
N VAL G 358 -24.34 -29.52 -34.85
CA VAL G 358 -24.32 -29.08 -36.20
C VAL G 358 -23.83 -27.65 -36.31
N ASP G 359 -22.66 -27.40 -35.72
CA ASP G 359 -22.07 -26.08 -35.84
C ASP G 359 -21.26 -26.11 -37.15
N ASP G 360 -20.82 -24.95 -37.61
CA ASP G 360 -20.07 -24.92 -38.85
C ASP G 360 -18.94 -25.92 -38.85
N GLU G 361 -18.34 -26.14 -37.68
CA GLU G 361 -17.25 -27.09 -37.56
C GLU G 361 -17.66 -28.43 -38.19
N VAL G 362 -18.66 -29.08 -37.60
CA VAL G 362 -19.08 -30.36 -38.13
C VAL G 362 -19.59 -30.25 -39.55
N LEU G 363 -20.34 -29.18 -39.84
CA LEU G 363 -20.87 -28.98 -41.19
C LEU G 363 -19.74 -28.98 -42.21
N GLU G 364 -18.60 -28.41 -41.85
CA GLU G 364 -17.49 -28.39 -42.78
C GLU G 364 -17.04 -29.83 -43.03
N GLY G 365 -17.08 -30.64 -41.96
CA GLY G 365 -16.67 -32.03 -42.06
C GLY G 365 -17.61 -33.00 -42.74
N VAL G 366 -18.91 -32.76 -42.61
CA VAL G 366 -19.93 -33.64 -43.22
C VAL G 366 -19.62 -34.05 -44.66
N ARG G 367 -19.82 -35.33 -44.98
CA ARG G 367 -19.55 -35.79 -46.33
C ARG G 367 -20.61 -36.77 -46.84
N VAL G 368 -21.52 -36.27 -47.66
CA VAL G 368 -22.56 -37.11 -48.21
C VAL G 368 -22.17 -37.55 -49.62
N ASP G 369 -22.98 -38.44 -50.20
CA ASP G 369 -22.74 -38.98 -51.54
C ASP G 369 -23.29 -38.13 -52.68
N ASP G 370 -24.56 -37.71 -52.56
CA ASP G 370 -25.18 -36.91 -53.61
C ASP G 370 -24.44 -35.59 -53.77
N PRO G 371 -23.76 -35.41 -54.92
CA PRO G 371 -22.98 -34.21 -55.24
C PRO G 371 -23.71 -32.85 -55.07
N GLU G 372 -24.91 -32.73 -55.62
CA GLU G 372 -25.66 -31.49 -55.49
C GLU G 372 -25.87 -31.16 -54.02
N LYS G 373 -26.11 -32.21 -53.21
CA LYS G 373 -26.36 -32.07 -51.79
C LYS G 373 -25.14 -31.60 -50.98
N GLN G 374 -24.01 -32.26 -51.10
CA GLN G 374 -22.83 -31.81 -50.36
C GLN G 374 -22.51 -30.38 -50.77
N ALA G 375 -22.93 -30.00 -51.98
CA ALA G 375 -22.69 -28.65 -52.47
C ALA G 375 -23.52 -27.70 -51.64
N ALA G 376 -24.73 -28.12 -51.30
CA ALA G 376 -25.66 -27.33 -50.50
C ALA G 376 -25.22 -27.15 -49.07
N ILE G 377 -24.28 -27.99 -48.61
CA ILE G 377 -23.80 -27.86 -47.26
C ILE G 377 -23.04 -26.56 -47.17
N ASP G 378 -22.25 -26.26 -48.19
CA ASP G 378 -21.49 -25.02 -48.21
C ASP G 378 -22.40 -23.81 -48.32
N LEU G 379 -23.63 -24.02 -48.79
CA LEU G 379 -24.58 -22.92 -48.94
C LEU G 379 -25.31 -22.67 -47.66
N ILE G 380 -25.41 -23.69 -46.82
CA ILE G 380 -26.08 -23.50 -45.55
C ILE G 380 -25.11 -22.81 -44.64
N LYS G 381 -23.88 -23.31 -44.62
CA LYS G 381 -22.85 -22.70 -43.80
C LYS G 381 -22.92 -21.20 -44.07
N GLU G 382 -22.96 -20.82 -45.35
CA GLU G 382 -23.05 -19.42 -45.77
C GLU G 382 -24.39 -18.81 -45.43
N TYR G 383 -25.44 -19.61 -45.50
CA TYR G 383 -26.77 -19.09 -45.20
C TYR G 383 -26.88 -18.75 -43.73
N LEU G 384 -26.33 -19.61 -42.89
CA LEU G 384 -26.40 -19.38 -41.47
C LEU G 384 -25.66 -18.09 -41.12
N MET G 385 -24.53 -17.85 -41.78
CA MET G 385 -23.75 -16.65 -41.51
C MET G 385 -24.44 -15.38 -41.98
N ILE G 386 -24.99 -15.40 -43.19
CA ILE G 386 -25.69 -14.24 -43.71
C ILE G 386 -26.72 -13.81 -42.70
N GLN G 387 -27.26 -14.78 -41.97
CA GLN G 387 -28.26 -14.51 -40.96
C GLN G 387 -27.64 -13.95 -39.69
N LYS G 388 -26.43 -14.37 -39.33
CA LYS G 388 -25.80 -13.85 -38.11
C LYS G 388 -25.46 -12.36 -38.29
N ARG G 389 -25.51 -11.91 -39.55
CA ARG G 389 -25.24 -10.53 -39.89
C ARG G 389 -26.54 -9.79 -40.05
N ILE G 390 -27.49 -10.37 -40.76
CA ILE G 390 -28.75 -9.69 -40.95
C ILE G 390 -29.44 -9.46 -39.60
N GLY G 391 -29.10 -10.28 -38.62
CA GLY G 391 -29.69 -10.15 -37.30
C GLY G 391 -29.00 -9.12 -36.44
N GLN G 392 -27.67 -9.13 -36.48
CA GLN G 392 -26.89 -8.18 -35.70
C GLN G 392 -27.00 -6.76 -36.21
N SER G 393 -27.29 -6.59 -37.49
CA SER G 393 -27.38 -5.26 -38.05
C SER G 393 -28.79 -4.75 -38.32
N ALA G 394 -29.67 -5.59 -38.82
CA ALA G 394 -30.97 -5.08 -39.14
C ALA G 394 -32.22 -5.66 -38.49
N GLU G 395 -32.39 -6.99 -38.52
CA GLU G 395 -33.60 -7.56 -37.94
C GLU G 395 -33.63 -7.88 -36.46
N GLY G 396 -32.48 -8.18 -35.85
CA GLY G 396 -32.49 -8.49 -34.44
C GLY G 396 -33.17 -7.45 -33.56
N ASP G 397 -33.32 -7.74 -32.28
CA ASP G 397 -33.96 -6.83 -31.34
C ASP G 397 -32.99 -5.76 -30.94
N LYS G 398 -31.70 -6.09 -30.87
CA LYS G 398 -30.70 -5.10 -30.50
C LYS G 398 -29.93 -4.73 -31.76
N ALA G 399 -30.63 -4.74 -32.88
CA ALA G 399 -30.02 -4.43 -34.17
C ALA G 399 -29.57 -2.99 -34.26
N TRP G 400 -28.43 -2.74 -34.91
CA TRP G 400 -27.92 -1.38 -35.07
C TRP G 400 -29.00 -0.46 -35.64
N LEU G 401 -29.58 -0.85 -36.76
CA LEU G 401 -30.60 -0.03 -37.41
C LEU G 401 -31.76 0.32 -36.53
N ARG G 402 -31.93 -0.40 -35.43
CA ARG G 402 -33.04 -0.15 -34.53
C ARG G 402 -32.58 0.80 -33.44
N TYR G 403 -31.30 0.71 -33.13
CA TYR G 403 -30.70 1.53 -32.10
C TYR G 403 -30.09 2.87 -32.53
N VAL G 404 -30.08 3.21 -33.81
CA VAL G 404 -29.51 4.49 -34.22
C VAL G 404 -30.33 5.64 -33.66
N ALA G 405 -29.66 6.61 -33.07
CA ALA G 405 -30.35 7.76 -32.50
C ALA G 405 -30.70 8.83 -33.55
N GLU G 406 -31.51 9.81 -33.15
CA GLU G 406 -31.90 10.86 -34.08
C GLU G 406 -30.66 11.65 -34.52
N ASP G 407 -29.68 11.75 -33.62
CA ASP G 407 -28.46 12.48 -33.93
C ASP G 407 -27.47 11.66 -34.75
N GLY G 408 -27.96 10.54 -35.29
CA GLY G 408 -27.11 9.70 -36.12
C GLY G 408 -25.92 9.09 -35.42
N LYS G 409 -26.15 8.58 -34.22
CA LYS G 409 -25.12 7.93 -33.43
C LYS G 409 -25.77 6.79 -32.67
N ILE G 410 -24.99 5.76 -32.36
CA ILE G 410 -25.52 4.62 -31.61
C ILE G 410 -24.95 4.72 -30.21
N HIS G 411 -25.82 4.86 -29.22
CA HIS G 411 -25.35 4.97 -27.85
C HIS G 411 -25.38 3.66 -27.06
N GLY G 412 -24.66 2.65 -27.55
CA GLY G 412 -24.64 1.38 -26.84
C GLY G 412 -24.33 1.68 -25.39
N SER G 413 -24.84 0.88 -24.45
CA SER G 413 -24.56 1.16 -23.04
C SER G 413 -23.33 0.41 -22.64
N VAL G 414 -22.69 0.87 -21.58
CA VAL G 414 -21.47 0.22 -21.09
C VAL G 414 -21.51 0.12 -19.59
N ASN G 415 -21.18 -1.07 -19.08
CA ASN G 415 -21.13 -1.32 -17.65
C ASN G 415 -19.65 -1.33 -17.35
N PRO G 416 -19.15 -0.30 -16.65
CA PRO G 416 -17.71 -0.24 -16.34
C PRO G 416 -17.20 -1.41 -15.51
N ASN G 417 -18.09 -2.33 -15.11
CA ASN G 417 -17.67 -3.50 -14.34
C ASN G 417 -18.45 -4.71 -14.79
N GLY G 418 -19.40 -5.15 -13.98
CA GLY G 418 -20.21 -6.30 -14.38
C GLY G 418 -19.49 -7.53 -14.94
N ALA G 419 -18.16 -7.54 -14.92
CA ALA G 419 -17.40 -8.69 -15.41
C ALA G 419 -17.12 -9.58 -14.20
N VAL G 420 -16.19 -9.12 -13.36
CA VAL G 420 -15.72 -9.75 -12.10
C VAL G 420 -14.22 -9.63 -12.05
N THR G 421 -13.65 -9.34 -13.21
CA THR G 421 -12.22 -9.22 -13.33
C THR G 421 -11.88 -7.75 -13.48
N GLY G 422 -12.88 -6.95 -13.83
CA GLY G 422 -12.67 -5.53 -14.01
C GLY G 422 -13.13 -5.10 -15.39
N ARG G 423 -13.16 -6.07 -16.30
CA ARG G 423 -13.59 -5.85 -17.68
C ARG G 423 -15.00 -5.32 -17.65
N ALA G 424 -15.33 -4.47 -18.62
CA ALA G 424 -16.67 -3.92 -18.66
C ALA G 424 -17.51 -4.90 -19.45
N THR G 425 -18.83 -4.65 -19.51
CA THR G 425 -19.74 -5.47 -20.30
C THR G 425 -20.49 -4.49 -21.18
N HIS G 426 -20.46 -4.71 -22.48
CA HIS G 426 -21.16 -3.80 -23.36
C HIS G 426 -22.55 -4.37 -23.72
N ALA G 427 -23.49 -3.50 -24.09
CA ALA G 427 -24.83 -3.96 -24.42
C ALA G 427 -25.76 -2.86 -24.93
N PHE G 428 -26.82 -3.30 -25.61
CA PHE G 428 -27.87 -2.43 -26.16
C PHE G 428 -27.42 -1.30 -27.07
N PRO G 429 -26.84 -1.63 -28.23
CA PRO G 429 -26.58 -2.97 -28.71
C PRO G 429 -25.19 -3.22 -28.20
N ASN G 430 -24.70 -4.44 -28.29
CA ASN G 430 -23.36 -4.70 -27.79
C ASN G 430 -22.34 -4.27 -28.85
N LEU G 431 -21.61 -3.19 -28.58
CA LEU G 431 -20.61 -2.74 -29.54
C LEU G 431 -19.24 -3.30 -29.27
N ALA G 432 -19.18 -4.52 -28.73
CA ALA G 432 -17.91 -5.15 -28.45
C ALA G 432 -17.91 -6.50 -29.13
N GLN G 433 -18.83 -6.64 -30.08
CA GLN G 433 -19.00 -7.86 -30.84
C GLN G 433 -19.37 -7.53 -32.28
N ILE G 434 -18.80 -6.44 -32.79
CA ILE G 434 -19.05 -6.07 -34.17
C ILE G 434 -18.13 -7.04 -34.89
N PRO G 435 -18.59 -7.67 -35.97
CA PRO G 435 -17.64 -8.58 -36.63
C PRO G 435 -16.37 -7.79 -36.97
N GLY G 436 -15.20 -8.43 -36.88
CA GLY G 436 -13.97 -7.72 -37.21
C GLY G 436 -13.80 -7.70 -38.72
N VAL G 437 -12.77 -7.04 -39.21
CA VAL G 437 -12.55 -6.98 -40.66
C VAL G 437 -12.14 -8.31 -41.25
N ARG G 438 -11.63 -9.20 -40.43
CA ARG G 438 -11.21 -10.51 -40.89
C ARG G 438 -12.41 -11.45 -40.80
N SER G 439 -13.58 -10.95 -41.20
CA SER G 439 -14.82 -11.73 -41.15
C SER G 439 -15.81 -11.30 -42.22
N PRO G 440 -16.45 -12.27 -42.89
CA PRO G 440 -17.42 -11.94 -43.93
C PRO G 440 -18.21 -10.70 -43.58
N TYR G 441 -18.09 -9.66 -44.41
CA TYR G 441 -18.79 -8.39 -44.21
C TYR G 441 -18.30 -7.63 -42.99
N GLY G 442 -17.22 -8.10 -42.39
CA GLY G 442 -16.68 -7.43 -41.23
C GLY G 442 -15.89 -6.22 -41.68
N GLU G 443 -16.01 -5.88 -42.96
CA GLU G 443 -15.30 -4.73 -43.49
C GLU G 443 -16.30 -3.61 -43.69
N GLN G 444 -17.55 -3.98 -43.95
CA GLN G 444 -18.61 -3.01 -44.17
C GLN G 444 -19.26 -2.57 -42.87
N CYS G 445 -19.28 -3.47 -41.90
CA CYS G 445 -19.87 -3.20 -40.58
C CYS G 445 -18.98 -2.23 -39.86
N ARG G 446 -17.69 -2.55 -39.80
CA ARG G 446 -16.74 -1.71 -39.11
C ARG G 446 -16.65 -0.33 -39.77
N ALA G 447 -16.74 -0.29 -41.09
CA ALA G 447 -16.67 0.98 -41.79
C ALA G 447 -17.88 1.87 -41.53
N ALA G 448 -18.92 1.33 -40.90
CA ALA G 448 -20.12 2.12 -40.64
C ALA G 448 -20.07 2.82 -39.29
N PHE G 449 -19.06 2.50 -38.50
CA PHE G 449 -18.91 3.13 -37.22
C PHE G 449 -17.63 3.95 -37.33
N GLY G 450 -17.76 5.27 -37.43
CA GLY G 450 -16.57 6.08 -37.56
C GLY G 450 -16.76 7.58 -37.38
N ALA G 451 -15.68 8.25 -37.01
CA ALA G 451 -15.71 9.67 -36.79
C ALA G 451 -16.19 10.34 -38.05
N GLU G 452 -15.71 9.86 -39.18
CA GLU G 452 -16.06 10.42 -40.46
C GLU G 452 -17.56 10.48 -40.75
N HIS G 453 -18.37 9.91 -39.89
CA HIS G 453 -19.81 9.94 -40.12
C HIS G 453 -20.45 11.06 -39.30
N HIS G 454 -19.59 11.85 -38.66
CA HIS G 454 -20.04 13.00 -37.87
C HIS G 454 -19.50 14.29 -38.48
N LEU G 455 -20.38 15.05 -39.11
CA LEU G 455 -20.00 16.31 -39.72
C LEU G 455 -19.99 17.38 -38.61
N ASP G 456 -18.87 18.09 -38.50
CA ASP G 456 -18.66 19.12 -37.48
C ASP G 456 -19.83 20.08 -37.24
N GLY G 457 -19.97 20.52 -36.00
CA GLY G 457 -21.04 21.45 -35.66
C GLY G 457 -20.97 22.75 -36.44
N ILE G 458 -19.78 23.36 -36.49
CA ILE G 458 -19.55 24.63 -37.17
C ILE G 458 -19.09 24.44 -38.62
N THR G 459 -17.83 24.07 -38.75
CA THR G 459 -17.18 23.85 -40.04
C THR G 459 -17.97 22.88 -40.92
N GLY G 460 -18.90 22.14 -40.32
CA GLY G 460 -19.68 21.17 -41.07
C GLY G 460 -18.85 20.08 -41.73
N LYS G 461 -17.56 20.04 -41.44
CA LYS G 461 -16.66 19.04 -42.03
C LYS G 461 -16.51 17.80 -41.17
N PRO G 462 -16.32 16.65 -41.82
CA PRO G 462 -16.15 15.35 -41.14
C PRO G 462 -15.02 15.34 -40.11
N TRP G 463 -15.20 14.57 -39.05
CA TRP G 463 -14.20 14.44 -38.03
C TRP G 463 -13.25 13.32 -38.46
N VAL G 464 -12.26 13.03 -37.63
CA VAL G 464 -11.26 12.00 -37.89
C VAL G 464 -11.22 11.11 -36.66
N GLN G 465 -11.12 9.80 -36.88
CA GLN G 465 -11.07 8.86 -35.76
C GLN G 465 -9.65 8.49 -35.42
N ALA G 466 -9.43 8.17 -34.15
CA ALA G 466 -8.09 7.77 -33.69
C ALA G 466 -8.15 6.49 -32.86
N GLY G 467 -7.79 5.37 -33.48
CA GLY G 467 -7.85 4.11 -32.76
C GLY G 467 -6.55 3.79 -32.06
N ILE G 468 -6.58 3.79 -30.74
CA ILE G 468 -5.39 3.46 -29.97
C ILE G 468 -5.66 2.13 -29.27
N ASP G 469 -4.66 1.24 -29.23
CA ASP G 469 -4.81 -0.07 -28.60
C ASP G 469 -3.55 -0.48 -27.86
N ALA G 470 -3.71 -1.28 -26.80
CA ALA G 470 -2.59 -1.75 -25.99
C ALA G 470 -1.87 -2.93 -26.59
N SER G 471 -0.58 -2.78 -26.83
CA SER G 471 0.26 -3.82 -27.43
C SER G 471 0.58 -4.98 -26.49
N GLY G 472 0.15 -6.18 -26.85
CA GLY G 472 0.41 -7.37 -26.06
C GLY G 472 0.16 -7.33 -24.57
N LEU G 473 -0.73 -6.44 -24.15
CA LEU G 473 -1.06 -6.30 -22.74
C LEU G 473 -1.22 -7.64 -22.02
N GLU G 474 -1.62 -8.68 -22.74
CA GLU G 474 -1.81 -9.98 -22.12
C GLU G 474 -0.49 -10.62 -21.72
N LEU G 475 0.29 -11.03 -22.72
CA LEU G 475 1.57 -11.67 -22.46
C LEU G 475 2.39 -10.85 -21.48
N ARG G 476 2.24 -9.53 -21.52
CA ARG G 476 2.97 -8.65 -20.62
C ARG G 476 2.53 -8.79 -19.16
N CYS G 477 1.23 -8.90 -18.92
CA CYS G 477 0.74 -9.07 -17.55
C CYS G 477 1.39 -10.33 -16.95
N LEU G 478 1.71 -11.29 -17.80
CA LEU G 478 2.33 -12.52 -17.33
C LEU G 478 3.80 -12.25 -17.05
N ALA G 479 4.46 -11.56 -17.97
CA ALA G 479 5.87 -11.23 -17.83
C ALA G 479 6.05 -10.65 -16.45
N HIS G 480 5.47 -9.46 -16.28
CA HIS G 480 5.48 -8.72 -15.02
C HIS G 480 5.32 -9.67 -13.83
N PHE G 481 4.15 -10.30 -13.74
CA PHE G 481 3.86 -11.22 -12.65
C PHE G 481 4.84 -12.36 -12.45
N MET G 482 5.44 -12.86 -13.53
CA MET G 482 6.39 -13.93 -13.36
C MET G 482 7.83 -13.45 -13.41
N ALA G 483 8.03 -12.18 -13.08
CA ALA G 483 9.36 -11.57 -13.05
C ALA G 483 9.95 -11.75 -11.65
N ARG G 484 9.08 -11.92 -10.66
CA ARG G 484 9.52 -12.13 -9.30
C ARG G 484 10.06 -13.55 -9.24
N PHE G 485 10.22 -14.13 -10.43
CA PHE G 485 10.76 -15.46 -10.58
C PHE G 485 11.78 -15.46 -11.74
N ASP G 486 11.42 -14.83 -12.86
CA ASP G 486 12.29 -14.75 -14.04
C ASP G 486 13.28 -13.61 -13.92
N ASN G 487 12.97 -12.65 -13.05
CA ASN G 487 13.82 -11.48 -12.82
C ASN G 487 14.10 -10.69 -14.11
N GLY G 488 13.07 -10.52 -14.92
CA GLY G 488 13.22 -9.77 -16.16
C GLY G 488 13.31 -10.57 -17.43
N GLU G 489 13.28 -11.89 -17.31
CA GLU G 489 13.39 -12.80 -18.46
C GLU G 489 12.42 -12.48 -19.59
N TYR G 490 11.20 -13.00 -19.45
CA TYR G 490 10.18 -12.78 -20.45
C TYR G 490 9.99 -11.29 -20.65
N ALA G 491 10.04 -10.53 -19.55
CA ALA G 491 9.89 -9.09 -19.61
C ALA G 491 10.77 -8.52 -20.73
N HIS G 492 12.08 -8.77 -20.63
CA HIS G 492 13.02 -8.29 -21.63
C HIS G 492 12.79 -9.00 -22.96
N GLU G 493 12.60 -10.31 -22.92
CA GLU G 493 12.36 -11.05 -24.15
C GLU G 493 11.24 -10.36 -24.92
N ILE G 494 10.07 -10.24 -24.30
CA ILE G 494 8.93 -9.60 -24.95
C ILE G 494 9.20 -8.22 -25.53
N LEU G 495 10.23 -7.54 -25.02
CA LEU G 495 10.51 -6.20 -25.54
C LEU G 495 11.80 -6.02 -26.33
N ASN G 496 12.95 -6.18 -25.68
CA ASN G 496 14.24 -5.99 -26.34
C ASN G 496 14.74 -7.16 -27.21
N GLY G 497 13.82 -8.04 -27.59
CA GLY G 497 14.19 -9.18 -28.44
C GLY G 497 12.97 -9.82 -29.07
N ASP G 498 12.73 -11.09 -28.77
CA ASP G 498 11.55 -11.78 -29.29
C ASP G 498 10.96 -12.67 -28.19
N ILE G 499 9.65 -12.88 -28.25
CA ILE G 499 8.97 -13.68 -27.23
C ILE G 499 8.46 -15.02 -27.75
N HIS G 500 7.73 -15.00 -28.85
CA HIS G 500 7.14 -16.21 -29.39
C HIS G 500 8.12 -17.34 -29.71
N THR G 501 9.22 -17.04 -30.39
CA THR G 501 10.19 -18.08 -30.69
C THR G 501 10.63 -18.78 -29.39
N LYS G 502 10.81 -18.00 -28.32
CA LYS G 502 11.20 -18.56 -27.04
C LYS G 502 10.11 -19.56 -26.65
N ASN G 503 8.87 -19.17 -26.90
CA ASN G 503 7.75 -20.03 -26.60
C ASN G 503 7.80 -21.22 -27.53
N GLN G 504 7.89 -20.95 -28.83
CA GLN G 504 7.94 -22.00 -29.83
C GLN G 504 8.98 -23.03 -29.45
N ILE G 505 10.06 -22.56 -28.82
CA ILE G 505 11.15 -23.43 -28.37
C ILE G 505 10.76 -23.98 -27.02
N ALA G 506 10.18 -23.10 -26.21
CA ALA G 506 9.76 -23.48 -24.87
C ALA G 506 9.05 -24.82 -24.99
N ALA G 507 7.91 -24.81 -25.65
CA ALA G 507 7.16 -26.03 -25.86
C ALA G 507 7.72 -26.64 -27.14
N GLU G 508 7.98 -27.94 -27.12
CA GLU G 508 8.51 -28.63 -28.29
C GLU G 508 7.51 -28.49 -29.44
N LEU G 509 7.56 -27.36 -30.16
CA LEU G 509 6.64 -27.09 -31.27
C LEU G 509 7.36 -26.96 -32.60
N PRO G 510 6.59 -27.04 -33.71
CA PRO G 510 7.10 -26.93 -35.08
C PRO G 510 7.17 -25.49 -35.59
N THR G 511 6.02 -24.90 -35.86
CA THR G 511 5.94 -23.53 -36.36
C THR G 511 5.71 -22.46 -35.28
N ARG G 512 6.20 -21.26 -35.55
CA ARG G 512 6.08 -20.12 -34.65
C ARG G 512 4.62 -19.76 -34.44
N ASP G 513 3.91 -19.48 -35.54
CA ASP G 513 2.51 -19.10 -35.46
C ASP G 513 1.69 -20.12 -34.66
N ASN G 514 2.21 -21.33 -34.53
CA ASN G 514 1.53 -22.36 -33.74
C ASN G 514 1.70 -21.95 -32.29
N ALA G 515 2.92 -21.55 -31.95
C ALA G 515 2.42 -19.88 -30.24
N LYS G 516 2.18 -19.02 -31.22
CA LYS G 516 1.40 -17.80 -30.99
C LYS G 516 -0.03 -18.14 -30.57
N THR G 517 -0.48 -19.33 -30.95
CA THR G 517 -1.81 -19.82 -30.60
C THR G 517 -1.70 -20.52 -29.26
N PHE G 518 -0.77 -21.47 -29.19
CA PHE G 518 -0.57 -22.24 -27.97
C PHE G 518 -0.52 -21.38 -26.72
N ILE G 519 0.20 -20.27 -26.78
CA ILE G 519 0.30 -19.37 -25.65
C ILE G 519 -0.96 -18.58 -25.38
N TYR G 520 -1.28 -17.66 -26.29
CA TYR G 520 -2.47 -16.81 -26.16
C TYR G 520 -3.73 -17.61 -25.89
N GLY G 521 -3.60 -18.92 -25.79
CA GLY G 521 -4.73 -19.77 -25.53
C GLY G 521 -4.39 -20.71 -24.39
N PHE G 522 -4.17 -20.17 -23.19
CA PHE G 522 -3.84 -20.98 -22.03
C PHE G 522 -3.59 -20.12 -20.78
N LYS G 530 -8.33 -29.12 -26.45
CA LYS G 530 -8.28 -28.24 -27.66
C LYS G 530 -6.83 -27.83 -27.97
N ILE G 531 -5.90 -28.27 -27.12
CA ILE G 531 -4.50 -27.95 -27.31
C ILE G 531 -3.87 -28.92 -28.31
N GLY G 532 -3.87 -30.21 -27.94
CA GLY G 532 -3.31 -31.23 -28.81
C GLY G 532 -3.83 -31.01 -30.21
N GLN G 533 -5.15 -30.87 -30.34
CA GLN G 533 -5.76 -30.65 -31.63
C GLN G 533 -5.05 -29.52 -32.36
N ILE G 534 -4.92 -28.38 -31.68
CA ILE G 534 -4.25 -27.20 -32.24
C ILE G 534 -2.89 -27.49 -32.85
N VAL G 535 -2.31 -28.64 -32.51
CA VAL G 535 -1.01 -29.03 -33.02
C VAL G 535 -1.10 -30.16 -34.04
N GLY G 536 -2.14 -30.96 -33.92
CA GLY G 536 -2.35 -32.09 -34.81
C GLY G 536 -3.16 -33.18 -34.14
N ALA G 537 -2.59 -33.77 -33.09
CA ALA G 537 -3.23 -34.85 -32.34
C ALA G 537 -4.55 -34.42 -31.68
N GLY G 538 -4.78 -34.89 -30.45
CA GLY G 538 -6.01 -34.53 -29.77
C GLY G 538 -6.03 -34.71 -28.25
N LYS G 539 -4.96 -35.30 -27.69
CA LYS G 539 -4.91 -35.51 -26.25
C LYS G 539 -3.48 -35.62 -25.72
N GLU G 540 -2.84 -36.78 -25.90
CA GLU G 540 -1.47 -37.01 -25.43
C GLU G 540 -0.50 -35.88 -25.76
N ARG G 541 -0.30 -35.60 -27.05
CA ARG G 541 0.62 -34.54 -27.47
C ARG G 541 0.24 -33.21 -26.81
N GLY G 542 -1.05 -32.96 -26.69
CA GLY G 542 -1.51 -31.73 -26.06
C GLY G 542 -1.08 -31.75 -24.59
N LYS G 543 -1.50 -32.81 -23.90
CA LYS G 543 -1.18 -33.01 -22.47
C LYS G 543 0.24 -33.52 -22.29
N GLU G 544 1.13 -33.03 -23.14
CA GLU G 544 2.55 -33.38 -23.11
C GLU G 544 3.31 -32.09 -23.40
N LEU G 545 2.67 -31.24 -24.20
CA LEU G 545 3.23 -29.95 -24.57
C LEU G 545 3.24 -29.07 -23.33
N LYS G 546 2.09 -28.99 -22.67
CA LYS G 546 1.96 -28.19 -21.45
C LYS G 546 3.11 -28.58 -20.55
N LYS G 547 3.51 -29.84 -20.63
CA LYS G 547 4.60 -30.38 -19.83
C LYS G 547 5.93 -29.74 -20.23
N LYS G 548 6.34 -29.99 -21.48
CA LYS G 548 7.58 -29.45 -22.01
C LYS G 548 7.63 -27.93 -21.94
N PHE G 549 6.46 -27.30 -22.07
CA PHE G 549 6.39 -25.85 -22.02
C PHE G 549 6.48 -25.35 -20.58
N LEU G 550 5.70 -25.95 -19.70
CA LEU G 550 5.72 -25.59 -18.29
C LEU G 550 6.87 -26.38 -17.62
N GLU G 551 7.90 -26.66 -18.41
CA GLU G 551 9.09 -27.40 -17.97
C GLU G 551 10.35 -26.62 -18.34
N ASN G 552 10.36 -26.10 -19.56
CA ASN G 552 11.48 -25.30 -20.07
C ASN G 552 11.23 -23.82 -19.77
N THR G 553 10.11 -23.57 -19.09
CA THR G 553 9.71 -22.22 -18.68
C THR G 553 9.15 -22.39 -17.26
N PRO G 554 10.06 -22.58 -16.28
CA PRO G 554 9.72 -22.77 -14.86
C PRO G 554 9.08 -21.54 -14.22
N ALA G 555 9.27 -20.37 -14.82
CA ALA G 555 8.70 -19.13 -14.31
C ALA G 555 7.16 -19.16 -14.28
N ILE G 556 6.54 -19.59 -15.39
CA ILE G 556 5.07 -19.69 -15.46
C ILE G 556 4.65 -20.76 -14.48
N ALA G 557 5.55 -21.72 -14.29
CA ALA G 557 5.31 -22.82 -13.38
C ALA G 557 5.44 -22.28 -11.97
N ALA G 558 6.36 -21.35 -11.79
CA ALA G 558 6.60 -20.73 -10.50
C ALA G 558 5.38 -19.93 -10.09
N LEU G 559 4.95 -19.04 -10.99
CA LEU G 559 3.78 -18.21 -10.77
C LEU G 559 2.63 -19.11 -10.30
N ARG G 560 2.20 -19.99 -11.20
CA ARG G 560 1.11 -20.93 -10.95
C ARG G 560 1.13 -21.56 -9.53
N GLU G 561 2.32 -21.99 -9.10
CA GLU G 561 2.48 -22.59 -7.79
C GLU G 561 2.28 -21.59 -6.67
N SER G 562 2.91 -20.43 -6.80
CA SER G 562 2.82 -19.38 -5.78
C SER G 562 1.39 -18.97 -5.50
N ILE G 563 0.53 -19.05 -6.51
CA ILE G 563 -0.87 -18.69 -6.38
C ILE G 563 -1.64 -19.74 -5.63
N GLN G 564 -1.63 -20.97 -6.14
CA GLN G 564 -2.33 -22.06 -5.47
C GLN G 564 -1.97 -21.99 -3.99
N GLN G 565 -0.72 -21.61 -3.71
CA GLN G 565 -0.22 -21.50 -2.34
C GLN G 565 -0.97 -20.42 -1.55
N THR G 566 -1.45 -19.40 -2.27
CA THR G 566 -2.17 -18.28 -1.67
C THR G 566 -3.64 -18.33 -2.03
N LEU G 567 -4.32 -19.42 -1.68
CA LEU G 567 -5.74 -19.58 -1.96
C LEU G 567 -6.15 -21.00 -1.58
N VAL G 568 -5.28 -21.97 -1.88
CA VAL G 568 -5.54 -23.37 -1.57
C VAL G 568 -4.85 -23.82 -0.27
N GLU G 569 -5.58 -24.59 0.52
CA GLU G 569 -5.08 -25.13 1.79
C GLU G 569 -6.13 -26.02 2.45
N LYS G 581 -11.50 -26.39 0.22
CA LYS G 581 -10.37 -26.19 1.16
C LYS G 581 -9.73 -24.82 0.95
N TRP G 582 -10.56 -23.78 0.93
CA TRP G 582 -10.08 -22.42 0.69
C TRP G 582 -9.59 -21.58 1.87
N LYS G 583 -8.73 -20.63 1.54
CA LYS G 583 -8.17 -19.67 2.49
C LYS G 583 -8.79 -18.33 2.08
N ARG G 584 -8.30 -17.77 0.98
CA ARG G 584 -8.80 -16.52 0.39
C ARG G 584 -9.45 -16.96 -0.90
N ARG G 585 -10.77 -16.99 -0.95
CA ARG G 585 -11.47 -17.40 -2.16
C ARG G 585 -11.40 -16.31 -3.24
N TRP G 586 -10.47 -15.37 -3.06
CA TRP G 586 -10.29 -14.27 -3.98
C TRP G 586 -8.82 -13.90 -4.21
N ILE G 587 -8.58 -12.81 -4.93
CA ILE G 587 -7.24 -12.35 -5.27
C ILE G 587 -7.22 -10.84 -5.13
N LYS G 588 -6.03 -10.24 -5.12
CA LYS G 588 -5.97 -8.77 -5.02
C LYS G 588 -5.61 -8.22 -6.38
N GLY G 589 -6.35 -7.20 -6.81
CA GLY G 589 -6.07 -6.60 -8.11
C GLY G 589 -5.07 -5.43 -8.08
N LEU G 590 -4.44 -5.15 -9.22
CA LEU G 590 -3.47 -4.07 -9.34
C LEU G 590 -3.82 -2.77 -8.59
N ASP G 591 -5.11 -2.54 -8.38
CA ASP G 591 -5.57 -1.34 -7.68
C ASP G 591 -5.81 -1.54 -6.19
N GLY G 592 -6.12 -2.79 -5.82
CA GLY G 592 -6.37 -3.08 -4.42
C GLY G 592 -7.63 -3.89 -4.26
N ARG G 593 -8.53 -3.70 -5.20
CA ARG G 593 -9.81 -4.40 -5.19
C ARG G 593 -9.63 -5.90 -4.96
N LYS G 594 -10.69 -6.52 -4.48
CA LYS G 594 -10.70 -7.95 -4.28
C LYS G 594 -11.15 -8.46 -5.64
N VAL G 595 -10.62 -9.59 -6.08
CA VAL G 595 -10.99 -10.18 -7.37
C VAL G 595 -11.33 -11.62 -7.11
N HIS G 596 -12.60 -11.90 -6.83
CA HIS G 596 -13.03 -13.26 -6.55
C HIS G 596 -12.53 -14.19 -7.64
N VAL G 597 -12.34 -15.45 -7.28
CA VAL G 597 -11.88 -16.46 -8.23
C VAL G 597 -12.79 -17.67 -8.19
N ARG G 598 -13.30 -18.05 -9.35
CA ARG G 598 -14.22 -19.18 -9.44
C ARG G 598 -13.59 -20.53 -9.11
N SER G 599 -12.44 -20.84 -9.71
CA SER G 599 -11.78 -22.12 -9.46
C SER G 599 -10.25 -22.07 -9.48
N PRO G 600 -9.60 -23.00 -8.77
CA PRO G 600 -8.13 -23.09 -8.69
C PRO G 600 -7.45 -23.05 -10.04
N HIS G 601 -8.05 -23.74 -11.02
CA HIS G 601 -7.50 -23.80 -12.37
C HIS G 601 -7.61 -22.46 -13.10
N ALA G 602 -8.61 -21.66 -12.75
CA ALA G 602 -8.79 -20.37 -13.40
C ALA G 602 -7.94 -19.32 -12.72
N ALA G 603 -7.48 -19.64 -11.52
CA ALA G 603 -6.65 -18.73 -10.76
C ALA G 603 -5.78 -17.84 -11.64
N LEU G 604 -4.80 -18.44 -12.30
CA LEU G 604 -3.88 -17.67 -13.13
C LEU G 604 -4.47 -16.73 -14.17
N ASN G 605 -5.42 -17.23 -14.97
CA ASN G 605 -6.05 -16.42 -16.02
C ASN G 605 -6.71 -15.23 -15.34
N THR G 606 -7.50 -15.51 -14.31
CA THR G 606 -8.17 -14.46 -13.55
C THR G 606 -7.14 -13.39 -13.28
N LEU G 607 -6.14 -13.75 -12.49
CA LEU G 607 -5.09 -12.83 -12.13
C LEU G 607 -4.62 -12.03 -13.35
N LEU G 608 -4.48 -12.72 -14.47
CA LEU G 608 -4.00 -12.09 -15.68
C LEU G 608 -5.02 -11.19 -16.40
N GLN G 609 -6.26 -11.66 -16.52
CA GLN G 609 -7.26 -10.86 -17.22
C GLN G 609 -7.48 -9.57 -16.44
N SER G 610 -7.58 -9.72 -15.12
CA SER G 610 -7.81 -8.56 -14.26
C SER G 610 -6.71 -7.53 -14.47
N ALA G 611 -5.46 -7.93 -14.25
CA ALA G 611 -4.33 -7.04 -14.41
C ALA G 611 -4.40 -6.17 -15.65
N GLY G 612 -4.68 -6.80 -16.79
CA GLY G 612 -4.77 -6.06 -18.04
C GLY G 612 -6.03 -5.23 -18.10
N ALA G 613 -7.05 -5.66 -17.37
CA ALA G 613 -8.31 -4.96 -17.35
C ALA G 613 -8.10 -3.58 -16.72
N LEU G 614 -7.75 -3.61 -15.44
CA LEU G 614 -7.53 -2.41 -14.65
C LEU G 614 -6.50 -1.54 -15.33
N ILE G 615 -5.49 -2.18 -15.91
CA ILE G 615 -4.47 -1.43 -16.60
C ILE G 615 -5.07 -0.54 -17.66
N CYS G 616 -6.13 -1.02 -18.33
CA CYS G 616 -6.80 -0.24 -19.36
C CYS G 616 -7.73 0.78 -18.74
N LYS G 617 -8.60 0.33 -17.84
CA LYS G 617 -9.54 1.22 -17.18
C LYS G 617 -8.75 2.44 -16.73
N LEU G 618 -7.66 2.18 -16.03
CA LEU G 618 -6.82 3.25 -15.52
C LEU G 618 -6.22 4.05 -16.67
N TRP G 619 -5.89 3.37 -17.75
CA TRP G 619 -5.30 3.98 -18.93
C TRP G 619 -6.19 5.02 -19.61
N ILE G 620 -7.39 4.62 -20.03
CA ILE G 620 -8.30 5.56 -20.69
C ILE G 620 -8.69 6.70 -19.74
N ILE G 621 -8.55 6.48 -18.44
CA ILE G 621 -8.89 7.53 -17.50
C ILE G 621 -7.80 8.59 -17.54
N LYS G 622 -6.54 8.15 -17.48
CA LYS G 622 -5.44 9.09 -17.51
C LYS G 622 -5.41 9.76 -18.89
N THR G 623 -5.54 8.96 -19.95
CA THR G 623 -5.52 9.50 -21.32
C THR G 623 -6.42 10.71 -21.44
N GLU G 624 -7.72 10.55 -21.24
CA GLU G 624 -8.61 11.71 -21.34
C GLU G 624 -8.09 12.83 -20.46
N GLU G 625 -7.94 12.53 -19.17
CA GLU G 625 -7.45 13.51 -18.20
C GLU G 625 -6.35 14.34 -18.81
N MET G 626 -5.27 13.68 -19.22
CA MET G 626 -4.14 14.36 -19.82
C MET G 626 -4.55 15.20 -21.04
N LEU G 627 -5.44 14.68 -21.89
CA LEU G 627 -5.89 15.42 -23.07
C LEU G 627 -6.56 16.70 -22.66
N VAL G 628 -6.98 16.76 -21.40
CA VAL G 628 -7.64 17.93 -20.87
C VAL G 628 -6.63 18.84 -20.18
N GLU G 629 -5.68 18.25 -19.46
CA GLU G 629 -4.65 19.03 -18.80
C GLU G 629 -3.71 19.62 -19.85
N LYS G 630 -4.05 19.42 -21.12
CA LYS G 630 -3.25 19.95 -22.23
C LYS G 630 -3.97 21.15 -22.83
N GLY G 631 -5.29 21.04 -22.95
CA GLY G 631 -6.07 22.15 -23.50
C GLY G 631 -7.31 21.75 -24.28
N LEU G 632 -7.45 20.46 -24.61
CA LEU G 632 -8.59 19.97 -25.38
C LEU G 632 -9.84 19.75 -24.55
N LYS G 633 -10.99 19.96 -25.18
CA LYS G 633 -12.30 19.81 -24.52
C LYS G 633 -12.99 18.55 -25.01
N HIS G 634 -13.41 17.69 -24.09
CA HIS G 634 -14.07 16.45 -24.48
C HIS G 634 -15.55 16.69 -24.74
N GLY G 635 -16.01 16.25 -25.91
CA GLY G 635 -17.40 16.43 -26.28
C GLY G 635 -17.47 16.69 -27.76
N TRP G 636 -18.66 16.62 -28.34
CA TRP G 636 -18.75 16.84 -29.78
C TRP G 636 -18.49 18.28 -30.12
N ASP G 637 -18.92 19.17 -29.23
CA ASP G 637 -18.77 20.60 -29.41
C ASP G 637 -17.35 21.04 -29.07
N GLY G 638 -16.51 20.09 -28.68
CA GLY G 638 -15.14 20.42 -28.31
C GLY G 638 -14.10 20.13 -29.38
N ASP G 639 -13.10 19.32 -29.00
CA ASP G 639 -12.01 18.95 -29.91
C ASP G 639 -11.96 17.44 -30.15
N PHE G 640 -12.28 16.67 -29.11
CA PHE G 640 -12.27 15.21 -29.20
C PHE G 640 -13.43 14.61 -28.43
N ALA G 641 -13.72 13.33 -28.69
CA ALA G 641 -14.81 12.64 -28.00
C ALA G 641 -14.59 11.13 -27.97
N TYR G 642 -14.86 10.51 -26.82
CA TYR G 642 -14.72 9.07 -26.68
C TYR G 642 -15.94 8.43 -27.35
N MET G 643 -15.69 7.48 -28.26
CA MET G 643 -16.75 6.80 -28.97
C MET G 643 -16.85 5.33 -28.58
N ALA G 644 -15.74 4.72 -28.17
CA ALA G 644 -15.79 3.33 -27.79
C ALA G 644 -14.55 2.82 -27.08
N TRP G 645 -14.75 1.80 -26.23
CA TRP G 645 -13.67 1.17 -25.45
C TRP G 645 -13.88 -0.31 -25.33
N VAL G 646 -13.25 -1.07 -26.21
CA VAL G 646 -13.39 -2.52 -26.19
C VAL G 646 -12.20 -3.23 -25.60
N HIS G 647 -12.16 -3.30 -24.27
CA HIS G 647 -11.10 -3.96 -23.56
C HIS G 647 -9.75 -3.31 -23.69
N ASP G 648 -8.92 -3.81 -24.60
CA ASP G 648 -7.58 -3.28 -24.79
C ASP G 648 -7.50 -2.16 -25.83
N GLU G 649 -8.64 -1.62 -26.26
CA GLU G 649 -8.57 -0.55 -27.24
C GLU G 649 -9.60 0.55 -27.08
N ILE G 650 -9.35 1.67 -27.74
CA ILE G 650 -10.28 2.78 -27.68
C ILE G 650 -10.29 3.51 -29.01
N GLN G 651 -11.49 3.94 -29.40
CA GLN G 651 -11.72 4.66 -30.64
C GLN G 651 -12.14 6.09 -30.34
N VAL G 652 -11.16 6.98 -30.27
CA VAL G 652 -11.43 8.38 -29.98
C VAL G 652 -11.72 9.16 -31.25
N GLY G 653 -12.65 10.11 -31.15
CA GLY G 653 -13.01 10.95 -32.28
C GLY G 653 -12.34 12.29 -32.12
N CYS G 654 -11.62 12.73 -33.15
CA CYS G 654 -10.92 14.00 -33.10
C CYS G 654 -11.44 14.96 -34.18
N ARG G 655 -11.59 16.23 -33.82
CA ARG G 655 -12.09 17.25 -34.76
C ARG G 655 -11.13 17.57 -35.89
N THR G 656 -9.83 17.42 -35.64
CA THR G 656 -8.81 17.67 -36.67
C THR G 656 -7.69 16.64 -36.58
N GLU G 657 -7.13 16.28 -37.73
CA GLU G 657 -6.05 15.30 -37.81
C GLU G 657 -4.96 15.65 -36.81
N GLU G 658 -4.76 16.95 -36.61
CA GLU G 658 -3.74 17.43 -35.68
C GLU G 658 -4.06 16.94 -34.28
N ILE G 659 -5.26 17.27 -33.79
CA ILE G 659 -5.70 16.83 -32.47
C ILE G 659 -5.56 15.31 -32.43
N ALA G 660 -6.05 14.67 -33.50
CA ALA G 660 -6.01 13.22 -33.64
C ALA G 660 -4.64 12.63 -33.33
N GLN G 661 -3.59 13.28 -33.85
CA GLN G 661 -2.25 12.78 -33.63
C GLN G 661 -1.79 12.98 -32.21
N VAL G 662 -2.30 14.01 -31.55
CA VAL G 662 -1.93 14.30 -30.16
C VAL G 662 -2.50 13.21 -29.26
N VAL G 663 -3.77 12.90 -29.49
CA VAL G 663 -4.44 11.88 -28.70
C VAL G 663 -3.62 10.59 -28.80
N ILE G 664 -3.30 10.20 -30.02
CA ILE G 664 -2.55 8.97 -30.23
C ILE G 664 -1.24 9.01 -29.45
N GLU G 665 -0.70 10.20 -29.25
CA GLU G 665 0.56 10.36 -28.51
C GLU G 665 0.25 10.51 -27.02
N THR G 666 -0.88 11.14 -26.72
CA THR G 666 -1.30 11.33 -25.32
C THR G 666 -1.63 9.97 -24.74
N ALA G 667 -2.23 9.14 -25.59
CA ALA G 667 -2.59 7.80 -25.22
C ALA G 667 -1.33 7.04 -24.83
N GLN G 668 -0.21 7.41 -25.44
CA GLN G 668 1.08 6.77 -25.16
C GLN G 668 1.56 7.05 -23.74
N GLU G 669 1.84 8.31 -23.46
CA GLU G 669 2.30 8.72 -22.14
C GLU G 669 1.47 8.07 -21.06
N ALA G 670 0.16 8.36 -21.08
CA ALA G 670 -0.81 7.83 -20.14
C ALA G 670 -0.52 6.38 -19.79
N MET G 671 -0.37 5.55 -20.82
CA MET G 671 -0.10 4.14 -20.64
C MET G 671 1.22 3.98 -19.87
N ARG G 672 2.28 4.60 -20.39
CA ARG G 672 3.58 4.54 -19.74
C ARG G 672 3.43 4.93 -18.27
N TRP G 673 2.65 5.97 -18.03
CA TRP G 673 2.37 6.47 -16.68
C TRP G 673 1.82 5.34 -15.84
N VAL G 674 0.71 4.79 -16.29
CA VAL G 674 0.07 3.71 -15.57
C VAL G 674 1.10 2.64 -15.23
N GLY G 675 2.18 2.59 -15.99
CA GLY G 675 3.22 1.63 -15.76
C GLY G 675 4.00 1.94 -14.49
N ASP G 676 4.62 3.11 -14.44
CA ASP G 676 5.37 3.45 -13.24
C ASP G 676 4.39 3.46 -12.09
N HIS G 677 3.23 4.03 -12.31
CA HIS G 677 2.23 4.09 -11.27
C HIS G 677 2.01 2.75 -10.55
N TRP G 678 1.99 1.64 -11.28
CA TRP G 678 1.78 0.38 -10.58
C TRP G 678 3.03 -0.48 -10.51
N ASN G 679 4.16 0.19 -10.69
CA ASN G 679 5.46 -0.46 -10.60
C ASN G 679 5.48 -1.69 -11.46
N PHE G 680 4.97 -1.56 -12.69
CA PHE G 680 4.96 -2.69 -13.61
C PHE G 680 6.42 -3.00 -13.95
N ARG G 681 6.73 -4.30 -14.03
CA ARG G 681 8.09 -4.75 -14.32
C ARG G 681 8.34 -4.93 -15.81
N CYS G 682 7.32 -4.67 -16.62
CA CYS G 682 7.43 -4.79 -18.07
C CYS G 682 6.89 -3.56 -18.75
N LEU G 683 7.76 -2.74 -19.33
CA LEU G 683 7.27 -1.53 -20.00
C LEU G 683 6.07 -1.88 -20.88
N LEU G 684 4.97 -1.16 -20.67
CA LEU G 684 3.74 -1.37 -21.42
C LEU G 684 3.72 -0.36 -22.55
N ASP G 685 2.95 -0.66 -23.59
CA ASP G 685 2.87 0.24 -24.74
C ASP G 685 1.51 0.23 -25.43
N THR G 686 1.41 1.05 -26.47
CA THR G 686 0.21 1.20 -27.28
C THR G 686 0.68 1.52 -28.69
N GLU G 687 -0.19 1.26 -29.67
CA GLU G 687 0.16 1.55 -31.06
C GLU G 687 -1.00 2.33 -31.65
N GLY G 688 -0.73 3.53 -32.11
CA GLY G 688 -1.81 4.33 -32.65
C GLY G 688 -2.03 4.19 -34.14
N LYS G 689 -3.19 4.66 -34.58
CA LYS G 689 -3.56 4.65 -35.98
C LYS G 689 -4.70 5.64 -36.17
N MET G 690 -4.55 6.48 -37.18
CA MET G 690 -5.54 7.51 -37.48
C MET G 690 -6.31 7.12 -38.74
N GLY G 691 -7.60 7.48 -38.77
CA GLY G 691 -8.43 7.15 -39.90
C GLY G 691 -9.84 7.71 -39.79
N PRO G 692 -10.72 7.40 -40.75
CA PRO G 692 -12.12 7.85 -40.79
C PRO G 692 -13.11 6.96 -40.06
N ASN G 693 -12.85 5.66 -40.02
CA ASN G 693 -13.75 4.72 -39.34
C ASN G 693 -13.04 3.54 -38.67
N TRP G 694 -13.76 2.87 -37.77
CA TRP G 694 -13.24 1.72 -37.02
C TRP G 694 -12.61 0.67 -37.91
N ALA G 695 -13.02 0.68 -39.18
CA ALA G 695 -12.55 -0.28 -40.17
C ALA G 695 -11.11 -0.09 -40.58
N ILE G 696 -10.73 1.17 -40.73
CA ILE G 696 -9.38 1.50 -41.16
C ILE G 696 -8.47 1.75 -39.98
N CYS G 697 -9.04 1.87 -38.79
CA CYS G 697 -8.24 2.09 -37.58
C CYS G 697 -7.92 0.76 -36.89
N HIS G 698 -7.98 -0.32 -37.66
CA HIS G 698 -7.70 -1.67 -37.15
C HIS G 698 -7.76 -2.69 -38.28
N LYS H 3 -50.81 -57.29 -56.03
CA LYS H 3 -52.18 -57.02 -55.52
C LYS H 3 -52.49 -55.52 -55.48
N ILE H 4 -51.89 -54.83 -54.51
CA ILE H 4 -52.08 -53.40 -54.33
C ILE H 4 -51.01 -52.55 -55.01
N ILE H 5 -51.46 -51.44 -55.62
CA ILE H 5 -50.59 -50.51 -56.32
C ILE H 5 -49.72 -49.65 -55.40
N HIS H 6 -48.46 -49.44 -55.80
CA HIS H 6 -47.52 -48.65 -55.01
C HIS H 6 -46.99 -47.45 -55.80
N LEU H 7 -47.83 -46.43 -55.89
CA LEU H 7 -47.55 -45.18 -56.61
C LEU H 7 -46.25 -44.49 -56.21
N THR H 8 -45.92 -43.45 -56.96
CA THR H 8 -44.74 -42.63 -56.69
C THR H 8 -45.05 -41.23 -57.22
N ASP H 9 -44.34 -40.22 -56.73
CA ASP H 9 -44.60 -38.86 -57.19
C ASP H 9 -44.71 -38.84 -58.71
N ASP H 10 -43.72 -39.41 -59.38
CA ASP H 10 -43.66 -39.46 -60.82
C ASP H 10 -44.72 -40.36 -61.46
N SER H 11 -45.06 -41.45 -60.79
CA SER H 11 -46.05 -42.37 -61.34
C SER H 11 -47.50 -41.97 -61.10
N PHE H 12 -47.76 -41.21 -60.04
CA PHE H 12 -49.11 -40.79 -59.67
C PHE H 12 -50.01 -40.40 -60.85
N ASP H 13 -49.58 -39.41 -61.62
CA ASP H 13 -50.35 -38.93 -62.76
C ASP H 13 -50.98 -40.05 -63.60
N THR H 14 -50.20 -40.61 -64.52
CA THR H 14 -50.67 -41.67 -65.42
C THR H 14 -51.06 -42.96 -64.74
N ASP H 15 -51.03 -43.01 -63.41
CA ASP H 15 -51.38 -44.25 -62.72
C ASP H 15 -52.70 -44.19 -61.95
N VAL H 16 -53.03 -43.01 -61.43
CA VAL H 16 -54.26 -42.82 -60.68
C VAL H 16 -55.14 -41.82 -61.41
N LEU H 17 -54.55 -40.69 -61.83
CA LEU H 17 -55.26 -39.63 -62.54
C LEU H 17 -55.96 -40.07 -63.83
N LYS H 18 -55.24 -40.81 -64.67
CA LYS H 18 -55.79 -41.27 -65.94
C LYS H 18 -56.24 -42.72 -65.90
N ALA H 19 -56.44 -43.26 -64.70
CA ALA H 19 -56.86 -44.64 -64.51
C ALA H 19 -58.21 -44.96 -65.13
N ASP H 20 -59.01 -43.93 -65.37
CA ASP H 20 -60.35 -44.09 -65.94
C ASP H 20 -61.25 -44.86 -64.98
N GLY H 21 -60.67 -45.82 -64.25
CA GLY H 21 -61.43 -46.59 -63.29
C GLY H 21 -61.45 -45.86 -61.96
N ALA H 22 -61.76 -46.54 -60.86
CA ALA H 22 -61.79 -45.90 -59.55
C ALA H 22 -60.60 -46.35 -58.71
N ILE H 23 -59.79 -45.39 -58.28
CA ILE H 23 -58.62 -45.69 -57.47
C ILE H 23 -58.76 -45.00 -56.12
N LEU H 24 -58.74 -45.79 -55.05
CA LEU H 24 -58.82 -45.26 -53.71
C LEU H 24 -57.37 -45.00 -53.24
N VAL H 25 -56.86 -43.80 -53.50
CA VAL H 25 -55.49 -43.44 -53.14
C VAL H 25 -55.34 -43.27 -51.62
N ASP H 26 -54.31 -43.90 -51.06
CA ASP H 26 -54.08 -43.79 -49.63
C ASP H 26 -52.73 -43.18 -49.26
N PHE H 27 -52.74 -41.91 -48.89
CA PHE H 27 -51.52 -41.24 -48.49
C PHE H 27 -51.17 -41.76 -47.09
N TRP H 28 -49.90 -42.07 -46.85
CA TRP H 28 -49.49 -42.62 -45.57
C TRP H 28 -48.05 -42.36 -45.17
N ALA H 29 -47.60 -43.08 -44.14
CA ALA H 29 -46.25 -42.94 -43.61
C ALA H 29 -46.03 -43.98 -42.52
N GLU H 30 -44.90 -44.69 -42.59
CA GLU H 30 -44.60 -45.74 -41.62
C GLU H 30 -44.53 -45.29 -40.17
N TRP H 31 -44.71 -43.99 -39.91
CA TRP H 31 -44.65 -43.51 -38.53
C TRP H 31 -46.00 -43.24 -37.91
N CYS H 32 -47.05 -43.28 -38.72
CA CYS H 32 -48.40 -43.05 -38.25
C CYS H 32 -49.04 -44.36 -37.84
N GLY H 33 -49.45 -44.45 -36.58
CA GLY H 33 -50.11 -45.66 -36.09
C GLY H 33 -51.31 -46.02 -36.94
N PRO H 34 -52.35 -45.15 -36.94
CA PRO H 34 -53.56 -45.36 -37.72
C PRO H 34 -53.27 -45.77 -39.17
N CYS H 35 -52.28 -45.14 -39.80
CA CYS H 35 -51.93 -45.49 -41.17
C CYS H 35 -51.59 -46.97 -41.26
N LYS H 36 -50.90 -47.46 -40.23
CA LYS H 36 -50.50 -48.85 -40.15
C LYS H 36 -51.72 -49.71 -39.86
N MET H 37 -52.72 -49.11 -39.24
CA MET H 37 -53.94 -49.82 -38.88
C MET H 37 -54.80 -50.05 -40.12
N ILE H 38 -55.23 -48.97 -40.77
CA ILE H 38 -56.04 -49.08 -41.98
C ILE H 38 -55.32 -49.93 -43.01
N ALA H 39 -54.00 -50.08 -42.86
CA ALA H 39 -53.21 -50.85 -43.81
C ALA H 39 -53.81 -52.21 -44.25
N PRO H 40 -53.82 -53.23 -43.36
CA PRO H 40 -54.37 -54.53 -43.77
C PRO H 40 -55.79 -54.47 -44.32
N ILE H 41 -56.57 -53.54 -43.76
CA ILE H 41 -57.96 -53.33 -44.18
C ILE H 41 -57.96 -53.14 -45.70
N LEU H 42 -57.27 -52.09 -46.13
CA LEU H 42 -57.15 -51.75 -47.54
C LEU H 42 -56.63 -52.91 -48.38
N ASP H 43 -55.73 -53.69 -47.80
CA ASP H 43 -55.16 -54.82 -48.52
C ASP H 43 -56.25 -55.81 -48.89
N GLU H 44 -57.07 -56.20 -47.93
CA GLU H 44 -58.17 -57.13 -48.18
C GLU H 44 -59.23 -56.45 -49.04
N ILE H 45 -59.36 -55.14 -48.89
CA ILE H 45 -60.34 -54.38 -49.66
C ILE H 45 -59.98 -54.48 -51.14
N ALA H 46 -58.69 -54.56 -51.40
CA ALA H 46 -58.19 -54.68 -52.76
C ALA H 46 -58.60 -55.99 -53.42
N ASP H 47 -58.52 -57.09 -52.67
CA ASP H 47 -58.89 -58.41 -53.20
C ASP H 47 -60.41 -58.60 -53.29
N GLU H 48 -61.11 -58.22 -52.23
CA GLU H 48 -62.57 -58.33 -52.17
C GLU H 48 -63.26 -57.31 -53.09
N TYR H 49 -62.49 -56.62 -53.92
CA TYR H 49 -63.04 -55.62 -54.83
C TYR H 49 -62.36 -55.62 -56.21
N GLN H 50 -61.51 -56.62 -56.45
CA GLN H 50 -60.81 -56.75 -57.72
C GLN H 50 -61.77 -56.62 -58.90
N GLY H 51 -61.36 -55.83 -59.90
CA GLY H 51 -62.21 -55.64 -61.07
C GLY H 51 -63.02 -54.36 -61.02
N LYS H 52 -63.68 -54.11 -59.89
CA LYS H 52 -64.49 -52.90 -59.73
C LYS H 52 -63.70 -51.74 -59.11
N LEU H 53 -62.76 -52.06 -58.23
CA LEU H 53 -61.94 -51.04 -57.55
C LEU H 53 -60.44 -51.30 -57.56
N THR H 54 -59.67 -50.24 -57.75
CA THR H 54 -58.21 -50.32 -57.76
C THR H 54 -57.64 -49.54 -56.56
N VAL H 55 -56.95 -50.26 -55.67
CA VAL H 55 -56.36 -49.67 -54.46
C VAL H 55 -54.89 -49.37 -54.65
N ALA H 56 -54.54 -48.09 -54.52
CA ALA H 56 -53.15 -47.66 -54.69
C ALA H 56 -52.67 -46.88 -53.48
N LYS H 57 -51.58 -47.35 -52.87
CA LYS H 57 -51.02 -46.68 -51.71
C LYS H 57 -49.86 -45.76 -52.15
N LEU H 58 -49.73 -44.64 -51.46
CA LEU H 58 -48.66 -43.70 -51.74
C LEU H 58 -48.15 -43.15 -50.43
N ASN H 59 -46.89 -43.43 -50.14
CA ASN H 59 -46.26 -42.94 -48.93
C ASN H 59 -45.91 -41.49 -49.20
N ILE H 60 -46.05 -40.61 -48.21
CA ILE H 60 -45.74 -39.19 -48.43
C ILE H 60 -44.40 -38.78 -47.80
N ASP H 61 -43.61 -39.76 -47.41
CA ASP H 61 -42.31 -39.46 -46.85
C ASP H 61 -41.33 -39.74 -47.98
N GLN H 62 -41.75 -40.65 -48.87
CA GLN H 62 -40.97 -41.04 -50.03
C GLN H 62 -41.36 -40.22 -51.24
N ASN H 63 -42.57 -39.65 -51.18
CA ASN H 63 -43.09 -38.84 -52.27
C ASN H 63 -43.75 -37.62 -51.66
N PRO H 64 -42.95 -36.60 -51.31
CA PRO H 64 -43.37 -35.35 -50.71
C PRO H 64 -44.02 -34.35 -51.66
N GLY H 65 -44.04 -34.65 -52.94
CA GLY H 65 -44.63 -33.72 -53.87
C GLY H 65 -46.12 -33.85 -54.09
N THR H 66 -46.55 -35.08 -54.33
CA THR H 66 -47.94 -35.38 -54.59
C THR H 66 -48.97 -34.86 -53.57
N ALA H 67 -48.96 -35.43 -52.37
CA ALA H 67 -49.90 -35.05 -51.31
C ALA H 67 -50.17 -33.56 -51.21
N PRO H 68 -49.13 -32.73 -51.05
CA PRO H 68 -49.33 -31.29 -50.95
C PRO H 68 -50.01 -30.74 -52.19
N LYS H 69 -51.30 -31.01 -52.33
CA LYS H 69 -52.07 -30.57 -53.49
C LYS H 69 -53.52 -30.90 -53.18
N TYR H 70 -53.70 -31.77 -52.21
CA TYR H 70 -55.02 -32.19 -51.77
C TYR H 70 -55.18 -31.72 -50.33
N GLY H 71 -54.51 -30.61 -50.04
CA GLY H 71 -54.55 -30.00 -48.71
C GLY H 71 -54.37 -30.99 -47.59
N ILE H 72 -53.70 -32.10 -47.88
CA ILE H 72 -53.46 -33.13 -46.88
C ILE H 72 -53.07 -32.51 -45.55
N ARG H 73 -53.89 -32.77 -44.53
CA ARG H 73 -53.65 -32.25 -43.19
C ARG H 73 -53.73 -33.39 -42.19
N GLY H 74 -54.05 -34.57 -42.68
CA GLY H 74 -54.13 -35.73 -41.81
C GLY H 74 -53.84 -37.05 -42.51
N ILE H 75 -53.71 -38.12 -41.74
CA ILE H 75 -53.46 -39.44 -42.32
C ILE H 75 -54.01 -40.53 -41.43
N PRO H 76 -54.45 -41.66 -42.03
CA PRO H 76 -54.44 -41.96 -43.46
C PRO H 76 -55.49 -41.25 -44.33
N THR H 77 -55.19 -40.06 -44.85
CA THR H 77 -56.16 -39.36 -45.69
C THR H 77 -56.50 -40.25 -46.88
N LEU H 78 -57.78 -40.55 -47.07
CA LEU H 78 -58.23 -41.41 -48.16
C LEU H 78 -59.03 -40.67 -49.22
N LEU H 79 -58.66 -40.87 -50.47
CA LEU H 79 -59.36 -40.25 -51.56
C LEU H 79 -59.78 -41.35 -52.52
N LEU H 80 -61.03 -41.30 -52.97
CA LEU H 80 -61.50 -42.28 -53.93
C LEU H 80 -61.52 -41.51 -55.25
N PHE H 81 -60.50 -41.73 -56.07
CA PHE H 81 -60.44 -41.04 -57.33
C PHE H 81 -61.39 -41.61 -58.37
N LYS H 82 -62.09 -40.73 -59.06
CA LYS H 82 -63.03 -41.15 -60.09
C LYS H 82 -62.92 -40.19 -61.28
N ASN H 83 -61.82 -40.33 -62.03
CA ASN H 83 -61.56 -39.52 -63.22
C ASN H 83 -61.06 -38.09 -62.99
N GLY H 84 -59.74 -37.94 -62.96
CA GLY H 84 -59.14 -36.63 -62.80
C GLY H 84 -59.26 -35.95 -61.45
N GLU H 85 -60.48 -35.84 -60.93
CA GLU H 85 -60.68 -35.18 -59.65
C GLU H 85 -61.02 -36.15 -58.51
N VAL H 86 -61.00 -35.62 -57.29
CA VAL H 86 -61.31 -36.41 -56.12
C VAL H 86 -62.81 -36.68 -56.07
N ALA H 87 -63.18 -37.93 -55.86
CA ALA H 87 -64.58 -38.27 -55.76
C ALA H 87 -65.04 -38.03 -54.33
N ALA H 88 -64.30 -38.59 -53.37
CA ALA H 88 -64.62 -38.44 -51.96
C ALA H 88 -63.37 -38.50 -51.09
N THR H 89 -63.39 -37.82 -49.95
CA THR H 89 -62.25 -37.84 -49.03
C THR H 89 -62.70 -38.25 -47.63
N LYS H 90 -61.83 -38.97 -46.92
CA LYS H 90 -62.11 -39.41 -45.57
C LYS H 90 -60.80 -39.71 -44.85
N VAL H 91 -60.63 -39.06 -43.71
CA VAL H 91 -59.41 -39.20 -42.92
C VAL H 91 -59.57 -40.11 -41.70
N GLY H 92 -58.84 -41.24 -41.68
CA GLY H 92 -58.93 -42.14 -40.55
C GLY H 92 -58.85 -43.63 -40.86
N ALA H 93 -58.89 -44.46 -39.82
CA ALA H 93 -58.82 -45.92 -40.03
C ALA H 93 -60.18 -46.59 -40.01
N LEU H 94 -60.92 -46.41 -41.09
CA LEU H 94 -62.24 -47.01 -41.23
C LEU H 94 -62.14 -48.54 -41.13
N SER H 95 -63.09 -49.14 -40.41
CA SER H 95 -63.11 -50.60 -40.20
C SER H 95 -63.23 -51.43 -41.47
N LYS H 96 -62.86 -52.70 -41.38
CA LYS H 96 -62.92 -53.61 -42.51
C LYS H 96 -64.34 -53.58 -43.06
N GLY H 97 -65.26 -53.08 -42.23
CA GLY H 97 -66.65 -52.99 -42.61
C GLY H 97 -67.05 -51.54 -42.88
N GLN H 98 -66.47 -50.63 -42.12
CA GLN H 98 -66.76 -49.21 -42.29
C GLN H 98 -66.31 -48.75 -43.68
N LEU H 99 -65.17 -49.27 -44.12
CA LEU H 99 -64.60 -48.92 -45.40
C LEU H 99 -65.47 -49.46 -46.50
N LYS H 100 -65.94 -50.69 -46.32
CA LYS H 100 -66.78 -51.34 -47.31
C LYS H 100 -68.09 -50.58 -47.46
N GLU H 101 -68.40 -49.75 -46.47
CA GLU H 101 -69.61 -48.93 -46.48
C GLU H 101 -69.36 -47.57 -47.10
N PHE H 102 -68.18 -47.00 -46.83
CA PHE H 102 -67.82 -45.70 -47.38
C PHE H 102 -67.56 -45.89 -48.87
N LEU H 103 -67.06 -47.06 -49.24
CA LEU H 103 -66.79 -47.34 -50.64
C LEU H 103 -68.11 -47.53 -51.41
N ASP H 104 -68.75 -48.68 -51.21
CA ASP H 104 -70.01 -49.01 -51.89
C ASP H 104 -70.96 -47.83 -52.10
N ALA H 105 -71.12 -47.01 -51.06
CA ALA H 105 -71.99 -45.84 -51.11
C ALA H 105 -71.45 -44.84 -52.12
N ASN H 106 -70.35 -45.18 -52.75
CA ASN H 106 -69.70 -44.34 -53.76
C ASN H 106 -69.33 -45.20 -54.96
N LEU H 107 -69.12 -46.49 -54.70
CA LEU H 107 -68.77 -47.45 -55.74
C LEU H 107 -69.95 -48.36 -56.10
#